data_1TWL
# 
_entry.id   1TWL 
# 
_audit_conform.dict_name       mmcif_pdbx.dic 
_audit_conform.dict_version    5.376 
_audit_conform.dict_location   http://mmcif.pdb.org/dictionaries/ascii/mmcif_pdbx.dic 
# 
loop_
_database_2.database_id 
_database_2.database_code 
_database_2.pdbx_database_accession 
_database_2.pdbx_DOI 
PDB   1TWL         pdb_00001twl 10.2210/pdb1twl/pdb 
RCSB  RCSB022974   ?            ?                   
WWPDB D_1000022974 ?            ?                   
# 
_pdbx_database_related.db_name        TargetDB 
_pdbx_database_related.db_id          Pfu-264096-001 
_pdbx_database_related.details        . 
_pdbx_database_related.content_type   unspecified 
# 
_pdbx_database_status.entry_id                        1TWL 
_pdbx_database_status.deposit_site                    RCSB 
_pdbx_database_status.process_site                    RCSB 
_pdbx_database_status.recvd_initial_deposition_date   2004-07-01 
_pdbx_database_status.status_code                     REL 
_pdbx_database_status.SG_entry                        Y 
_pdbx_database_status.status_code_sf                  REL 
_pdbx_database_status.status_code_mr                  ? 
_pdbx_database_status.pdb_format_compatible           Y 
_pdbx_database_status.status_code_cs                  ? 
_pdbx_database_status.methods_development_category    ? 
_pdbx_database_status.status_code_nmr_data            ? 
# 
loop_
_audit_author.name 
_audit_author.pdbx_ordinal 
'Zhou, W.'                                                1  
'Tempel, W.'                                              2  
'Liu, Z.-J.'                                              3  
'Chen, L.'                                                4  
'Clancy Kelley, L.-L.'                                    5  
'Dillard, B.D.'                                           6  
'Hopkins, R.C.'                                           7  
'Arendall III, W.B.'                                      8  
'Rose, J.P.'                                              9  
'Eneh, J.C.'                                              10 
'Hopkins, R.C.'                                           11 
'Jenney Jr., F.E.'                                        12 
'Lee, H.S.'                                               13 
'Li, T.'                                                  14 
'Poole II, F.L.'                                          15 
'Shah, C.'                                                16 
'Sugar, F.J.'                                             17 
'Adams, M.W.W.'                                           18 
'Richardson, J.S.'                                        19 
'Richardson, D.C.'                                        20 
'Wang, B.-C.'                                             21 
'Southeast Collaboratory for Structural Genomics (SECSG)' 22 
# 
_citation.id                        primary 
_citation.title                     'Inorganic pyrophosphatase from Pyrococcus furiosus Pfu-264096-001' 
_citation.journal_abbrev            'To be published' 
_citation.journal_volume            ? 
_citation.page_first                ? 
_citation.page_last                 ? 
_citation.year                      ? 
_citation.journal_id_ASTM           ? 
_citation.country                   ? 
_citation.journal_id_ISSN           ? 
_citation.journal_id_CSD            0353 
_citation.book_publisher            ? 
_citation.pdbx_database_id_PubMed   ? 
_citation.pdbx_database_id_DOI      ? 
# 
loop_
_citation_author.citation_id 
_citation_author.name 
_citation_author.ordinal 
_citation_author.identifier_ORCID 
primary 'Zhou, W.'                                        1  ? 
primary 'Tempel, W.'                                      2  ? 
primary 'Liu, Z.-J.'                                      3  ? 
primary 'Chen, L.'                                        4  ? 
primary 'Clancy Kelley, L.-L.'                            5  ? 
primary 'Dillard, B.D.'                                   6  ? 
primary 'Hopkins, R.C.'                                   7  ? 
primary 'Arendall III, W.B.'                              8  ? 
primary 'Rose, J.P.'                                      9  ? 
primary 'ENEH, J.C.'                                      10 ? 
primary 'HOPKINS, R.C.'                                   11 ? 
primary 'JENNEY JR., F.E.'                                12 ? 
primary 'LEE, H.S.'                                       13 ? 
primary 'LI, T.'                                          14 ? 
primary 'POOLE II, F.L.'                                  15 ? 
primary 'SHAH, C.'                                        16 ? 
primary 'SUGAR, F.J.'                                     17 ? 
primary 'ADAMS, M.W.W.'                                   18 ? 
primary 'Richardson, J.S.'                                19 ? 
primary 'Richardson, D.C.'                                20 ? 
primary 'Wang, B.-C.'                                     21 ? 
primary 'Southeast Collaboratory for Structural Genomics' 22 ? 
# 
_cell.length_a           113.434 
_cell.length_b           113.434 
_cell.length_c           73.313 
_cell.angle_alpha        90.00 
_cell.angle_beta         90.00 
_cell.angle_gamma        120.00 
_cell.entry_id           1TWL 
_cell.pdbx_unique_axis   ? 
_cell.Z_PDB              18 
# 
_symmetry.space_group_name_H-M             'H 3 2' 
_symmetry.Int_Tables_number                155 
_symmetry.entry_id                         1TWL 
_symmetry.pdbx_full_space_group_name_H-M   ? 
_symmetry.cell_setting                     ? 
_symmetry.space_group_name_Hall            ? 
# 
loop_
_entity.id 
_entity.type 
_entity.src_method 
_entity.pdbx_description 
_entity.formula_weight 
_entity.pdbx_number_of_molecules 
_entity.pdbx_ec 
_entity.pdbx_mutation 
_entity.pdbx_fragment 
_entity.details 
1 polymer man 'Inorganic pyrophosphatase' 21855.035 1  3.6.1.1 ? ? ? 
2 water   nat water                       18.015    35 ?       ? ? ? 
# 
_entity_name_com.entity_id   1 
_entity_name_com.name        'Pyrophosphate phospho-hydrolase, PPase' 
# 
_entity_poly.entity_id                      1 
_entity_poly.type                           'polypeptide(L)' 
_entity_poly.nstd_linkage                   no 
_entity_poly.nstd_monomer                   no 
_entity_poly.pdbx_seq_one_letter_code       
;AHHHHHHGSNPFHDLEPGPDVPEVVYAIIEIPKGSRNKYELDKKTGLLKLDRVLYSPFFYPVDYGIIPRTWYEDDDPFDI
MVIMREPVYPLTIIEARPIGLFKMIDSGDKDYKVLAVPVEDPYFKDWKDIDDVPKAFLDEIAHFFKRYKELQGKEIIVEG
WEGAEAAKREILRAIEMYKEKFGKKE
;
_entity_poly.pdbx_seq_one_letter_code_can   
;AHHHHHHGSNPFHDLEPGPDVPEVVYAIIEIPKGSRNKYELDKKTGLLKLDRVLYSPFFYPVDYGIIPRTWYEDDDPFDI
MVIMREPVYPLTIIEARPIGLFKMIDSGDKDYKVLAVPVEDPYFKDWKDIDDVPKAFLDEIAHFFKRYKELQGKEIIVEG
WEGAEAAKREILRAIEMYKEKFGKKE
;
_entity_poly.pdbx_strand_id                 A 
_entity_poly.pdbx_target_identifier         Pfu-264096-001 
# 
loop_
_entity_poly_seq.entity_id 
_entity_poly_seq.num 
_entity_poly_seq.mon_id 
_entity_poly_seq.hetero 
1 1   ALA n 
1 2   HIS n 
1 3   HIS n 
1 4   HIS n 
1 5   HIS n 
1 6   HIS n 
1 7   HIS n 
1 8   GLY n 
1 9   SER n 
1 10  ASN n 
1 11  PRO n 
1 12  PHE n 
1 13  HIS n 
1 14  ASP n 
1 15  LEU n 
1 16  GLU n 
1 17  PRO n 
1 18  GLY n 
1 19  PRO n 
1 20  ASP n 
1 21  VAL n 
1 22  PRO n 
1 23  GLU n 
1 24  VAL n 
1 25  VAL n 
1 26  TYR n 
1 27  ALA n 
1 28  ILE n 
1 29  ILE n 
1 30  GLU n 
1 31  ILE n 
1 32  PRO n 
1 33  LYS n 
1 34  GLY n 
1 35  SER n 
1 36  ARG n 
1 37  ASN n 
1 38  LYS n 
1 39  TYR n 
1 40  GLU n 
1 41  LEU n 
1 42  ASP n 
1 43  LYS n 
1 44  LYS n 
1 45  THR n 
1 46  GLY n 
1 47  LEU n 
1 48  LEU n 
1 49  LYS n 
1 50  LEU n 
1 51  ASP n 
1 52  ARG n 
1 53  VAL n 
1 54  LEU n 
1 55  TYR n 
1 56  SER n 
1 57  PRO n 
1 58  PHE n 
1 59  PHE n 
1 60  TYR n 
1 61  PRO n 
1 62  VAL n 
1 63  ASP n 
1 64  TYR n 
1 65  GLY n 
1 66  ILE n 
1 67  ILE n 
1 68  PRO n 
1 69  ARG n 
1 70  THR n 
1 71  TRP n 
1 72  TYR n 
1 73  GLU n 
1 74  ASP n 
1 75  ASP n 
1 76  ASP n 
1 77  PRO n 
1 78  PHE n 
1 79  ASP n 
1 80  ILE n 
1 81  MET n 
1 82  VAL n 
1 83  ILE n 
1 84  MET n 
1 85  ARG n 
1 86  GLU n 
1 87  PRO n 
1 88  VAL n 
1 89  TYR n 
1 90  PRO n 
1 91  LEU n 
1 92  THR n 
1 93  ILE n 
1 94  ILE n 
1 95  GLU n 
1 96  ALA n 
1 97  ARG n 
1 98  PRO n 
1 99  ILE n 
1 100 GLY n 
1 101 LEU n 
1 102 PHE n 
1 103 LYS n 
1 104 MET n 
1 105 ILE n 
1 106 ASP n 
1 107 SER n 
1 108 GLY n 
1 109 ASP n 
1 110 LYS n 
1 111 ASP n 
1 112 TYR n 
1 113 LYS n 
1 114 VAL n 
1 115 LEU n 
1 116 ALA n 
1 117 VAL n 
1 118 PRO n 
1 119 VAL n 
1 120 GLU n 
1 121 ASP n 
1 122 PRO n 
1 123 TYR n 
1 124 PHE n 
1 125 LYS n 
1 126 ASP n 
1 127 TRP n 
1 128 LYS n 
1 129 ASP n 
1 130 ILE n 
1 131 ASP n 
1 132 ASP n 
1 133 VAL n 
1 134 PRO n 
1 135 LYS n 
1 136 ALA n 
1 137 PHE n 
1 138 LEU n 
1 139 ASP n 
1 140 GLU n 
1 141 ILE n 
1 142 ALA n 
1 143 HIS n 
1 144 PHE n 
1 145 PHE n 
1 146 LYS n 
1 147 ARG n 
1 148 TYR n 
1 149 LYS n 
1 150 GLU n 
1 151 LEU n 
1 152 GLN n 
1 153 GLY n 
1 154 LYS n 
1 155 GLU n 
1 156 ILE n 
1 157 ILE n 
1 158 VAL n 
1 159 GLU n 
1 160 GLY n 
1 161 TRP n 
1 162 GLU n 
1 163 GLY n 
1 164 ALA n 
1 165 GLU n 
1 166 ALA n 
1 167 ALA n 
1 168 LYS n 
1 169 ARG n 
1 170 GLU n 
1 171 ILE n 
1 172 LEU n 
1 173 ARG n 
1 174 ALA n 
1 175 ILE n 
1 176 GLU n 
1 177 MET n 
1 178 TYR n 
1 179 LYS n 
1 180 GLU n 
1 181 LYS n 
1 182 PHE n 
1 183 GLY n 
1 184 LYS n 
1 185 LYS n 
1 186 GLU n 
# 
_entity_src_gen.entity_id                          1 
_entity_src_gen.pdbx_src_id                        1 
_entity_src_gen.pdbx_alt_source_flag               sample 
_entity_src_gen.pdbx_seq_type                      ? 
_entity_src_gen.pdbx_beg_seq_num                   ? 
_entity_src_gen.pdbx_end_seq_num                   ? 
_entity_src_gen.gene_src_common_name               ? 
_entity_src_gen.gene_src_genus                     Pyrococcus 
_entity_src_gen.pdbx_gene_src_gene                 'PPA, PF0257' 
_entity_src_gen.gene_src_species                   ? 
_entity_src_gen.gene_src_strain                    ? 
_entity_src_gen.gene_src_tissue                    ? 
_entity_src_gen.gene_src_tissue_fraction           ? 
_entity_src_gen.gene_src_details                   ? 
_entity_src_gen.pdbx_gene_src_fragment             ? 
_entity_src_gen.pdbx_gene_src_scientific_name      'Pyrococcus furiosus' 
_entity_src_gen.pdbx_gene_src_ncbi_taxonomy_id     2261 
_entity_src_gen.pdbx_gene_src_variant              ? 
_entity_src_gen.pdbx_gene_src_cell_line            ? 
_entity_src_gen.pdbx_gene_src_atcc                 ? 
_entity_src_gen.pdbx_gene_src_organ                ? 
_entity_src_gen.pdbx_gene_src_organelle            ? 
_entity_src_gen.pdbx_gene_src_cell                 ? 
_entity_src_gen.pdbx_gene_src_cellular_location    ? 
_entity_src_gen.host_org_common_name               ? 
_entity_src_gen.pdbx_host_org_scientific_name      'Escherichia coli' 
_entity_src_gen.pdbx_host_org_ncbi_taxonomy_id     562 
_entity_src_gen.host_org_genus                     Escherichia 
_entity_src_gen.pdbx_host_org_gene                 ? 
_entity_src_gen.pdbx_host_org_organ                ? 
_entity_src_gen.host_org_species                   ? 
_entity_src_gen.pdbx_host_org_tissue               ? 
_entity_src_gen.pdbx_host_org_tissue_fraction      ? 
_entity_src_gen.pdbx_host_org_strain               ? 
_entity_src_gen.pdbx_host_org_variant              ? 
_entity_src_gen.pdbx_host_org_cell_line            ? 
_entity_src_gen.pdbx_host_org_atcc                 ? 
_entity_src_gen.pdbx_host_org_culture_collection   ? 
_entity_src_gen.pdbx_host_org_cell                 ? 
_entity_src_gen.pdbx_host_org_organelle            ? 
_entity_src_gen.pdbx_host_org_cellular_location    ? 
_entity_src_gen.pdbx_host_org_vector_type          ? 
_entity_src_gen.pdbx_host_org_vector               ? 
_entity_src_gen.host_org_details                   ? 
_entity_src_gen.expression_system_id               ? 
_entity_src_gen.plasmid_name                       ? 
_entity_src_gen.plasmid_details                    ? 
_entity_src_gen.pdbx_description                   ? 
# 
_struct_ref.id                         1 
_struct_ref.db_name                    UNP 
_struct_ref.db_code                    IPYR_PYRFU 
_struct_ref.pdbx_db_accession          Q8U438 
_struct_ref.entity_id                  1 
_struct_ref.pdbx_seq_one_letter_code   
;NPFHDLEPGPDVPEVVYAIIEIPKGSRNKYELDKKTGLLKLDRVLYSPFFYPVDYGIIPRTWYEDDDPFDIMVIMREPVY
PLTIIEARPIGLFKMIDSGDKDYKVLAVPVEDPYFKDWKDIDDVPKAFLDEIAHFFKRYKELQGKEIIVEGWEGAEAAKR
EILRAIEMYKEKFGKKE
;
_struct_ref.pdbx_align_begin           2 
_struct_ref.pdbx_db_isoform            ? 
# 
_struct_ref_seq.align_id                      1 
_struct_ref_seq.ref_id                        1 
_struct_ref_seq.pdbx_PDB_id_code              1TWL 
_struct_ref_seq.pdbx_strand_id                A 
_struct_ref_seq.seq_align_beg                 10 
_struct_ref_seq.pdbx_seq_align_beg_ins_code   ? 
_struct_ref_seq.seq_align_end                 186 
_struct_ref_seq.pdbx_seq_align_end_ins_code   ? 
_struct_ref_seq.pdbx_db_accession             Q8U438 
_struct_ref_seq.db_align_beg                  2 
_struct_ref_seq.pdbx_db_align_beg_ins_code    ? 
_struct_ref_seq.db_align_end                  178 
_struct_ref_seq.pdbx_db_align_end_ins_code    ? 
_struct_ref_seq.pdbx_auth_seq_align_beg       2 
_struct_ref_seq.pdbx_auth_seq_align_end       178 
# 
loop_
_struct_ref_seq_dif.align_id 
_struct_ref_seq_dif.pdbx_pdb_id_code 
_struct_ref_seq_dif.mon_id 
_struct_ref_seq_dif.pdbx_pdb_strand_id 
_struct_ref_seq_dif.seq_num 
_struct_ref_seq_dif.pdbx_pdb_ins_code 
_struct_ref_seq_dif.pdbx_seq_db_name 
_struct_ref_seq_dif.pdbx_seq_db_accession_code 
_struct_ref_seq_dif.db_mon_id 
_struct_ref_seq_dif.pdbx_seq_db_seq_num 
_struct_ref_seq_dif.details 
_struct_ref_seq_dif.pdbx_auth_seq_num 
_struct_ref_seq_dif.pdbx_ordinal 
1 1TWL ALA A 1 ? UNP Q8U438 ? ? 'expression tag' -7 1 
1 1TWL HIS A 2 ? UNP Q8U438 ? ? 'expression tag' -6 2 
1 1TWL HIS A 3 ? UNP Q8U438 ? ? 'expression tag' -5 3 
1 1TWL HIS A 4 ? UNP Q8U438 ? ? 'expression tag' -4 4 
1 1TWL HIS A 5 ? UNP Q8U438 ? ? 'expression tag' -3 5 
1 1TWL HIS A 6 ? UNP Q8U438 ? ? 'expression tag' -2 6 
1 1TWL HIS A 7 ? UNP Q8U438 ? ? 'expression tag' -1 7 
1 1TWL GLY A 8 ? UNP Q8U438 ? ? 'expression tag' 0  8 
1 1TWL SER A 9 ? UNP Q8U438 ? ? 'expression tag' 1  9 
# 
loop_
_chem_comp.id 
_chem_comp.type 
_chem_comp.mon_nstd_flag 
_chem_comp.name 
_chem_comp.pdbx_synonyms 
_chem_comp.formula 
_chem_comp.formula_weight 
ALA 'L-peptide linking' y ALANINE         ? 'C3 H7 N O2'     89.093  
ARG 'L-peptide linking' y ARGININE        ? 'C6 H15 N4 O2 1' 175.209 
ASN 'L-peptide linking' y ASPARAGINE      ? 'C4 H8 N2 O3'    132.118 
ASP 'L-peptide linking' y 'ASPARTIC ACID' ? 'C4 H7 N O4'     133.103 
GLN 'L-peptide linking' y GLUTAMINE       ? 'C5 H10 N2 O3'   146.144 
GLU 'L-peptide linking' y 'GLUTAMIC ACID' ? 'C5 H9 N O4'     147.129 
GLY 'peptide linking'   y GLYCINE         ? 'C2 H5 N O2'     75.067  
HIS 'L-peptide linking' y HISTIDINE       ? 'C6 H10 N3 O2 1' 156.162 
HOH non-polymer         . WATER           ? 'H2 O'           18.015  
ILE 'L-peptide linking' y ISOLEUCINE      ? 'C6 H13 N O2'    131.173 
LEU 'L-peptide linking' y LEUCINE         ? 'C6 H13 N O2'    131.173 
LYS 'L-peptide linking' y LYSINE          ? 'C6 H15 N2 O2 1' 147.195 
MET 'L-peptide linking' y METHIONINE      ? 'C5 H11 N O2 S'  149.211 
PHE 'L-peptide linking' y PHENYLALANINE   ? 'C9 H11 N O2'    165.189 
PRO 'L-peptide linking' y PROLINE         ? 'C5 H9 N O2'     115.130 
SER 'L-peptide linking' y SERINE          ? 'C3 H7 N O3'     105.093 
THR 'L-peptide linking' y THREONINE       ? 'C4 H9 N O3'     119.119 
TRP 'L-peptide linking' y TRYPTOPHAN      ? 'C11 H12 N2 O2'  204.225 
TYR 'L-peptide linking' y TYROSINE        ? 'C9 H11 N O3'    181.189 
VAL 'L-peptide linking' y VALINE          ? 'C5 H11 N O2'    117.146 
# 
_exptl.crystals_number   1 
_exptl.method            'X-RAY DIFFRACTION' 
_exptl.entry_id          1TWL 
# 
_exptl_crystal.id                    1 
_exptl_crystal.density_meas          ? 
_exptl_crystal.density_percent_sol   40.73 
_exptl_crystal.density_Matthews      2.08 
_exptl_crystal.description           ? 
_exptl_crystal.F_000                 ? 
_exptl_crystal.preparation           ? 
# 
_exptl_crystal_grow.crystal_id      1 
_exptl_crystal_grow.method          ? 
_exptl_crystal_grow.pH              8.6 
_exptl_crystal_grow.temp            291 
_exptl_crystal_grow.pdbx_details    '1.5M K2HPO4, 0.1M TRIS-HCL, pH 8.6, modified microbatch, temperature 291K' 
_exptl_crystal_grow.temp_details    ? 
_exptl_crystal_grow.pdbx_pH_range   . 
# 
_diffrn.id                     1 
_diffrn.ambient_temp           100 
_diffrn.ambient_temp_details   ? 
_diffrn.crystal_id             1 
# 
_diffrn_detector.diffrn_id              1 
_diffrn_detector.detector               CCD 
_diffrn_detector.type                   'MARMOSAIC 225 mm CCD' 
_diffrn_detector.pdbx_collection_date   2004-06-03 
_diffrn_detector.details                ? 
# 
_diffrn_radiation.diffrn_id                        1 
_diffrn_radiation.pdbx_diffrn_protocol             'SINGLE WAVELENGTH' 
_diffrn_radiation.monochromator                    ? 
_diffrn_radiation.wavelength_id                    1 
_diffrn_radiation.pdbx_monochromatic_or_laue_m_l   M 
_diffrn_radiation.pdbx_scattering_type             x-ray 
# 
_diffrn_radiation_wavelength.id           1 
_diffrn_radiation_wavelength.wavelength   1.000 
_diffrn_radiation_wavelength.wt           1.0 
# 
_diffrn_source.diffrn_id                   1 
_diffrn_source.source                      SYNCHROTRON 
_diffrn_source.type                        'APS BEAMLINE 22-ID' 
_diffrn_source.pdbx_wavelength_list        1.000 
_diffrn_source.pdbx_wavelength             ? 
_diffrn_source.pdbx_synchrotron_site       APS 
_diffrn_source.pdbx_synchrotron_beamline   22-ID 
# 
_reflns.d_resolution_low             30.00 
_reflns.d_resolution_high            2.20 
_reflns.number_obs                   9314 
_reflns.percent_possible_obs         100.000 
_reflns.pdbx_Rmerge_I_obs            0.082 
_reflns.entry_id                     1TWL 
_reflns.observed_criterion_sigma_F   ? 
_reflns.observed_criterion_sigma_I   ? 
_reflns.number_all                   ? 
_reflns.pdbx_Rsym_value              ? 
_reflns.pdbx_netI_over_sigmaI        ? 
_reflns.B_iso_Wilson_estimate        ? 
_reflns.pdbx_redundancy              ? 
_reflns.R_free_details               ? 
_reflns.limit_h_max                  ? 
_reflns.limit_h_min                  ? 
_reflns.limit_k_max                  ? 
_reflns.limit_k_min                  ? 
_reflns.limit_l_max                  ? 
_reflns.limit_l_min                  ? 
_reflns.observed_criterion_F_max     ? 
_reflns.observed_criterion_F_min     ? 
_reflns.pdbx_chi_squared             ? 
_reflns.pdbx_scaling_rejects         ? 
_reflns.pdbx_ordinal                 1 
_reflns.pdbx_diffrn_id               1 
# 
loop_
_reflns_shell.d_res_low 
_reflns_shell.d_res_high 
_reflns_shell.percent_possible_all 
_reflns_shell.Rmerge_I_obs 
_reflns_shell.number_unique_all 
_reflns_shell.meanI_over_sigI_obs 
_reflns_shell.pdbx_Rsym_value 
_reflns_shell.percent_possible_obs 
_reflns_shell.pdbx_redundancy 
_reflns_shell.number_measured_all 
_reflns_shell.number_measured_obs 
_reflns_shell.number_unique_obs 
_reflns_shell.pdbx_chi_squared 
_reflns_shell.pdbx_ordinal 
_reflns_shell.pdbx_diffrn_id 
2.28  2.20 99.700  0.381 ? ? ? ? ? ? ? ? ? 1  1 
2.37  2.28 100.000 0.323 ? ? ? ? ? ? ? ? ? 2  1 
2.48  2.37 100.000 0.264 ? ? ? ? ? ? ? ? ? 3  1 
2.61  2.48 100.000 0.206 ? ? ? ? ? ? ? ? ? 4  1 
2.77  2.61 100.000 0.165 ? ? ? ? ? ? ? ? ? 5  1 
2.99  2.77 100.000 0.109 ? ? ? ? ? ? ? ? ? 6  1 
3.29  2.99 100.000 0.075 ? ? ? ? ? ? ? ? ? 7  1 
3.76  3.29 100.000 0.063 ? ? ? ? ? ? ? ? ? 8  1 
4.73  3.76 100.000 0.056 ? ? ? ? ? ? ? ? ? 9  1 
30.00 4.73 100.000 0.052 ? ? ? ? ? ? ? ? ? 10 1 
# 
_refine.details                                  'HYDROGENS HAVE BEEN ADDED IN THE RIDING POSITIONS' 
_refine.B_iso_mean                               28.670 
_refine.aniso_B[1][1]                            -0.024 
_refine.aniso_B[2][2]                            -0.024 
_refine.aniso_B[3][3]                            0.036 
_refine.aniso_B[1][2]                            -0.012 
_refine.aniso_B[1][3]                            0.000 
_refine.aniso_B[2][3]                            0.000 
_refine.solvent_model_details                    'MASK BULK SOLVENT' 
_refine.pdbx_solvent_vdw_probe_radii             1.200 
_refine.pdbx_solvent_ion_probe_radii             0.800 
_refine.ls_d_res_high                            2.201 
_refine.ls_d_res_low                             29.361 
_refine.ls_number_reflns_R_free                  447 
_refine.ls_number_reflns_obs                     9313 
_refine.ls_R_factor_R_work                       0.1936 
_refine.ls_R_factor_obs                          0.19657 
_refine.ls_R_factor_R_free                       0.2574 
_refine.ls_R_factor_all                          0.197 
_refine.ls_percent_reflns_obs                    99.903 
_refine.ls_percent_reflns_R_free                 4.800 
_refine.correlation_coeff_Fo_to_Fc               0.945 
_refine.correlation_coeff_Fo_to_Fc_free          0.925 
_refine.pdbx_overall_ESU_R_Free                  0.230 
_refine.pdbx_ls_cross_valid_method               THROUGHOUT 
_refine.pdbx_R_Free_selection_details            RANDOM 
_refine.overall_SU_R_Cruickshank_DPI             0.286 
_refine.overall_SU_ML                            0.159 
_refine.overall_SU_B                             6.223 
_refine.pdbx_solvent_shrinkage_radii             0.800 
_refine.entry_id                                 1TWL 
_refine.pdbx_ls_sigma_F                          ? 
_refine.pdbx_ls_sigma_I                          ? 
_refine.ls_number_reflns_all                     ? 
_refine.ls_redundancy_reflns_obs                 ? 
_refine.pdbx_data_cutoff_high_absF               ? 
_refine.pdbx_data_cutoff_low_absF                ? 
_refine.ls_number_parameters                     ? 
_refine.ls_number_restraints                     ? 
_refine.ls_R_factor_R_free_error                 ? 
_refine.ls_R_factor_R_free_error_details         ? 
_refine.pdbx_method_to_determine_struct          'MOLECULAR REPLACEMENT' 
_refine.pdbx_starting_model                      'PDB ENTRY 1UDE' 
_refine.pdbx_stereochem_target_val_spec_case     ? 
_refine.pdbx_stereochemistry_target_values       ? 
_refine.solvent_model_param_bsol                 ? 
_refine.solvent_model_param_ksol                 ? 
_refine.occupancy_max                            ? 
_refine.occupancy_min                            ? 
_refine.pdbx_isotropic_thermal_model             ? 
_refine.B_iso_min                                ? 
_refine.B_iso_max                                ? 
_refine.overall_SU_R_free                        ? 
_refine.pdbx_overall_ESU_R                       0.286 
_refine.pdbx_data_cutoff_high_rms_absF           ? 
_refine.ls_wR_factor_R_free                      ? 
_refine.ls_wR_factor_R_work                      ? 
_refine.overall_FOM_free_R_set                   ? 
_refine.overall_FOM_work_R_set                   ? 
_refine.pdbx_refine_id                           'X-RAY DIFFRACTION' 
_refine.pdbx_diffrn_id                           1 
_refine.pdbx_TLS_residual_ADP_flag               ? 
_refine.pdbx_overall_phase_error                 ? 
_refine.pdbx_overall_SU_R_free_Cruickshank_DPI   ? 
_refine.pdbx_overall_SU_R_Blow_DPI               ? 
_refine.pdbx_overall_SU_R_free_Blow_DPI          ? 
# 
_refine_hist.pdbx_refine_id                   'X-RAY DIFFRACTION' 
_refine_hist.cycle_id                         LAST 
_refine_hist.pdbx_number_atoms_protein        1370 
_refine_hist.pdbx_number_atoms_nucleic_acid   0 
_refine_hist.pdbx_number_atoms_ligand         0 
_refine_hist.number_atoms_solvent             35 
_refine_hist.number_atoms_total               1405 
_refine_hist.d_res_high                       2.201 
_refine_hist.d_res_low                        29.361 
# 
loop_
_refine_ls_restr.type 
_refine_ls_restr.number 
_refine_ls_restr.dev_ideal 
_refine_ls_restr.dev_ideal_target 
_refine_ls_restr.weight 
_refine_ls_restr.pdbx_refine_id 
_refine_ls_restr.pdbx_restraint_function 
r_bond_refined_d         1417 0.016  0.022  ? 'X-RAY DIFFRACTION' ? 
r_bond_other_d           1298 0.002  0.020  ? 'X-RAY DIFFRACTION' ? 
r_angle_refined_deg      1928 1.311  1.960  ? 'X-RAY DIFFRACTION' ? 
r_angle_other_deg        3001 0.795  3.000  ? 'X-RAY DIFFRACTION' ? 
r_dihedral_angle_1_deg   170  6.324  5.000  ? 'X-RAY DIFFRACTION' ? 
r_dihedral_angle_2_deg   62   37.515 23.226 ? 'X-RAY DIFFRACTION' ? 
r_dihedral_angle_3_deg   225  13.961 15.000 ? 'X-RAY DIFFRACTION' ? 
r_dihedral_angle_4_deg   8    19.230 15.000 ? 'X-RAY DIFFRACTION' ? 
r_chiral_restr           205  0.079  0.200  ? 'X-RAY DIFFRACTION' ? 
r_gen_planes_refined     1557 0.005  0.020  ? 'X-RAY DIFFRACTION' ? 
r_gen_planes_other       300  0.001  0.020  ? 'X-RAY DIFFRACTION' ? 
r_nbd_refined            216  0.191  0.200  ? 'X-RAY DIFFRACTION' ? 
r_nbd_other              1233 0.176  0.200  ? 'X-RAY DIFFRACTION' ? 
r_nbtor_refined          677  0.184  0.200  ? 'X-RAY DIFFRACTION' ? 
r_nbtor_other            793  0.083  0.200  ? 'X-RAY DIFFRACTION' ? 
r_xyhbond_nbd_refined    42   0.130  0.200  ? 'X-RAY DIFFRACTION' ? 
r_symmetry_vdw_refined   17   0.184  0.200  ? 'X-RAY DIFFRACTION' ? 
r_symmetry_vdw_other     75   0.240  0.200  ? 'X-RAY DIFFRACTION' ? 
r_symmetry_hbond_refined 7    0.149  0.200  ? 'X-RAY DIFFRACTION' ? 
r_mcbond_it              892  2.368  2.000  ? 'X-RAY DIFFRACTION' ? 
r_mcbond_other           340  0.575  2.000  ? 'X-RAY DIFFRACTION' ? 
r_mcangle_it             1394 3.435  3.000  ? 'X-RAY DIFFRACTION' ? 
r_mcangle_other          1172 1.980  3.000  ? 'X-RAY DIFFRACTION' ? 
r_scbond_it              624  2.142  2.000  ? 'X-RAY DIFFRACTION' ? 
r_scbond_other           1230 0.735  2.000  ? 'X-RAY DIFFRACTION' ? 
r_scangle_it             534  3.157  3.000  ? 'X-RAY DIFFRACTION' ? 
r_scangle_other          1829 1.432  3.000  ? 'X-RAY DIFFRACTION' ? 
# 
loop_
_refine_ls_shell.pdbx_total_number_of_bins_used 
_refine_ls_shell.d_res_low 
_refine_ls_shell.d_res_high 
_refine_ls_shell.number_reflns_all 
_refine_ls_shell.percent_reflns_obs 
_refine_ls_shell.number_reflns_R_work 
_refine_ls_shell.R_factor_R_work 
_refine_ls_shell.number_reflns_R_free 
_refine_ls_shell.R_factor_R_free 
_refine_ls_shell.number_reflns_obs 
_refine_ls_shell.R_factor_R_free_error 
_refine_ls_shell.percent_reflns_R_free 
_refine_ls_shell.redundancy_reflns_obs 
_refine_ls_shell.pdbx_refine_id 
_refine_ls_shell.R_factor_all 
20 2.258  2.201 695 98.705  650 0.257 36 0.311 . . . . 'X-RAY DIFFRACTION' . 
20 2.320  2.258 647 100.000 618 0.228 29 0.406 . . . . 'X-RAY DIFFRACTION' . 
20 2.386  2.320 641 100.000 612 0.233 29 0.254 . . . . 'X-RAY DIFFRACTION' . 
20 2.459  2.386 634 100.000 603 0.226 31 0.33  . . . . 'X-RAY DIFFRACTION' . 
20 2.539  2.459 597 100.000 573 0.2   24 0.344 . . . . 'X-RAY DIFFRACTION' . 
20 2.628  2.539 584 100.000 559 0.22  25 0.367 . . . . 'X-RAY DIFFRACTION' . 
20 2.726  2.628 580 100.000 546 0.232 34 0.34  . . . . 'X-RAY DIFFRACTION' . 
20 2.836  2.726 537 100.000 505 0.227 32 0.279 . . . . 'X-RAY DIFFRACTION' . 
20 2.961  2.836 522 100.000 496 0.211 26 0.319 . . . . 'X-RAY DIFFRACTION' . 
20 3.104  2.961 501 100.000 476 0.194 25 0.267 . . . . 'X-RAY DIFFRACTION' . 
20 3.270  3.104 486 100.000 465 0.217 21 0.319 . . . . 'X-RAY DIFFRACTION' . 
20 3.466  3.270 452 100.000 432 0.189 20 0.409 . . . . 'X-RAY DIFFRACTION' . 
20 3.701  3.466 433 100.000 411 0.168 22 0.178 . . . . 'X-RAY DIFFRACTION' . 
20 3.993  3.701 394 100.000 380 0.142 14 0.158 . . . . 'X-RAY DIFFRACTION' . 
20 4.366  3.993 380 100.000 358 0.137 22 0.189 . . . . 'X-RAY DIFFRACTION' . 
20 4.868  4.366 331 100.000 310 0.142 21 0.178 . . . . 'X-RAY DIFFRACTION' . 
20 5.595  4.868 301 100.000 289 0.157 12 0.155 . . . . 'X-RAY DIFFRACTION' . 
20 6.791  5.595 264 100.000 252 0.199 12 0.276 . . . . 'X-RAY DIFFRACTION' . 
20 9.357  6.791 207 100.000 198 0.239 9  0.209 . . . . 'X-RAY DIFFRACTION' . 
20 29.361 9.357 136 100.000 133 0.267 3  0.414 . . . . 'X-RAY DIFFRACTION' . 
# 
_struct.entry_id                  1TWL 
_struct.title                     'Inorganic pyrophosphatase from Pyrococcus furiosus Pfu-264096-001' 
_struct.pdbx_model_details        ? 
_struct.pdbx_CASP_flag            ? 
_struct.pdbx_model_type_details   ? 
# 
_struct_keywords.text            
;inorganic pyrophosphatase, structural genomics, protein structure initiative, PSI, Southeast Collaboratory for Structural Genomics, SECSG, HYDROLASE
;
_struct_keywords.entry_id        1TWL 
_struct_keywords.pdbx_keywords   HYDROLASE 
# 
loop_
_struct_asym.id 
_struct_asym.pdbx_blank_PDB_chainid_flag 
_struct_asym.pdbx_modified 
_struct_asym.entity_id 
_struct_asym.details 
A N N 1 ? 
B N N 2 ? 
# 
_struct_biol.id   1 
# 
loop_
_struct_conf.conf_type_id 
_struct_conf.id 
_struct_conf.pdbx_PDB_helix_id 
_struct_conf.beg_label_comp_id 
_struct_conf.beg_label_asym_id 
_struct_conf.beg_label_seq_id 
_struct_conf.pdbx_beg_PDB_ins_code 
_struct_conf.end_label_comp_id 
_struct_conf.end_label_asym_id 
_struct_conf.end_label_seq_id 
_struct_conf.pdbx_end_PDB_ins_code 
_struct_conf.beg_auth_comp_id 
_struct_conf.beg_auth_asym_id 
_struct_conf.beg_auth_seq_id 
_struct_conf.end_auth_comp_id 
_struct_conf.end_auth_asym_id 
_struct_conf.end_auth_seq_id 
_struct_conf.pdbx_PDB_helix_class 
_struct_conf.details 
_struct_conf.pdbx_PDB_helix_length 
HELX_P HELX_P1 1 ASN A 10  ? LEU A 15  ? ASN A 2   LEU A 7   1 ? 6  
HELX_P HELX_P2 2 ASP A 121 ? LYS A 125 ? ASP A 113 LYS A 117 5 ? 5  
HELX_P HELX_P3 3 ASP A 129 ? VAL A 133 ? ASP A 121 VAL A 125 5 ? 5  
HELX_P HELX_P4 4 PRO A 134 ? TYR A 148 ? PRO A 126 TYR A 140 1 ? 15 
HELX_P HELX_P5 5 LYS A 149 ? GLY A 153 ? LYS A 141 GLY A 145 5 ? 5  
HELX_P HELX_P6 6 ALA A 164 ? PHE A 182 ? ALA A 156 PHE A 174 1 ? 19 
# 
_struct_conf_type.id          HELX_P 
_struct_conf_type.criteria    ? 
_struct_conf_type.reference   ? 
# 
_struct_mon_prot_cis.pdbx_id                1 
_struct_mon_prot_cis.label_comp_id          VAL 
_struct_mon_prot_cis.label_seq_id           21 
_struct_mon_prot_cis.label_asym_id          A 
_struct_mon_prot_cis.label_alt_id           . 
_struct_mon_prot_cis.pdbx_PDB_ins_code      ? 
_struct_mon_prot_cis.auth_comp_id           VAL 
_struct_mon_prot_cis.auth_seq_id            13 
_struct_mon_prot_cis.auth_asym_id           A 
_struct_mon_prot_cis.pdbx_label_comp_id_2   PRO 
_struct_mon_prot_cis.pdbx_label_seq_id_2    22 
_struct_mon_prot_cis.pdbx_label_asym_id_2   A 
_struct_mon_prot_cis.pdbx_PDB_ins_code_2    ? 
_struct_mon_prot_cis.pdbx_auth_comp_id_2    PRO 
_struct_mon_prot_cis.pdbx_auth_seq_id_2     14 
_struct_mon_prot_cis.pdbx_auth_asym_id_2    A 
_struct_mon_prot_cis.pdbx_PDB_model_num     1 
_struct_mon_prot_cis.pdbx_omega_angle       -1.04 
# 
loop_
_struct_sheet.id 
_struct_sheet.type 
_struct_sheet.number_strands 
_struct_sheet.details 
A ? 8 ? 
B ? 2 ? 
# 
loop_
_struct_sheet_order.sheet_id 
_struct_sheet_order.range_id_1 
_struct_sheet_order.range_id_2 
_struct_sheet_order.offset 
_struct_sheet_order.sense 
A 3 4 ? anti-parallel 
A 4 5 ? anti-parallel 
A 5 6 ? parallel      
A 6 7 ? anti-parallel 
A 7 8 ? anti-parallel 
B 1 2 ? anti-parallel 
# 
loop_
_struct_sheet_range.sheet_id 
_struct_sheet_range.id 
_struct_sheet_range.beg_label_comp_id 
_struct_sheet_range.beg_label_asym_id 
_struct_sheet_range.beg_label_seq_id 
_struct_sheet_range.pdbx_beg_PDB_ins_code 
_struct_sheet_range.end_label_comp_id 
_struct_sheet_range.end_label_asym_id 
_struct_sheet_range.end_label_seq_id 
_struct_sheet_range.pdbx_end_PDB_ins_code 
_struct_sheet_range.beg_auth_comp_id 
_struct_sheet_range.beg_auth_asym_id 
_struct_sheet_range.beg_auth_seq_id 
_struct_sheet_range.end_auth_comp_id 
_struct_sheet_range.end_auth_asym_id 
_struct_sheet_range.end_auth_seq_id 
A 1 ASP A 109 ? LYS A 110 ? ASP A 101 LYS A 102 
A 2 ILE A 156 ? GLY A 163 ? ILE A 148 GLY A 155 
A 3 VAL A 25  ? ILE A 31  ? VAL A 17  ILE A 23  
A 4 ASP A 63  ? ILE A 66  ? ASP A 55  ILE A 58  
A 5 ASP A 79  ? VAL A 82  ? ASP A 71  VAL A 74  
A 6 LYS A 113 ? PRO A 118 ? LYS A 105 PRO A 110 
A 7 ILE A 93  ? ASP A 106 ? ILE A 85  ASP A 98  
A 8 ILE A 156 ? GLY A 163 ? ILE A 148 GLY A 155 
B 1 ASN A 37  ? LEU A 41  ? ASN A 29  LEU A 33  
B 2 LEU A 48  ? VAL A 53  ? LEU A 40  VAL A 45  
# 
loop_
_pdbx_struct_sheet_hbond.sheet_id 
_pdbx_struct_sheet_hbond.range_id_1 
_pdbx_struct_sheet_hbond.range_id_2 
_pdbx_struct_sheet_hbond.range_1_label_atom_id 
_pdbx_struct_sheet_hbond.range_1_label_comp_id 
_pdbx_struct_sheet_hbond.range_1_label_asym_id 
_pdbx_struct_sheet_hbond.range_1_label_seq_id 
_pdbx_struct_sheet_hbond.range_1_PDB_ins_code 
_pdbx_struct_sheet_hbond.range_1_auth_atom_id 
_pdbx_struct_sheet_hbond.range_1_auth_comp_id 
_pdbx_struct_sheet_hbond.range_1_auth_asym_id 
_pdbx_struct_sheet_hbond.range_1_auth_seq_id 
_pdbx_struct_sheet_hbond.range_2_label_atom_id 
_pdbx_struct_sheet_hbond.range_2_label_comp_id 
_pdbx_struct_sheet_hbond.range_2_label_asym_id 
_pdbx_struct_sheet_hbond.range_2_label_seq_id 
_pdbx_struct_sheet_hbond.range_2_PDB_ins_code 
_pdbx_struct_sheet_hbond.range_2_auth_atom_id 
_pdbx_struct_sheet_hbond.range_2_auth_comp_id 
_pdbx_struct_sheet_hbond.range_2_auth_asym_id 
_pdbx_struct_sheet_hbond.range_2_auth_seq_id 
A 3 4 N ILE A 28  ? N ILE A 20  O ILE A 66  ? O ILE A 58  
A 4 5 N ASP A 63  ? N ASP A 55  O VAL A 82  ? O VAL A 74  
A 5 6 N MET A 81  ? N MET A 73  O VAL A 114 ? O VAL A 106 
A 6 7 O VAL A 117 ? O VAL A 109 N ARG A 97  ? N ARG A 89  
A 7 8 N ILE A 105 ? N ILE A 97  O ILE A 157 ? O ILE A 149 
B 1 2 N LYS A 38  ? N LYS A 30  O ARG A 52  ? O ARG A 44  
# 
_atom_sites.entry_id                    1TWL 
_atom_sites.fract_transf_matrix[1][1]   -0.00134889 
_atom_sites.fract_transf_matrix[1][2]   0.00996288 
_atom_sites.fract_transf_matrix[1][3]   -0.00153994 
_atom_sites.fract_transf_matrix[2][1]   -0.00940324 
_atom_sites.fract_transf_matrix[2][2]   0.00376023 
_atom_sites.fract_transf_matrix[2][3]   -0.00121648 
_atom_sites.fract_transf_matrix[3][1]   -0.00095895 
_atom_sites.fract_transf_matrix[3][2]   0.00194539 
_atom_sites.fract_transf_matrix[3][3]   0.01342594 
_atom_sites.fract_transf_vector[1]      0.761956 
_atom_sites.fract_transf_vector[2]      0.237385 
_atom_sites.fract_transf_vector[3]      0.040048 
# 
loop_
_atom_type.symbol 
C 
N 
O 
S 
# 
loop_
_atom_site.group_PDB 
_atom_site.id 
_atom_site.type_symbol 
_atom_site.label_atom_id 
_atom_site.label_alt_id 
_atom_site.label_comp_id 
_atom_site.label_asym_id 
_atom_site.label_entity_id 
_atom_site.label_seq_id 
_atom_site.pdbx_PDB_ins_code 
_atom_site.Cartn_x 
_atom_site.Cartn_y 
_atom_site.Cartn_z 
_atom_site.occupancy 
_atom_site.B_iso_or_equiv 
_atom_site.pdbx_formal_charge 
_atom_site.auth_seq_id 
_atom_site.auth_comp_id 
_atom_site.auth_asym_id 
_atom_site.auth_atom_id 
_atom_site.pdbx_PDB_model_num 
ATOM   1    N N   . ASN A 1 10  ? -11.393 -4.474  14.655  1.00 47.41 ? 2   ASN A N   1 
ATOM   2    C CA  . ASN A 1 10  ? -10.721 -4.059  13.400  1.00 46.07 ? 2   ASN A CA  1 
ATOM   3    C C   . ASN A 1 10  ? -9.392  -4.812  13.258  1.00 44.50 ? 2   ASN A C   1 
ATOM   4    O O   . ASN A 1 10  ? -8.575  -4.771  14.167  1.00 44.25 ? 2   ASN A O   1 
ATOM   5    C CB  . ASN A 1 10  ? -10.488 -2.532  13.377  1.00 45.23 ? 2   ASN A CB  1 
ATOM   6    N N   . PRO A 1 11  ? -9.172  -5.515  12.138  1.00 40.38 ? 3   PRO A N   1 
ATOM   7    C CA  . PRO A 1 11  ? -7.839  -6.015  11.841  1.00 36.86 ? 3   PRO A CA  1 
ATOM   8    C C   . PRO A 1 11  ? -6.762  -4.917  11.945  1.00 34.64 ? 3   PRO A C   1 
ATOM   9    O O   . PRO A 1 11  ? -5.621  -5.215  12.278  1.00 36.36 ? 3   PRO A O   1 
ATOM   10   C CB  . PRO A 1 11  ? -7.969  -6.527  10.393  1.00 36.37 ? 3   PRO A CB  1 
ATOM   11   C CG  . PRO A 1 11  ? -9.310  -6.104  9.935   1.00 35.03 ? 3   PRO A CG  1 
ATOM   12   C CD  . PRO A 1 11  ? -10.146 -5.917  11.101  1.00 34.73 ? 3   PRO A CD  1 
ATOM   13   N N   . PHE A 1 12  ? -7.123  -3.672  11.636  1.00 32.31 ? 4   PHE A N   1 
ATOM   14   C CA  . PHE A 1 12  ? -6.207  -2.556  11.812  1.00 35.34 ? 4   PHE A CA  1 
ATOM   15   C C   . PHE A 1 12  ? -5.697  -2.474  13.270  1.00 36.64 ? 4   PHE A C   1 
ATOM   16   O O   . PHE A 1 12  ? -4.487  -2.533  13.519  1.00 38.15 ? 4   PHE A O   1 
ATOM   17   C CB  . PHE A 1 12  ? -6.861  -1.228  11.395  1.00 36.05 ? 4   PHE A CB  1 
ATOM   18   C CG  . PHE A 1 12  ? -5.958  -0.037  11.580  1.00 37.69 ? 4   PHE A CG  1 
ATOM   19   C CD1 . PHE A 1 12  ? -4.749  0.036   10.905  1.00 36.18 ? 4   PHE A CD1 1 
ATOM   20   C CD2 . PHE A 1 12  ? -6.304  0.995   12.458  1.00 37.25 ? 4   PHE A CD2 1 
ATOM   21   C CE1 . PHE A 1 12  ? -3.894  1.125   11.097  1.00 38.08 ? 4   PHE A CE1 1 
ATOM   22   C CE2 . PHE A 1 12  ? -5.474  2.066   12.641  1.00 36.49 ? 4   PHE A CE2 1 
ATOM   23   C CZ  . PHE A 1 12  ? -4.259  2.135   11.971  1.00 36.75 ? 4   PHE A CZ  1 
ATOM   24   N N   . HIS A 1 13  ? -6.624  -2.374  14.221  1.00 36.48 ? 5   HIS A N   1 
ATOM   25   C CA  . HIS A 1 13  ? -6.265  -2.228  15.638  1.00 38.08 ? 5   HIS A CA  1 
ATOM   26   C C   . HIS A 1 13  ? -5.817  -3.520  16.318  1.00 41.17 ? 5   HIS A C   1 
ATOM   27   O O   . HIS A 1 13  ? -4.988  -3.469  17.233  1.00 39.96 ? 5   HIS A O   1 
ATOM   28   C CB  . HIS A 1 13  ? -7.420  -1.580  16.425  1.00 37.64 ? 5   HIS A CB  1 
ATOM   29   C CG  . HIS A 1 13  ? -7.662  -0.151  16.050  1.00 33.94 ? 5   HIS A CG  1 
ATOM   30   N ND1 . HIS A 1 13  ? -6.702  0.821   16.197  1.00 35.23 ? 5   HIS A ND1 1 
ATOM   31   C CD2 . HIS A 1 13  ? -8.733  0.462   15.488  1.00 35.71 ? 5   HIS A CD2 1 
ATOM   32   C CE1 . HIS A 1 13  ? -7.172  1.977   15.759  1.00 34.17 ? 5   HIS A CE1 1 
ATOM   33   N NE2 . HIS A 1 13  ? -8.402  1.785   15.319  1.00 33.91 ? 5   HIS A NE2 1 
ATOM   34   N N   . ASP A 1 14  ? -6.320  -4.675  15.873  1.00 40.86 ? 6   ASP A N   1 
ATOM   35   C CA  . ASP A 1 14  ? -6.134  -5.904  16.633  1.00 43.24 ? 6   ASP A CA  1 
ATOM   36   C C   . ASP A 1 14  ? -4.877  -6.677  16.284  1.00 42.30 ? 6   ASP A C   1 
ATOM   37   O O   . ASP A 1 14  ? -4.413  -7.499  17.074  1.00 43.79 ? 6   ASP A O   1 
ATOM   38   C CB  . ASP A 1 14  ? -7.348  -6.815  16.468  1.00 45.85 ? 6   ASP A CB  1 
ATOM   39   C CG  . ASP A 1 14  ? -8.599  -6.218  17.059  1.00 48.25 ? 6   ASP A CG  1 
ATOM   40   O OD1 . ASP A 1 14  ? -9.708  -6.708  16.738  1.00 50.87 ? 6   ASP A OD1 1 
ATOM   41   O OD2 . ASP A 1 14  ? -8.575  -5.251  17.841  1.00 49.84 ? 6   ASP A OD2 1 
ATOM   42   N N   . LEU A 1 15  ? -4.339  -6.443  15.101  1.00 41.16 ? 7   LEU A N   1 
ATOM   43   C CA  . LEU A 1 15  ? -3.170  -7.187  14.640  1.00 37.98 ? 7   LEU A CA  1 
ATOM   44   C C   . LEU A 1 15  ? -1.937  -6.379  14.921  1.00 32.79 ? 7   LEU A C   1 
ATOM   45   O O   . LEU A 1 15  ? -1.994  -5.162  14.922  1.00 33.96 ? 7   LEU A O   1 
ATOM   46   C CB  . LEU A 1 15  ? -3.246  -7.429  13.125  1.00 39.75 ? 7   LEU A CB  1 
ATOM   47   C CG  . LEU A 1 15  ? -4.403  -8.267  12.608  1.00 41.42 ? 7   LEU A CG  1 
ATOM   48   C CD1 . LEU A 1 15  ? -4.458  -8.175  11.091  1.00 42.20 ? 7   LEU A CD1 1 
ATOM   49   C CD2 . LEU A 1 15  ? -4.251  -9.718  13.069  1.00 42.94 ? 7   LEU A CD2 1 
ATOM   50   N N   . GLU A 1 16  ? -0.825  -7.067  15.121  1.00 33.63 ? 8   GLU A N   1 
ATOM   51   C CA  . GLU A 1 16  ? 0.483   -6.439  15.243  1.00 36.07 ? 8   GLU A CA  1 
ATOM   52   C C   . GLU A 1 16  ? 0.915   -6.056  13.831  1.00 35.73 ? 8   GLU A C   1 
ATOM   53   O O   . GLU A 1 16  ? 0.458   -6.655  12.873  1.00 36.82 ? 8   GLU A O   1 
ATOM   54   N N   . PRO A 1 17  ? 1.792   -5.072  13.687  1.00 33.94 ? 9   PRO A N   1 
ATOM   55   C CA  . PRO A 1 17  ? 2.228   -4.658  12.350  1.00 35.54 ? 9   PRO A CA  1 
ATOM   56   C C   . PRO A 1 17  ? 2.784   -5.793  11.463  1.00 31.79 ? 9   PRO A C   1 
ATOM   57   O O   . PRO A 1 17  ? 2.699   -5.721  10.246  1.00 30.98 ? 9   PRO A O   1 
ATOM   58   C CB  . PRO A 1 17  ? 3.313   -3.590  12.636  1.00 34.65 ? 9   PRO A CB  1 
ATOM   59   C CG  . PRO A 1 17  ? 2.998   -3.082  14.024  1.00 33.76 ? 9   PRO A CG  1 
ATOM   60   C CD  . PRO A 1 17  ? 2.420   -4.265  14.754  1.00 34.35 ? 9   PRO A CD  1 
ATOM   61   N N   . GLY A 1 18  ? 3.363   -6.805  12.070  1.00 30.47 ? 10  GLY A N   1 
ATOM   62   C CA  . GLY A 1 18  ? 4.026   -7.843  11.302  1.00 32.55 ? 10  GLY A CA  1 
ATOM   63   C C   . GLY A 1 18  ? 4.569   -8.918  12.204  1.00 31.97 ? 10  GLY A C   1 
ATOM   64   O O   . GLY A 1 18  ? 4.609   -8.736  13.422  1.00 29.48 ? 10  GLY A O   1 
ATOM   65   N N   . PRO A 1 19  ? 4.940   -10.051 11.624  1.00 32.06 ? 11  PRO A N   1 
ATOM   66   C CA  . PRO A 1 19  ? 5.608   -11.110 12.385  1.00 37.14 ? 11  PRO A CA  1 
ATOM   67   C C   . PRO A 1 19  ? 7.134   -10.860 12.577  1.00 40.04 ? 11  PRO A C   1 
ATOM   68   O O   . PRO A 1 19  ? 7.742   -11.463 13.455  1.00 43.34 ? 11  PRO A O   1 
ATOM   69   C CB  . PRO A 1 19  ? 5.336   -12.377 11.546  1.00 35.80 ? 11  PRO A CB  1 
ATOM   70   C CG  . PRO A 1 19  ? 5.073   -11.876 10.133  1.00 34.99 ? 11  PRO A CG  1 
ATOM   71   C CD  . PRO A 1 19  ? 4.707   -10.428 10.217  1.00 33.10 ? 11  PRO A CD  1 
ATOM   72   N N   . ASP A 1 20  ? 7.724   -9.967  11.779  1.00 38.92 ? 12  ASP A N   1 
ATOM   73   C CA  . ASP A 1 20  ? 9.163   -9.670  11.878  1.00 38.56 ? 12  ASP A CA  1 
ATOM   74   C C   . ASP A 1 20  ? 9.465   -8.304  11.269  1.00 32.36 ? 12  ASP A C   1 
ATOM   75   O O   . ASP A 1 20  ? 10.270  -8.176  10.340  1.00 29.37 ? 12  ASP A O   1 
ATOM   76   C CB  . ASP A 1 20  ? 9.978   -10.769 11.187  1.00 42.92 ? 12  ASP A CB  1 
ATOM   77   C CG  . ASP A 1 20  ? 11.484  -10.624 11.406  1.00 47.00 ? 12  ASP A CG  1 
ATOM   78   O OD1 . ASP A 1 20  ? 11.884  -10.160 12.508  1.00 51.12 ? 12  ASP A OD1 1 
ATOM   79   O OD2 . ASP A 1 20  ? 12.338  -10.959 10.537  1.00 46.67 ? 12  ASP A OD2 1 
ATOM   80   N N   . VAL A 1 21  ? 8.799   -7.279  11.791  1.00 31.42 ? 13  VAL A N   1 
ATOM   81   C CA  . VAL A 1 21  ? 8.922   -5.949  11.219  1.00 34.79 ? 13  VAL A CA  1 
ATOM   82   C C   . VAL A 1 21  ? 10.368  -5.493  11.401  1.00 33.56 ? 13  VAL A C   1 
ATOM   83   O O   . VAL A 1 21  ? 10.998  -5.865  12.395  1.00 29.82 ? 13  VAL A O   1 
ATOM   84   C CB  . VAL A 1 21  ? 7.943   -4.901  11.835  1.00 36.01 ? 13  VAL A CB  1 
ATOM   85   C CG1 . VAL A 1 21  ? 6.578   -5.488  12.056  1.00 36.42 ? 13  VAL A CG1 1 
ATOM   86   C CG2 . VAL A 1 21  ? 8.459   -4.313  13.113  1.00 38.40 ? 13  VAL A CG2 1 
ATOM   87   N N   . PRO A 1 22  ? 10.919  -4.741  10.444  1.00 33.57 ? 14  PRO A N   1 
ATOM   88   C CA  . PRO A 1 22  ? 10.249  -4.333  9.216   1.00 31.32 ? 14  PRO A CA  1 
ATOM   89   C C   . PRO A 1 22  ? 10.545  -5.267  8.019   1.00 30.35 ? 14  PRO A C   1 
ATOM   90   O O   . PRO A 1 22  ? 10.153  -4.955  6.890   1.00 29.73 ? 14  PRO A O   1 
ATOM   91   C CB  . PRO A 1 22  ? 10.851  -2.962  8.979   1.00 30.51 ? 14  PRO A CB  1 
ATOM   92   C CG  . PRO A 1 22  ? 12.334  -3.186  9.371   1.00 31.35 ? 14  PRO A CG  1 
ATOM   93   C CD  . PRO A 1 22  ? 12.305  -4.229  10.482  1.00 33.97 ? 14  PRO A CD  1 
ATOM   94   N N   . GLU A 1 23  ? 11.219  -6.399  8.262   1.00 32.53 ? 15  GLU A N   1 
ATOM   95   C CA  . GLU A 1 23  ? 11.546  -7.351  7.190   1.00 32.88 ? 15  GLU A CA  1 
ATOM   96   C C   . GLU A 1 23  ? 10.277  -8.035  6.616   1.00 30.12 ? 15  GLU A C   1 
ATOM   97   O O   . GLU A 1 23  ? 10.137  -8.152  5.419   1.00 27.85 ? 15  GLU A O   1 
ATOM   98   C CB  . GLU A 1 23  ? 12.541  -8.423  7.678   1.00 36.72 ? 15  GLU A CB  1 
ATOM   99   C CG  . GLU A 1 23  ? 13.861  -7.881  8.254   1.00 41.74 ? 15  GLU A CG  1 
ATOM   100  C CD  . GLU A 1 23  ? 14.531  -6.903  7.314   1.00 43.36 ? 15  GLU A CD  1 
ATOM   101  O OE1 . GLU A 1 23  ? 14.990  -7.319  6.241   1.00 48.00 ? 15  GLU A OE1 1 
ATOM   102  O OE2 . GLU A 1 23  ? 14.567  -5.706  7.620   1.00 48.66 ? 15  GLU A OE2 1 
ATOM   103  N N   . VAL A 1 24  ? 9.394   -8.506  7.492   1.00 29.42 ? 16  VAL A N   1 
ATOM   104  C CA  . VAL A 1 24  ? 8.088   -9.037  7.098   1.00 28.93 ? 16  VAL A CA  1 
ATOM   105  C C   . VAL A 1 24  ? 7.010   -8.281  7.877   1.00 28.14 ? 16  VAL A C   1 
ATOM   106  O O   . VAL A 1 24  ? 7.008   -8.273  9.103   1.00 26.17 ? 16  VAL A O   1 
ATOM   107  C CB  . VAL A 1 24  ? 7.971   -10.555 7.366   1.00 32.09 ? 16  VAL A CB  1 
ATOM   108  C CG1 . VAL A 1 24  ? 6.579   -11.114 6.910   1.00 33.68 ? 16  VAL A CG1 1 
ATOM   109  C CG2 . VAL A 1 24  ? 9.110   -11.325 6.657   1.00 32.81 ? 16  VAL A CG2 1 
ATOM   110  N N   . VAL A 1 25  ? 6.112   -7.633  7.138   1.00 23.88 ? 17  VAL A N   1 
ATOM   111  C CA  . VAL A 1 25  ? 4.920   -7.006  7.684   1.00 23.14 ? 17  VAL A CA  1 
ATOM   112  C C   . VAL A 1 25  ? 3.651   -7.769  7.275   1.00 25.32 ? 17  VAL A C   1 
ATOM   113  O O   . VAL A 1 25  ? 3.688   -8.620  6.377   1.00 26.26 ? 17  VAL A O   1 
ATOM   114  C CB  . VAL A 1 25  ? 4.796   -5.559  7.218   1.00 21.79 ? 17  VAL A CB  1 
ATOM   115  C CG1 . VAL A 1 25  ? 5.955   -4.738  7.777   1.00 22.94 ? 17  VAL A CG1 1 
ATOM   116  C CG2 . VAL A 1 25  ? 4.762   -5.455  5.720   1.00 24.32 ? 17  VAL A CG2 1 
ATOM   117  N N   . TYR A 1 26  ? 2.545   -7.475  7.955   1.00 23.91 ? 18  TYR A N   1 
ATOM   118  C CA  . TYR A 1 26  ? 1.235   -7.862  7.491   1.00 24.75 ? 18  TYR A CA  1 
ATOM   119  C C   . TYR A 1 26  ? 0.634   -6.778  6.597   1.00 26.62 ? 18  TYR A C   1 
ATOM   120  O O   . TYR A 1 26  ? 0.742   -5.587  6.886   1.00 20.79 ? 18  TYR A O   1 
ATOM   121  C CB  . TYR A 1 26  ? 0.295   -8.100  8.638   1.00 26.69 ? 18  TYR A CB  1 
ATOM   122  C CG  . TYR A 1 26  ? 0.632   -9.279  9.502   1.00 29.65 ? 18  TYR A CG  1 
ATOM   123  C CD1 . TYR A 1 26  ? 0.708   -9.137  10.893  1.00 29.89 ? 18  TYR A CD1 1 
ATOM   124  C CD2 . TYR A 1 26  ? 0.853   -10.541 8.951   1.00 28.05 ? 18  TYR A CD2 1 
ATOM   125  C CE1 . TYR A 1 26  ? 1.004   -10.204 11.702  1.00 31.28 ? 18  TYR A CE1 1 
ATOM   126  C CE2 . TYR A 1 26  ? 1.136   -11.623 9.758   1.00 30.19 ? 18  TYR A CE2 1 
ATOM   127  C CZ  . TYR A 1 26  ? 1.217   -11.449 11.139  1.00 29.16 ? 18  TYR A CZ  1 
ATOM   128  O OH  . TYR A 1 26  ? 1.507   -12.506 11.966  1.00 31.54 ? 18  TYR A OH  1 
ATOM   129  N N   . ALA A 1 27  ? -0.026  -7.201  5.519   1.00 24.12 ? 19  ALA A N   1 
ATOM   130  C CA  . ALA A 1 27  ? -0.804  -6.270  4.714   1.00 21.24 ? 19  ALA A CA  1 
ATOM   131  C C   . ALA A 1 27  ? -2.249  -6.701  4.827   1.00 20.40 ? 19  ALA A C   1 
ATOM   132  O O   . ALA A 1 27  ? -2.567  -7.870  4.604   1.00 23.41 ? 19  ALA A O   1 
ATOM   133  C CB  . ALA A 1 27  ? -0.329  -6.304  3.275   1.00 18.38 ? 19  ALA A CB  1 
ATOM   134  N N   . ILE A 1 28  ? -3.131  -5.777  5.182   1.00 23.77 ? 20  ILE A N   1 
ATOM   135  C CA  . ILE A 1 28  ? -4.555  -6.066  5.173   1.00 24.27 ? 20  ILE A CA  1 
ATOM   136  C C   . ILE A 1 28  ? -5.051  -5.568  3.849   1.00 21.65 ? 20  ILE A C   1 
ATOM   137  O O   . ILE A 1 28  ? -5.106  -4.359  3.654   1.00 22.27 ? 20  ILE A O   1 
ATOM   138  C CB  . ILE A 1 28  ? -5.326  -5.317  6.313   1.00 23.74 ? 20  ILE A CB  1 
ATOM   139  C CG1 . ILE A 1 28  ? -4.724  -5.610  7.688   1.00 26.64 ? 20  ILE A CG1 1 
ATOM   140  C CG2 . ILE A 1 28  ? -6.840  -5.702  6.285   1.00 22.65 ? 20  ILE A CG2 1 
ATOM   141  C CD1 . ILE A 1 28  ? -5.177  -4.553  8.791   1.00 25.36 ? 20  ILE A CD1 1 
ATOM   142  N N   . ILE A 1 29  ? -5.433  -6.473  2.953   1.00 19.35 ? 21  ILE A N   1 
ATOM   143  C CA  . ILE A 1 29  ? -5.829  -6.066  1.608   1.00 19.63 ? 21  ILE A CA  1 
ATOM   144  C C   . ILE A 1 29  ? -7.280  -5.522  1.575   1.00 19.89 ? 21  ILE A C   1 
ATOM   145  O O   . ILE A 1 29  ? -8.193  -6.129  2.097   1.00 18.19 ? 21  ILE A O   1 
ATOM   146  C CB  . ILE A 1 29  ? -5.618  -7.228  0.567   1.00 21.32 ? 21  ILE A CB  1 
ATOM   147  C CG1 . ILE A 1 29  ? -4.128  -7.635  0.502   1.00 21.97 ? 21  ILE A CG1 1 
ATOM   148  C CG2 . ILE A 1 29  ? -6.191  -6.832  -0.834  1.00 19.59 ? 21  ILE A CG2 1 
ATOM   149  C CD1 . ILE A 1 29  ? -3.120  -6.510  0.233   1.00 21.64 ? 21  ILE A CD1 1 
ATOM   150  N N   . GLU A 1 30  ? -7.430  -4.348  0.961   1.00 18.69 ? 22  GLU A N   1 
ATOM   151  C CA  . GLU A 1 30  ? -8.686  -3.653  0.787   1.00 19.61 ? 22  GLU A CA  1 
ATOM   152  C C   . GLU A 1 30  ? -9.192  -3.774  -0.643  1.00 14.58 ? 22  GLU A C   1 
ATOM   153  O O   . GLU A 1 30  ? -10.373 -3.952  -0.872  1.00 16.36 ? 22  GLU A O   1 
ATOM   154  C CB  . GLU A 1 30  ? -8.479  -2.155  1.083   1.00 21.76 ? 22  GLU A CB  1 
ATOM   155  C CG  . GLU A 1 30  ? -8.221  -1.834  2.547   1.00 23.43 ? 22  GLU A CG  1 
ATOM   156  C CD  . GLU A 1 30  ? -7.658  -0.438  2.731   1.00 24.08 ? 22  GLU A CD  1 
ATOM   157  O OE1 . GLU A 1 30  ? -6.685  -0.121  2.038   1.00 27.55 ? 22  GLU A OE1 1 
ATOM   158  O OE2 . GLU A 1 30  ? -8.204  0.349   3.547   1.00 22.59 ? 22  GLU A OE2 1 
ATOM   159  N N   . ILE A 1 31  ? -8.275  -3.630  -1.597  1.00 15.06 ? 23  ILE A N   1 
ATOM   160  C CA  . ILE A 1 31  ? -8.583  -3.593  -2.994  1.00 17.80 ? 23  ILE A CA  1 
ATOM   161  C C   . ILE A 1 31  ? -7.747  -4.612  -3.748  1.00 19.58 ? 23  ILE A C   1 
ATOM   162  O O   . ILE A 1 31  ? -6.544  -4.451  -3.869  1.00 18.60 ? 23  ILE A O   1 
ATOM   163  C CB  . ILE A 1 31  ? -8.320  -2.186  -3.585  1.00 16.41 ? 23  ILE A CB  1 
ATOM   164  C CG1 . ILE A 1 31  ? -8.969  -1.094  -2.727  1.00 19.05 ? 23  ILE A CG1 1 
ATOM   165  C CG2 . ILE A 1 31  ? -8.844  -2.122  -5.000  1.00 15.42 ? 23  ILE A CG2 1 
ATOM   166  C CD1 . ILE A 1 31  ? -8.542  0.341   -3.147  1.00 21.72 ? 23  ILE A CD1 1 
ATOM   167  N N   . PRO A 1 32  ? -8.394  -5.651  -4.281  1.00 15.17 ? 24  PRO A N   1 
ATOM   168  C CA  . PRO A 1 32  ? -7.713  -6.602  -5.115  1.00 18.21 ? 24  PRO A CA  1 
ATOM   169  C C   . PRO A 1 32  ? -7.228  -5.994  -6.421  1.00 16.07 ? 24  PRO A C   1 
ATOM   170  O O   . PRO A 1 32  ? -7.925  -5.158  -6.972  1.00 16.82 ? 24  PRO A O   1 
ATOM   171  C CB  . PRO A 1 32  ? -8.809  -7.661  -5.408  1.00 15.57 ? 24  PRO A CB  1 
ATOM   172  C CG  . PRO A 1 32  ? -9.786  -7.489  -4.332  1.00 16.56 ? 24  PRO A CG  1 
ATOM   173  C CD  . PRO A 1 32  ? -9.799  -6.017  -4.086  1.00 14.82 ? 24  PRO A CD  1 
ATOM   174  N N   . LYS A 1 33  ? -6.052  -6.433  -6.896  1.00 15.24 ? 25  LYS A N   1 
ATOM   175  C CA  . LYS A 1 33  ? -5.550  -6.043  -8.187  1.00 18.03 ? 25  LYS A CA  1 
ATOM   176  C C   . LYS A 1 33  ? -6.665  -6.263  -9.207  1.00 16.70 ? 25  LYS A C   1 
ATOM   177  O O   . LYS A 1 33  ? -7.285  -7.322  -9.224  1.00 16.91 ? 25  LYS A O   1 
ATOM   178  C CB  . LYS A 1 33  ? -4.309  -6.880  -8.577  1.00 19.66 ? 25  LYS A CB  1 
ATOM   179  C CG  . LYS A 1 33  ? -3.826  -6.619  -10.035 1.00 23.45 ? 25  LYS A CG  1 
ATOM   180  C CD  . LYS A 1 33  ? -2.716  -7.550  -10.514 1.00 25.51 ? 25  LYS A CD  1 
ATOM   181  C CE  . LYS A 1 33  ? -3.107  -9.016  -10.471 1.00 29.22 ? 25  LYS A CE  1 
ATOM   182  N NZ  . LYS A 1 33  ? -2.202  -9.941  -11.280 1.00 27.84 ? 25  LYS A NZ  1 
ATOM   183  N N   . GLY A 1 34  ? -6.890  -5.273  -10.061 1.00 16.20 ? 26  GLY A N   1 
ATOM   184  C CA  . GLY A 1 34  ? -7.882  -5.355  -11.101 1.00 14.98 ? 26  GLY A CA  1 
ATOM   185  C C   . GLY A 1 34  ? -9.218  -4.676  -10.802 1.00 18.43 ? 26  GLY A C   1 
ATOM   186  O O   . GLY A 1 34  ? -10.076 -4.671  -11.662 1.00 17.41 ? 26  GLY A O   1 
ATOM   187  N N   . SER A 1 35  ? -9.398  -4.106  -9.601  1.00 18.22 ? 27  SER A N   1 
ATOM   188  C CA  . SER A 1 35  ? -10.656 -3.413  -9.238  1.00 16.39 ? 27  SER A CA  1 
ATOM   189  C C   . SER A 1 35  ? -10.640 -1.944  -9.646  1.00 15.83 ? 27  SER A C   1 
ATOM   190  O O   . SER A 1 35  ? -9.645  -1.235  -9.460  1.00 19.53 ? 27  SER A O   1 
ATOM   191  C CB  . SER A 1 35  ? -10.918 -3.452  -7.738  1.00 18.08 ? 27  SER A CB  1 
ATOM   192  O OG  . SER A 1 35  ? -10.748 -4.753  -7.230  1.00 23.26 ? 27  SER A OG  1 
ATOM   193  N N   . ARG A 1 36  ? -11.752 -1.515  -10.216 1.00 15.66 ? 28  ARG A N   1 
ATOM   194  C CA  . ARG A 1 36  ? -12.077 -0.095  -10.421 1.00 18.50 ? 28  ARG A CA  1 
ATOM   195  C C   . ARG A 1 36  ? -12.823 0.492   -9.182  1.00 20.35 ? 28  ARG A C   1 
ATOM   196  O O   . ARG A 1 36  ? -12.794 1.704   -8.965  1.00 16.37 ? 28  ARG A O   1 
ATOM   197  C CB  . ARG A 1 36  ? -12.927 0.055   -11.667 1.00 18.57 ? 28  ARG A CB  1 
ATOM   198  C CG  . ARG A 1 36  ? -13.149 1.492   -12.121 1.00 22.49 ? 28  ARG A CG  1 
ATOM   199  C CD  . ARG A 1 36  ? -14.387 1.690   -12.918 1.00 23.05 ? 28  ARG A CD  1 
ATOM   200  N NE  . ARG A 1 36  ? -14.609 3.121   -13.135 1.00 22.14 ? 28  ARG A NE  1 
ATOM   201  C CZ  . ARG A 1 36  ? -15.070 3.648   -14.247 1.00 22.85 ? 28  ARG A CZ  1 
ATOM   202  N NH1 . ARG A 1 36  ? -15.400 2.870   -15.267 1.00 20.91 ? 28  ARG A NH1 1 
ATOM   203  N NH2 . ARG A 1 36  ? -15.194 4.995   -14.362 1.00 25.85 ? 28  ARG A NH2 1 
ATOM   204  N N   . ASN A 1 37  ? -13.471 -0.370  -8.380  1.00 20.47 ? 29  ASN A N   1 
ATOM   205  C CA  . ASN A 1 37  ? -14.096 0.039   -7.096  1.00 17.55 ? 29  ASN A CA  1 
ATOM   206  C C   . ASN A 1 37  ? -12.981 0.225   -6.047  1.00 20.55 ? 29  ASN A C   1 
ATOM   207  O O   . ASN A 1 37  ? -12.196 -0.692  -5.773  1.00 20.04 ? 29  ASN A O   1 
ATOM   208  C CB  . ASN A 1 37  ? -15.099 -1.018  -6.567  1.00 14.66 ? 29  ASN A CB  1 
ATOM   209  C CG  . ASN A 1 37  ? -16.386 -1.102  -7.381  1.00 15.68 ? 29  ASN A CG  1 
ATOM   210  O OD1 . ASN A 1 37  ? -16.736 -0.191  -8.128  1.00 17.30 ? 29  ASN A OD1 1 
ATOM   211  N ND2 . ASN A 1 37  ? -17.112 -2.213  -7.221  1.00 12.03 ? 29  ASN A ND2 1 
ATOM   212  N N   . LYS A 1 38  ? -12.918 1.419   -5.470  1.00 22.55 ? 30  LYS A N   1 
ATOM   213  C CA  . LYS A 1 38  ? -11.949 1.723   -4.416  1.00 23.90 ? 30  LYS A CA  1 
ATOM   214  C C   . LYS A 1 38  ? -12.593 1.402   -3.063  1.00 23.13 ? 30  LYS A C   1 
ATOM   215  O O   . LYS A 1 38  ? -13.418 2.129   -2.558  1.00 19.78 ? 30  LYS A O   1 
ATOM   216  C CB  . LYS A 1 38  ? -11.545 3.192   -4.482  1.00 25.68 ? 30  LYS A CB  1 
ATOM   217  C CG  . LYS A 1 38  ? -10.534 3.645   -3.434  1.00 27.03 ? 30  LYS A CG  1 
ATOM   218  C CD  . LYS A 1 38  ? -10.186 5.104   -3.669  1.00 29.23 ? 30  LYS A CD  1 
ATOM   219  C CE  . LYS A 1 38  ? -9.106  5.606   -2.705  1.00 30.28 ? 30  LYS A CE  1 
ATOM   220  N NZ  . LYS A 1 38  ? -9.757  6.102   -1.508  1.00 31.53 ? 30  LYS A NZ  1 
ATOM   221  N N   . TYR A 1 39  ? -12.222 0.280   -2.504  1.00 24.20 ? 31  TYR A N   1 
ATOM   222  C CA  . TYR A 1 39  ? -12.647 -0.086  -1.177  1.00 23.22 ? 31  TYR A CA  1 
ATOM   223  C C   . TYR A 1 39  ? -11.651 0.409   -0.106  1.00 24.55 ? 31  TYR A C   1 
ATOM   224  O O   . TYR A 1 39  ? -10.445 0.450   -0.329  1.00 22.80 ? 31  TYR A O   1 
ATOM   225  C CB  . TYR A 1 39  ? -12.762 -1.611  -1.074  1.00 21.60 ? 31  TYR A CB  1 
ATOM   226  C CG  . TYR A 1 39  ? -13.536 -2.306  -2.190  1.00 21.21 ? 31  TYR A CG  1 
ATOM   227  C CD1 . TYR A 1 39  ? -12.877 -2.978  -3.209  1.00 19.21 ? 31  TYR A CD1 1 
ATOM   228  C CD2 . TYR A 1 39  ? -14.933 -2.334  -2.190  1.00 22.06 ? 31  TYR A CD2 1 
ATOM   229  C CE1 . TYR A 1 39  ? -13.586 -3.636  -4.203  1.00 20.13 ? 31  TYR A CE1 1 
ATOM   230  C CE2 . TYR A 1 39  ? -15.641 -2.986  -3.183  1.00 17.76 ? 31  TYR A CE2 1 
ATOM   231  C CZ  . TYR A 1 39  ? -14.967 -3.623  -4.184  1.00 20.51 ? 31  TYR A CZ  1 
ATOM   232  O OH  . TYR A 1 39  ? -15.680 -4.262  -5.167  1.00 21.54 ? 31  TYR A OH  1 
ATOM   233  N N   . GLU A 1 40  ? -12.178 0.726   1.074   1.00 28.33 ? 32  GLU A N   1 
ATOM   234  C CA  . GLU A 1 40  ? -11.366 1.056   2.249   1.00 29.60 ? 32  GLU A CA  1 
ATOM   235  C C   . GLU A 1 40  ? -11.833 0.265   3.479   1.00 25.12 ? 32  GLU A C   1 
ATOM   236  O O   . GLU A 1 40  ? -13.007 -0.002  3.622   1.00 24.36 ? 32  GLU A O   1 
ATOM   237  C CB  . GLU A 1 40  ? -11.459 2.557   2.548   1.00 28.10 ? 32  GLU A CB  1 
ATOM   238  N N   . LEU A 1 41  ? -10.903 -0.105  4.360   1.00 28.77 ? 33  LEU A N   1 
ATOM   239  C CA  . LEU A 1 41  ? -11.262 -0.668  5.670   1.00 31.54 ? 33  LEU A CA  1 
ATOM   240  C C   . LEU A 1 41  ? -11.737 0.482   6.546   1.00 32.90 ? 33  LEU A C   1 
ATOM   241  O O   . LEU A 1 41  ? -11.045 1.482   6.672   1.00 32.86 ? 33  LEU A O   1 
ATOM   242  C CB  . LEU A 1 41  ? -10.076 -1.369  6.334   1.00 32.45 ? 33  LEU A CB  1 
ATOM   243  C CG  . LEU A 1 41  ? -10.317 -2.038  7.715   1.00 33.82 ? 33  LEU A CG  1 
ATOM   244  C CD1 . LEU A 1 41  ? -11.203 -3.282  7.628   1.00 35.13 ? 33  LEU A CD1 1 
ATOM   245  C CD2 . LEU A 1 41  ? -9.010  -2.413  8.341   1.00 34.80 ? 33  LEU A CD2 1 
ATOM   246  N N   . ASP A 1 42  ? -12.923 0.379   7.120   1.00 38.03 ? 34  ASP A N   1 
ATOM   247  C CA  . ASP A 1 42  ? -13.358 1.409   8.075   1.00 44.28 ? 34  ASP A CA  1 
ATOM   248  C C   . ASP A 1 42  ? -12.706 1.097   9.416   1.00 44.52 ? 34  ASP A C   1 
ATOM   249  O O   . ASP A 1 42  ? -12.900 0.005   9.947   1.00 40.73 ? 34  ASP A O   1 
ATOM   250  C CB  . ASP A 1 42  ? -14.868 1.427   8.209   1.00 49.10 ? 34  ASP A CB  1 
ATOM   251  C CG  . ASP A 1 42  ? -15.355 2.581   9.056   1.00 54.51 ? 34  ASP A CG  1 
ATOM   252  O OD1 . ASP A 1 42  ? -15.989 3.487   8.473   1.00 58.84 ? 34  ASP A OD1 1 
ATOM   253  O OD2 . ASP A 1 42  ? -15.135 2.687   10.292  1.00 55.04 ? 34  ASP A OD2 1 
ATOM   254  N N   . LYS A 1 43  ? -11.915 2.044   9.941   1.00 48.26 ? 35  LYS A N   1 
ATOM   255  C CA  . LYS A 1 43  ? -11.111 1.821   11.170  1.00 50.94 ? 35  LYS A CA  1 
ATOM   256  C C   . LYS A 1 43  ? -11.969 1.546   12.427  1.00 52.68 ? 35  LYS A C   1 
ATOM   257  O O   . LYS A 1 43  ? -11.654 0.640   13.234  1.00 55.63 ? 35  LYS A O   1 
ATOM   258  C CB  . LYS A 1 43  ? -10.173 3.011   11.422  1.00 50.56 ? 35  LYS A CB  1 
ATOM   259  N N   . LYS A 1 44  ? -13.055 2.312   12.567  1.00 53.34 ? 36  LYS A N   1 
ATOM   260  C CA  . LYS A 1 44  ? -14.016 2.148   13.667  1.00 54.91 ? 36  LYS A CA  1 
ATOM   261  C C   . LYS A 1 44  ? -14.751 0.802   13.624  1.00 55.12 ? 36  LYS A C   1 
ATOM   262  O O   . LYS A 1 44  ? -14.726 0.042   14.606  1.00 54.70 ? 36  LYS A O   1 
ATOM   263  C CB  . LYS A 1 44  ? -15.050 3.289   13.657  1.00 55.37 ? 36  LYS A CB  1 
ATOM   264  N N   . THR A 1 45  ? -15.393 0.505   12.494  1.00 53.87 ? 37  THR A N   1 
ATOM   265  C CA  . THR A 1 45  ? -16.249 -0.697  12.387  1.00 53.46 ? 37  THR A CA  1 
ATOM   266  C C   . THR A 1 45  ? -15.504 -1.961  11.990  1.00 50.94 ? 37  THR A C   1 
ATOM   267  O O   . THR A 1 45  ? -15.993 -3.063  12.239  1.00 53.34 ? 37  THR A O   1 
ATOM   268  C CB  . THR A 1 45  ? -17.412 -0.466  11.399  1.00 53.68 ? 37  THR A CB  1 
ATOM   269  O OG1 . THR A 1 45  ? -16.907 -0.157  10.091  1.00 53.30 ? 37  THR A OG1 1 
ATOM   270  C CG2 . THR A 1 45  ? -18.232 0.760   11.806  1.00 53.88 ? 37  THR A CG2 1 
ATOM   271  N N   . GLY A 1 46  ? -14.333 -1.805  11.367  1.00 48.29 ? 38  GLY A N   1 
ATOM   272  C CA  . GLY A 1 46  ? -13.562 -2.943  10.853  1.00 42.60 ? 38  GLY A CA  1 
ATOM   273  C C   . GLY A 1 46  ? -14.195 -3.605  9.633   1.00 37.51 ? 38  GLY A C   1 
ATOM   274  O O   . GLY A 1 46  ? -13.810 -4.701  9.258   1.00 36.23 ? 38  GLY A O   1 
ATOM   275  N N   . LEU A 1 47  ? -15.161 -2.944  8.998   1.00 34.47 ? 39  LEU A N   1 
ATOM   276  C CA  . LEU A 1 47  ? -15.800 -3.516  7.805   1.00 32.51 ? 39  LEU A CA  1 
ATOM   277  C C   . LEU A 1 47  ? -15.248 -2.872  6.535   1.00 28.34 ? 39  LEU A C   1 
ATOM   278  O O   . LEU A 1 47  ? -14.649 -1.777  6.581   1.00 30.06 ? 39  LEU A O   1 
ATOM   279  C CB  . LEU A 1 47  ? -17.313 -3.348  7.860   1.00 35.81 ? 39  LEU A CB  1 
ATOM   280  C CG  . LEU A 1 47  ? -18.085 -3.978  9.032   1.00 36.00 ? 39  LEU A CG  1 
ATOM   281  C CD1 . LEU A 1 47  ? -19.428 -3.292  9.181   1.00 35.40 ? 39  LEU A CD1 1 
ATOM   282  C CD2 . LEU A 1 47  ? -18.274 -5.458  8.822   1.00 34.97 ? 39  LEU A CD2 1 
ATOM   283  N N   . LEU A 1 48  ? -15.423 -3.566  5.404   1.00 27.75 ? 40  LEU A N   1 
ATOM   284  C CA  . LEU A 1 48  ? -15.071 -3.016  4.076   1.00 24.43 ? 40  LEU A CA  1 
ATOM   285  C C   . LEU A 1 48  ? -16.142 -2.051  3.612   1.00 23.06 ? 40  LEU A C   1 
ATOM   286  O O   . LEU A 1 48  ? -17.309 -2.373  3.584   1.00 26.24 ? 40  LEU A O   1 
ATOM   287  C CB  . LEU A 1 48  ? -14.931 -4.110  3.022   1.00 24.62 ? 40  LEU A CB  1 
ATOM   288  C CG  . LEU A 1 48  ? -14.181 -3.690  1.768   1.00 22.81 ? 40  LEU A CG  1 
ATOM   289  C CD1 . LEU A 1 48  ? -12.644 -3.638  2.044   1.00 22.85 ? 40  LEU A CD1 1 
ATOM   290  C CD2 . LEU A 1 48  ? -14.500 -4.637  0.622   1.00 23.10 ? 40  LEU A CD2 1 
ATOM   291  N N   . LYS A 1 49  ? -15.715 -0.866  3.230   1.00 25.05 ? 41  LYS A N   1 
ATOM   292  C CA  . LYS A 1 49  ? -16.583 0.130   2.705   1.00 25.07 ? 41  LYS A CA  1 
ATOM   293  C C   . LYS A 1 49  ? -16.154 0.498   1.283   1.00 21.01 ? 41  LYS A C   1 
ATOM   294  O O   . LYS A 1 49  ? -14.964 0.484   0.937   1.00 19.01 ? 41  LYS A O   1 
ATOM   295  C CB  . LYS A 1 49  ? -16.522 1.372   3.623   1.00 29.92 ? 41  LYS A CB  1 
ATOM   296  C CG  . LYS A 1 49  ? -17.373 2.507   3.140   1.00 33.96 ? 41  LYS A CG  1 
ATOM   297  C CD  . LYS A 1 49  ? -17.854 3.418   4.255   1.00 38.71 ? 41  LYS A CD  1 
ATOM   298  C CE  . LYS A 1 49  ? -18.376 4.732   3.682   1.00 40.57 ? 41  LYS A CE  1 
ATOM   299  N NZ  . LYS A 1 49  ? -17.309 5.434   2.871   1.00 42.41 ? 41  LYS A NZ  1 
ATOM   300  N N   . LEU A 1 50  ? -17.128 0.843   0.467   1.00 19.43 ? 42  LEU A N   1 
ATOM   301  C CA  . LEU A 1 50  ? -16.840 1.378   -0.830  1.00 21.95 ? 42  LEU A CA  1 
ATOM   302  C C   . LEU A 1 50  ? -16.602 2.852   -0.613  1.00 25.69 ? 42  LEU A C   1 
ATOM   303  O O   . LEU A 1 50  ? -17.530 3.595   -0.295  1.00 23.25 ? 42  LEU A O   1 
ATOM   304  C CB  . LEU A 1 50  ? -17.980 1.141   -1.816  1.00 20.07 ? 42  LEU A CB  1 
ATOM   305  C CG  . LEU A 1 50  ? -17.746 1.809   -3.186  1.00 22.61 ? 42  LEU A CG  1 
ATOM   306  C CD1 . LEU A 1 50  ? -16.782 0.937   -4.100  1.00 19.65 ? 42  LEU A CD1 1 
ATOM   307  C CD2 . LEU A 1 50  ? -19.054 2.175   -3.872  1.00 18.35 ? 42  LEU A CD2 1 
ATOM   308  N N   . ASP A 1 51  ? -15.343 3.261   -0.757  1.00 25.74 ? 43  ASP A N   1 
ATOM   309  C CA  . ASP A 1 51  ? -14.991 4.651   -0.683  1.00 26.51 ? 43  ASP A CA  1 
ATOM   310  C C   . ASP A 1 51  ? -15.516 5.370   -1.936  1.00 27.66 ? 43  ASP A C   1 
ATOM   311  O O   . ASP A 1 51  ? -16.266 6.341   -1.828  1.00 21.69 ? 43  ASP A O   1 
ATOM   312  C CB  . ASP A 1 51  ? -13.474 4.818   -0.554  1.00 28.29 ? 43  ASP A CB  1 
ATOM   313  C CG  . ASP A 1 51  ? -13.085 6.253   -0.397  1.00 33.71 ? 43  ASP A CG  1 
ATOM   314  O OD1 . ASP A 1 51  ? -12.310 6.789   -1.220  1.00 38.13 ? 43  ASP A OD1 1 
ATOM   315  O OD2 . ASP A 1 51  ? -13.551 6.952   0.522   1.00 39.63 ? 43  ASP A OD2 1 
ATOM   316  N N   . ARG A 1 52  ? -15.130 4.885   -3.114  1.00 26.05 ? 44  ARG A N   1 
ATOM   317  C CA  . ARG A 1 52  ? -15.636 5.428   -4.373  1.00 28.32 ? 44  ARG A CA  1 
ATOM   318  C C   . ARG A 1 52  ? -15.440 4.473   -5.546  1.00 25.79 ? 44  ARG A C   1 
ATOM   319  O O   . ARG A 1 52  ? -14.711 3.502   -5.458  1.00 24.37 ? 44  ARG A O   1 
ATOM   320  C CB  . ARG A 1 52  ? -14.969 6.769   -4.695  1.00 31.12 ? 44  ARG A CB  1 
ATOM   321  C CG  . ARG A 1 52  ? -13.575 6.675   -5.310  1.00 33.80 ? 44  ARG A CG  1 
ATOM   322  C CD  . ARG A 1 52  ? -12.818 7.984   -5.299  1.00 34.52 ? 44  ARG A CD  1 
ATOM   323  N NE  . ARG A 1 52  ? -12.349 8.312   -3.952  1.00 37.39 ? 44  ARG A NE  1 
ATOM   324  C CZ  . ARG A 1 52  ? -11.653 9.411   -3.626  1.00 37.66 ? 44  ARG A CZ  1 
ATOM   325  N NH1 . ARG A 1 52  ? -11.344 10.315  -4.542  1.00 40.72 ? 44  ARG A NH1 1 
ATOM   326  N NH2 . ARG A 1 52  ? -11.271 9.604   -2.373  1.00 35.28 ? 44  ARG A NH2 1 
ATOM   327  N N   . VAL A 1 53  ? -16.159 4.750   -6.622  1.00 24.59 ? 45  VAL A N   1 
ATOM   328  C CA  . VAL A 1 53  ? -15.895 4.175   -7.920  1.00 23.16 ? 45  VAL A CA  1 
ATOM   329  C C   . VAL A 1 53  ? -15.004 5.175   -8.643  1.00 23.07 ? 45  VAL A C   1 
ATOM   330  O O   . VAL A 1 53  ? -15.351 6.349   -8.728  1.00 20.45 ? 45  VAL A O   1 
ATOM   331  C CB  . VAL A 1 53  ? -17.182 3.973   -8.716  1.00 19.54 ? 45  VAL A CB  1 
ATOM   332  C CG1 . VAL A 1 53  ? -16.869 3.486   -10.116 1.00 21.19 ? 45  VAL A CG1 1 
ATOM   333  C CG2 . VAL A 1 53  ? -18.111 3.004   -7.974  1.00 19.10 ? 45  VAL A CG2 1 
ATOM   334  N N   . LEU A 1 54  ? -13.853 4.710   -9.133  1.00 21.47 ? 46  LEU A N   1 
ATOM   335  C CA  . LEU A 1 54  ? -12.924 5.585   -9.806  1.00 22.43 ? 46  LEU A CA  1 
ATOM   336  C C   . LEU A 1 54  ? -13.617 6.206   -11.002 1.00 20.03 ? 46  LEU A C   1 
ATOM   337  O O   . LEU A 1 54  ? -14.351 5.529   -11.705 1.00 18.58 ? 46  LEU A O   1 
ATOM   338  C CB  . LEU A 1 54  ? -11.664 4.854   -10.263 1.00 20.46 ? 46  LEU A CB  1 
ATOM   339  C CG  . LEU A 1 54  ? -10.769 4.235   -9.208  1.00 19.26 ? 46  LEU A CG  1 
ATOM   340  C CD1 . LEU A 1 54  ? -9.522  3.622   -9.862  1.00 15.85 ? 46  LEU A CD1 1 
ATOM   341  C CD2 . LEU A 1 54  ? -10.403 5.238   -8.147  1.00 20.29 ? 46  LEU A CD2 1 
ATOM   342  N N   . TYR A 1 55  ? -13.349 7.489   -11.244 1.00 20.77 ? 47  TYR A N   1 
ATOM   343  C CA  . TYR A 1 55  ? -14.074 8.268   -12.284 1.00 22.68 ? 47  TYR A CA  1 
ATOM   344  C C   . TYR A 1 55  ? -13.639 7.882   -13.696 1.00 21.77 ? 47  TYR A C   1 
ATOM   345  O O   . TYR A 1 55  ? -14.286 8.251   -14.689 1.00 21.12 ? 47  TYR A O   1 
ATOM   346  C CB  . TYR A 1 55  ? -13.830 9.799   -12.093 1.00 28.51 ? 47  TYR A CB  1 
ATOM   347  C CG  . TYR A 1 55  ? -14.688 10.486  -11.021 1.00 29.87 ? 47  TYR A CG  1 
ATOM   348  C CD1 . TYR A 1 55  ? -14.852 9.928   -9.765  1.00 30.76 ? 47  TYR A CD1 1 
ATOM   349  C CD2 . TYR A 1 55  ? -15.296 11.736  -11.270 1.00 31.80 ? 47  TYR A CD2 1 
ATOM   350  C CE1 . TYR A 1 55  ? -15.628 10.574  -8.766  1.00 33.80 ? 47  TYR A CE1 1 
ATOM   351  C CE2 . TYR A 1 55  ? -16.079 12.391  -10.283 1.00 32.27 ? 47  TYR A CE2 1 
ATOM   352  C CZ  . TYR A 1 55  ? -16.237 11.799  -9.042  1.00 33.31 ? 47  TYR A CZ  1 
ATOM   353  O OH  . TYR A 1 55  ? -17.004 12.406  -8.069  1.00 34.24 ? 47  TYR A OH  1 
ATOM   354  N N   . SER A 1 56  ? -12.523 7.175   -13.796 1.00 18.08 ? 48  SER A N   1 
ATOM   355  C CA  . SER A 1 56  ? -11.987 6.761   -15.064 1.00 20.79 ? 48  SER A CA  1 
ATOM   356  C C   . SER A 1 56  ? -11.844 5.242   -15.096 1.00 21.33 ? 48  SER A C   1 
ATOM   357  O O   . SER A 1 56  ? -11.700 4.607   -14.037 1.00 20.88 ? 48  SER A O   1 
ATOM   358  C CB  . SER A 1 56  ? -10.597 7.362   -15.224 1.00 21.52 ? 48  SER A CB  1 
ATOM   359  O OG  . SER A 1 56  ? -10.588 8.712   -14.867 1.00 21.75 ? 48  SER A OG  1 
ATOM   360  N N   . PRO A 1 57  ? -11.802 4.671   -16.294 1.00 21.65 ? 49  PRO A N   1 
ATOM   361  C CA  . PRO A 1 57  ? -11.718 3.225   -16.448 1.00 23.30 ? 49  PRO A CA  1 
ATOM   362  C C   . PRO A 1 57  ? -10.291 2.714   -16.198 1.00 17.50 ? 49  PRO A C   1 
ATOM   363  O O   . PRO A 1 57  ? -9.613  2.264   -17.093 1.00 13.99 ? 49  PRO A O   1 
ATOM   364  C CB  . PRO A 1 57  ? -12.164 3.034   -17.893 1.00 20.61 ? 49  PRO A CB  1 
ATOM   365  C CG  . PRO A 1 57  ? -11.571 4.200   -18.585 1.00 21.70 ? 49  PRO A CG  1 
ATOM   366  C CD  . PRO A 1 57  ? -11.805 5.338   -17.611 1.00 22.86 ? 49  PRO A CD  1 
ATOM   367  N N   . PHE A 1 58  ? -9.847  2.873   -14.967 1.00 19.37 ? 50  PHE A N   1 
ATOM   368  C CA  . PHE A 1 58  ? -8.574  2.403   -14.518 1.00 21.29 ? 50  PHE A CA  1 
ATOM   369  C C   . PHE A 1 58  ? -8.849  1.359   -13.451 1.00 22.16 ? 50  PHE A C   1 
ATOM   370  O O   . PHE A 1 58  ? -9.930  1.365   -12.810 1.00 21.08 ? 50  PHE A O   1 
ATOM   371  C CB  . PHE A 1 58  ? -7.742  3.511   -13.862 1.00 24.94 ? 50  PHE A CB  1 
ATOM   372  C CG  . PHE A 1 58  ? -7.532  4.722   -14.697 1.00 24.39 ? 50  PHE A CG  1 
ATOM   373  C CD1 . PHE A 1 58  ? -7.814  4.744   -16.071 1.00 29.31 ? 50  PHE A CD1 1 
ATOM   374  C CD2 . PHE A 1 58  ? -7.037  5.874   -14.099 1.00 26.68 ? 50  PHE A CD2 1 
ATOM   375  C CE1 . PHE A 1 58  ? -7.584  5.897   -16.862 1.00 27.60 ? 50  PHE A CE1 1 
ATOM   376  C CE2 . PHE A 1 58  ? -6.801  7.052   -14.862 1.00 28.21 ? 50  PHE A CE2 1 
ATOM   377  C CZ  . PHE A 1 58  ? -7.072  7.056   -16.247 1.00 30.59 ? 50  PHE A CZ  1 
ATOM   378  N N   . PHE A 1 59  ? -7.866  0.484   -13.246 1.00 21.33 ? 51  PHE A N   1 
ATOM   379  C CA  . PHE A 1 59  ? -7.925  -0.519  -12.165 1.00 21.09 ? 51  PHE A CA  1 
ATOM   380  C C   . PHE A 1 59  ? -6.684  -0.476  -11.335 1.00 18.83 ? 51  PHE A C   1 
ATOM   381  O O   . PHE A 1 59  ? -5.620  -0.140  -11.843 1.00 18.82 ? 51  PHE A O   1 
ATOM   382  C CB  . PHE A 1 59  ? -8.139  -1.944  -12.708 1.00 22.38 ? 51  PHE A CB  1 
ATOM   383  C CG  . PHE A 1 59  ? -7.089  -2.419  -13.661 1.00 22.73 ? 51  PHE A CG  1 
ATOM   384  C CD1 . PHE A 1 59  ? -5.943  -3.045  -13.201 1.00 21.57 ? 51  PHE A CD1 1 
ATOM   385  C CD2 . PHE A 1 59  ? -7.257  -2.258  -15.033 1.00 23.34 ? 51  PHE A CD2 1 
ATOM   386  C CE1 . PHE A 1 59  ? -4.988  -3.504  -14.079 1.00 23.62 ? 51  PHE A CE1 1 
ATOM   387  C CE2 . PHE A 1 59  ? -6.298  -2.710  -15.914 1.00 24.03 ? 51  PHE A CE2 1 
ATOM   388  C CZ  . PHE A 1 59  ? -5.162  -3.341  -15.432 1.00 23.09 ? 51  PHE A CZ  1 
ATOM   389  N N   . TYR A 1 60  ? -6.822  -0.794  -10.044 1.00 18.80 ? 52  TYR A N   1 
ATOM   390  C CA  . TYR A 1 60  ? -5.684  -0.901  -9.167  1.00 18.04 ? 52  TYR A CA  1 
ATOM   391  C C   . TYR A 1 60  ? -4.707  -1.939  -9.734  1.00 18.92 ? 52  TYR A C   1 
ATOM   392  O O   . TYR A 1 60  ? -5.121  -3.052  -10.043 1.00 15.91 ? 52  TYR A O   1 
ATOM   393  C CB  . TYR A 1 60  ? -6.120  -1.225  -7.746  1.00 20.65 ? 52  TYR A CB  1 
ATOM   394  C CG  . TYR A 1 60  ? -6.533  0.043   -7.000  1.00 21.74 ? 52  TYR A CG  1 
ATOM   395  C CD1 . TYR A 1 60  ? -7.757  0.651   -7.245  1.00 20.34 ? 52  TYR A CD1 1 
ATOM   396  C CD2 . TYR A 1 60  ? -5.657  0.661   -6.104  1.00 20.25 ? 52  TYR A CD2 1 
ATOM   397  C CE1 . TYR A 1 60  ? -8.122  1.828   -6.601  1.00 20.86 ? 52  TYR A CE1 1 
ATOM   398  C CE2 . TYR A 1 60  ? -6.011  1.824   -5.449  1.00 22.63 ? 52  TYR A CE2 1 
ATOM   399  C CZ  . TYR A 1 60  ? -7.236  2.407   -5.690  1.00 23.44 ? 52  TYR A CZ  1 
ATOM   400  O OH  . TYR A 1 60  ? -7.554  3.567   -5.024  1.00 22.74 ? 52  TYR A OH  1 
ATOM   401  N N   . PRO A 1 61  ? -3.439  -1.556  -9.939  1.00 17.68 ? 53  PRO A N   1 
ATOM   402  C CA  . PRO A 1 61  ? -2.417  -2.459  -10.549 1.00 18.80 ? 53  PRO A CA  1 
ATOM   403  C C   . PRO A 1 61  ? -1.783  -3.452  -9.617  1.00 18.60 ? 53  PRO A C   1 
ATOM   404  O O   . PRO A 1 61  ? -1.004  -4.297  -10.053 1.00 23.17 ? 53  PRO A O   1 
ATOM   405  C CB  . PRO A 1 61  ? -1.353  -1.483  -11.052 1.00 18.82 ? 53  PRO A CB  1 
ATOM   406  C CG  . PRO A 1 61  ? -1.416  -0.358  -10.093 1.00 18.61 ? 53  PRO A CG  1 
ATOM   407  C CD  . PRO A 1 61  ? -2.890  -0.215  -9.702  1.00 18.83 ? 53  PRO A CD  1 
ATOM   408  N N   . VAL A 1 62  ? -2.120  -3.337  -8.337  1.00 22.30 ? 54  VAL A N   1 
ATOM   409  C CA  . VAL A 1 62  ? -1.562  -4.124  -7.262  1.00 21.09 ? 54  VAL A CA  1 
ATOM   410  C C   . VAL A 1 62  ? -2.689  -4.449  -6.313  1.00 18.14 ? 54  VAL A C   1 
ATOM   411  O O   . VAL A 1 62  ? -3.691  -3.748  -6.290  1.00 21.69 ? 54  VAL A O   1 
ATOM   412  C CB  . VAL A 1 62  ? -0.479  -3.307  -6.429  1.00 22.39 ? 54  VAL A CB  1 
ATOM   413  C CG1 . VAL A 1 62  ? 0.772   -3.090  -7.219  1.00 24.90 ? 54  VAL A CG1 1 
ATOM   414  C CG2 . VAL A 1 62  ? -1.045  -1.980  -5.911  1.00 24.95 ? 54  VAL A CG2 1 
ATOM   415  N N   . ASP A 1 63  ? -2.492  -5.472  -5.488  1.00 17.42 ? 55  ASP A N   1 
ATOM   416  C CA  . ASP A 1 63  ? -3.314  -5.680  -4.304  1.00 18.87 ? 55  ASP A CA  1 
ATOM   417  C C   . ASP A 1 63  ? -2.989  -4.557  -3.267  1.00 22.28 ? 55  ASP A C   1 
ATOM   418  O O   . ASP A 1 63  ? -1.870  -4.412  -2.836  1.00 22.20 ? 55  ASP A O   1 
ATOM   419  C CB  . ASP A 1 63  ? -3.085  -7.067  -3.711  1.00 16.15 ? 55  ASP A CB  1 
ATOM   420  C CG  . ASP A 1 63  ? -3.839  -8.157  -4.460  1.00 20.37 ? 55  ASP A CG  1 
ATOM   421  O OD1 . ASP A 1 63  ? -4.024  -9.256  -3.870  1.00 27.07 ? 55  ASP A OD1 1 
ATOM   422  O OD2 . ASP A 1 63  ? -4.307  -8.013  -5.613  1.00 20.18 ? 55  ASP A OD2 1 
ATOM   423  N N   . TYR A 1 64  ? -4.004  -3.794  -2.889  1.00 22.64 ? 56  TYR A N   1 
ATOM   424  C CA  . TYR A 1 64  ? -3.839  -2.519  -2.205  1.00 24.74 ? 56  TYR A CA  1 
ATOM   425  C C   . TYR A 1 64  ? -4.502  -2.580  -0.823  1.00 25.29 ? 56  TYR A C   1 
ATOM   426  O O   . TYR A 1 64  ? -5.641  -3.037  -0.674  1.00 17.16 ? 56  TYR A O   1 
ATOM   427  C CB  . TYR A 1 64  ? -4.466  -1.437  -3.045  1.00 26.67 ? 56  TYR A CB  1 
ATOM   428  C CG  . TYR A 1 64  ? -4.268  -0.006  -2.576  1.00 28.46 ? 56  TYR A CG  1 
ATOM   429  C CD1 . TYR A 1 64  ? -3.100  0.702   -2.892  1.00 29.69 ? 56  TYR A CD1 1 
ATOM   430  C CD2 . TYR A 1 64  ? -5.273  0.663   -1.885  1.00 28.88 ? 56  TYR A CD2 1 
ATOM   431  C CE1 . TYR A 1 64  ? -2.930  2.034   -2.512  1.00 29.31 ? 56  TYR A CE1 1 
ATOM   432  C CE2 . TYR A 1 64  ? -5.123  1.995   -1.488  1.00 32.46 ? 56  TYR A CE2 1 
ATOM   433  C CZ  . TYR A 1 64  ? -3.946  2.684   -1.814  1.00 31.65 ? 56  TYR A CZ  1 
ATOM   434  O OH  . TYR A 1 64  ? -3.792  3.994   -1.431  1.00 31.74 ? 56  TYR A OH  1 
ATOM   435  N N   . GLY A 1 65  ? -3.776  -2.092  0.175   1.00 20.90 ? 57  GLY A N   1 
ATOM   436  C CA  . GLY A 1 65  ? -4.191  -2.230  1.558   1.00 22.96 ? 57  GLY A CA  1 
ATOM   437  C C   . GLY A 1 65  ? -3.379  -1.395  2.542   1.00 21.38 ? 57  GLY A C   1 
ATOM   438  O O   . GLY A 1 65  ? -2.808  -0.350  2.202   1.00 19.58 ? 57  GLY A O   1 
ATOM   439  N N   . ILE A 1 66  ? -3.364  -1.850  3.779   1.00 22.37 ? 58  ILE A N   1 
ATOM   440  C CA  . ILE A 1 66  ? -2.771  -1.097  4.875   1.00 23.34 ? 58  ILE A CA  1 
ATOM   441  C C   . ILE A 1 66  ? -2.071  -2.039  5.822   1.00 21.58 ? 58  ILE A C   1 
ATOM   442  O O   . ILE A 1 66  ? -2.442  -3.215  5.941   1.00 23.31 ? 58  ILE A O   1 
ATOM   443  C CB  . ILE A 1 66  ? -3.870  -0.320  5.645   1.00 21.23 ? 58  ILE A CB  1 
ATOM   444  C CG1 . ILE A 1 66  ? -4.946  -1.280  6.176   1.00 21.14 ? 58  ILE A CG1 1 
ATOM   445  C CG2 . ILE A 1 66  ? -4.495  0.749   4.747   1.00 20.39 ? 58  ILE A CG2 1 
ATOM   446  C CD1 . ILE A 1 66  ? -5.826  -0.676  7.311   1.00 24.61 ? 58  ILE A CD1 1 
ATOM   447  N N   . ILE A 1 67  ? -1.091  -1.500  6.535   1.00 23.04 ? 59  ILE A N   1 
ATOM   448  C CA  . ILE A 1 67  ? -0.409  -2.225  7.594   1.00 23.96 ? 59  ILE A CA  1 
ATOM   449  C C   . ILE A 1 67  ? -1.123  -1.931  8.913   1.00 25.39 ? 59  ILE A C   1 
ATOM   450  O O   . ILE A 1 67  ? -1.368  -0.756  9.231   1.00 29.28 ? 59  ILE A O   1 
ATOM   451  C CB  . ILE A 1 67  ? 1.125   -1.798  7.627   1.00 25.06 ? 59  ILE A CB  1 
ATOM   452  C CG1 . ILE A 1 67  ? 1.761   -2.035  6.253   1.00 24.69 ? 59  ILE A CG1 1 
ATOM   453  C CG2 . ILE A 1 67  ? 1.894   -2.618  8.646   1.00 23.08 ? 59  ILE A CG2 1 
ATOM   454  C CD1 . ILE A 1 67  ? 3.009   -1.226  5.964   1.00 24.87 ? 59  ILE A CD1 1 
ATOM   455  N N   . PRO A 1 68  ? -1.457  -2.970  9.686   1.00 26.67 ? 60  PRO A N   1 
ATOM   456  C CA  . PRO A 1 68  ? -2.060  -2.773  11.009  1.00 29.40 ? 60  PRO A CA  1 
ATOM   457  C C   . PRO A 1 68  ? -1.148  -1.951  11.922  1.00 30.75 ? 60  PRO A C   1 
ATOM   458  O O   . PRO A 1 68  ? 0.082   -2.035  11.791  1.00 28.16 ? 60  PRO A O   1 
ATOM   459  C CB  . PRO A 1 68  ? -2.166  -4.190  11.590  1.00 30.57 ? 60  PRO A CB  1 
ATOM   460  C CG  . PRO A 1 68  ? -1.634  -5.149  10.557  1.00 29.33 ? 60  PRO A CG  1 
ATOM   461  C CD  . PRO A 1 68  ? -1.189  -4.391  9.395   1.00 27.29 ? 60  PRO A CD  1 
ATOM   462  N N   . ARG A 1 69  ? -1.756  -1.154  12.808  1.00 32.88 ? 61  ARG A N   1 
ATOM   463  C CA  . ARG A 1 69  ? -1.036  -0.395  13.858  1.00 33.10 ? 61  ARG A CA  1 
ATOM   464  C C   . ARG A 1 69  ? 0.083   0.468   13.295  1.00 31.21 ? 61  ARG A C   1 
ATOM   465  O O   . ARG A 1 69  ? 1.215   0.446   13.768  1.00 33.87 ? 61  ARG A O   1 
ATOM   466  C CB  . ARG A 1 69  ? -0.494  -1.331  14.931  1.00 34.38 ? 61  ARG A CB  1 
ATOM   467  C CG  . ARG A 1 69  ? -1.564  -2.023  15.754  1.00 34.46 ? 61  ARG A CG  1 
ATOM   468  C CD  . ARG A 1 69  ? -0.987  -2.888  16.829  1.00 36.35 ? 61  ARG A CD  1 
ATOM   469  N NE  . ARG A 1 69  ? -2.012  -3.579  17.593  1.00 38.46 ? 61  ARG A NE  1 
ATOM   470  C CZ  . ARG A 1 69  ? -1.790  -4.637  18.393  1.00 41.43 ? 61  ARG A CZ  1 
ATOM   471  N NH1 . ARG A 1 69  ? -2.811  -5.187  19.046  1.00 40.33 ? 61  ARG A NH1 1 
ATOM   472  N NH2 . ARG A 1 69  ? -0.558  -5.140  18.564  1.00 43.48 ? 61  ARG A NH2 1 
ATOM   473  N N   . THR A 1 70  ? -0.259  1.196   12.249  1.00 30.01 ? 62  THR A N   1 
ATOM   474  C CA  . THR A 1 70  ? 0.585   2.197   11.693  1.00 29.48 ? 62  THR A CA  1 
ATOM   475  C C   . THR A 1 70  ? -0.252  3.450   11.562  1.00 31.45 ? 62  THR A C   1 
ATOM   476  O O   . THR A 1 70  ? -1.471  3.392   11.398  1.00 27.86 ? 62  THR A O   1 
ATOM   477  C CB  . THR A 1 70  ? 1.128   1.773   10.297  1.00 28.66 ? 62  THR A CB  1 
ATOM   478  O OG1 . THR A 1 70  ? 0.037   1.532   9.396   1.00 27.44 ? 62  THR A OG1 1 
ATOM   479  C CG2 . THR A 1 70  ? 1.881   0.467   10.382  1.00 24.26 ? 62  THR A CG2 1 
ATOM   480  N N   . TRP A 1 71  ? 0.417   4.582   11.634  1.00 32.55 ? 63  TRP A N   1 
ATOM   481  C CA  . TRP A 1 71  ? -0.226  5.847   11.458  1.00 36.69 ? 63  TRP A CA  1 
ATOM   482  C C   . TRP A 1 71  ? 0.800   6.618   10.694  1.00 39.77 ? 63  TRP A C   1 
ATOM   483  O O   . TRP A 1 71  ? 1.978   6.539   11.011  1.00 44.95 ? 63  TRP A O   1 
ATOM   484  C CB  . TRP A 1 71  ? -0.528  6.465   12.822  1.00 41.55 ? 63  TRP A CB  1 
ATOM   485  C CG  . TRP A 1 71  ? -1.648  7.472   12.810  1.00 42.20 ? 63  TRP A CG  1 
ATOM   486  C CD1 . TRP A 1 71  ? -1.553  8.808   13.083  1.00 41.76 ? 63  TRP A CD1 1 
ATOM   487  C CD2 . TRP A 1 71  ? -3.024  7.222   12.496  1.00 42.56 ? 63  TRP A CD2 1 
ATOM   488  N NE1 . TRP A 1 71  ? -2.785  9.403   12.952  1.00 43.16 ? 63  TRP A NE1 1 
ATOM   489  C CE2 . TRP A 1 71  ? -3.709  8.455   12.598  1.00 43.49 ? 63  TRP A CE2 1 
ATOM   490  C CE3 . TRP A 1 71  ? -3.747  6.083   12.127  1.00 41.13 ? 63  TRP A CE3 1 
ATOM   491  C CZ2 . TRP A 1 71  ? -5.076  8.580   12.347  1.00 41.64 ? 63  TRP A CZ2 1 
ATOM   492  C CZ3 . TRP A 1 71  ? -5.103  6.206   11.876  1.00 42.37 ? 63  TRP A CZ3 1 
ATOM   493  C CH2 . TRP A 1 71  ? -5.754  7.452   11.992  1.00 42.96 ? 63  TRP A CH2 1 
ATOM   494  N N   . TYR A 1 72  ? 0.386   7.313   9.654   1.00 40.45 ? 64  TYR A N   1 
ATOM   495  C CA  . TYR A 1 72  ? 1.342   7.933   8.741   1.00 43.20 ? 64  TYR A CA  1 
ATOM   496  C C   . TYR A 1 72  ? 1.094   9.442   8.618   1.00 40.23 ? 64  TYR A C   1 
ATOM   497  O O   . TYR A 1 72  ? -0.029  9.874   8.728   1.00 43.05 ? 64  TYR A O   1 
ATOM   498  C CB  . TYR A 1 72  ? 1.251   7.249   7.368   1.00 42.85 ? 64  TYR A CB  1 
ATOM   499  C CG  . TYR A 1 72  ? 2.108   7.920   6.318   1.00 43.47 ? 64  TYR A CG  1 
ATOM   500  C CD1 . TYR A 1 72  ? 3.495   7.741   6.296   1.00 40.38 ? 64  TYR A CD1 1 
ATOM   501  C CD2 . TYR A 1 72  ? 1.531   8.760   5.360   1.00 45.26 ? 64  TYR A CD2 1 
ATOM   502  C CE1 . TYR A 1 72  ? 4.283   8.373   5.346   1.00 38.85 ? 64  TYR A CE1 1 
ATOM   503  C CE2 . TYR A 1 72  ? 2.310   9.394   4.397   1.00 44.31 ? 64  TYR A CE2 1 
ATOM   504  C CZ  . TYR A 1 72  ? 3.685   9.194   4.397   1.00 42.03 ? 64  TYR A CZ  1 
ATOM   505  O OH  . TYR A 1 72  ? 4.434   9.841   3.440   1.00 42.64 ? 64  TYR A OH  1 
ATOM   506  N N   . GLU A 1 73  ? 2.157   10.221  8.403   0.50 37.74 ? 65  GLU A N   1 
ATOM   507  C CA  . GLU A 1 73  ? 2.060   11.676  8.186   0.50 34.94 ? 65  GLU A CA  1 
ATOM   508  C C   . GLU A 1 73  ? 0.879   12.339  8.889   0.50 32.71 ? 65  GLU A C   1 
ATOM   509  O O   . GLU A 1 73  ? 0.598   12.060  10.058  0.50 32.99 ? 65  GLU A O   1 
ATOM   510  C CB  . GLU A 1 73  ? 1.985   11.976  6.692   0.50 34.72 ? 65  GLU A CB  1 
ATOM   511  N N   . ASP A 1 75  ? -2.525  11.421  8.918   0.50 23.33 ? 67  ASP A N   1 
ATOM   512  C CA  . ASP A 1 75  ? -3.610  11.067  9.832   0.50 25.70 ? 67  ASP A CA  1 
ATOM   513  C C   . ASP A 1 75  ? -4.376  9.861   9.309   0.50 26.92 ? 67  ASP A C   1 
ATOM   514  O O   . ASP A 1 75  ? -5.607  9.890   9.217   0.50 28.94 ? 67  ASP A O   1 
ATOM   515  C CB  . ASP A 1 75  ? -4.562  12.261  10.015  0.50 27.81 ? 67  ASP A CB  1 
ATOM   516  N N   . ASP A 1 76  ? -3.648  8.801   8.957   1.00 29.52 ? 68  ASP A N   1 
ATOM   517  C CA  . ASP A 1 76  ? -4.256  7.579   8.360   1.00 33.18 ? 68  ASP A CA  1 
ATOM   518  C C   . ASP A 1 76  ? -3.314  6.381   8.489   1.00 32.51 ? 68  ASP A C   1 
ATOM   519  O O   . ASP A 1 76  ? -2.131  6.578   8.728   1.00 29.17 ? 68  ASP A O   1 
ATOM   520  C CB  . ASP A 1 76  ? -4.615  7.813   6.868   1.00 36.96 ? 68  ASP A CB  1 
ATOM   521  C CG  . ASP A 1 76  ? -6.131  8.009   6.630   1.00 41.53 ? 68  ASP A CG  1 
ATOM   522  O OD1 . ASP A 1 76  ? -6.952  7.506   7.437   1.00 48.23 ? 68  ASP A OD1 1 
ATOM   523  O OD2 . ASP A 1 76  ? -6.607  8.636   5.659   1.00 45.70 ? 68  ASP A OD2 1 
ATOM   524  N N   . PRO A 1 77  ? -3.813  5.140   8.329   1.00 28.98 ? 69  PRO A N   1 
ATOM   525  C CA  . PRO A 1 77  ? -2.921  3.966   8.295   1.00 27.27 ? 69  PRO A CA  1 
ATOM   526  C C   . PRO A 1 77  ? -1.925  4.046   7.149   1.00 24.01 ? 69  PRO A C   1 
ATOM   527  O O   . PRO A 1 77  ? -2.210  4.687   6.171   1.00 23.13 ? 69  PRO A O   1 
ATOM   528  C CB  . PRO A 1 77  ? -3.880  2.796   8.086   1.00 28.92 ? 69  PRO A CB  1 
ATOM   529  C CG  . PRO A 1 77  ? -5.211  3.313   8.585   1.00 29.06 ? 69  PRO A CG  1 
ATOM   530  C CD  . PRO A 1 77  ? -5.222  4.754   8.181   1.00 29.28 ? 69  PRO A CD  1 
ATOM   531  N N   . PHE A 1 78  ? -0.776  3.395   7.286   1.00 25.40 ? 70  PHE A N   1 
ATOM   532  C CA  . PHE A 1 78  ? 0.240   3.388   6.253   1.00 26.77 ? 70  PHE A CA  1 
ATOM   533  C C   . PHE A 1 78  ? -0.136  2.355   5.185   1.00 25.55 ? 70  PHE A C   1 
ATOM   534  O O   . PHE A 1 78  ? -0.450  1.214   5.500   1.00 23.05 ? 70  PHE A O   1 
ATOM   535  C CB  . PHE A 1 78  ? 1.627   3.087   6.870   1.00 29.66 ? 70  PHE A CB  1 
ATOM   536  C CG  . PHE A 1 78  ? 2.830   3.486   5.994   1.00 28.74 ? 70  PHE A CG  1 
ATOM   537  C CD1 . PHE A 1 78  ? 4.078   2.929   6.240   1.00 29.12 ? 70  PHE A CD1 1 
ATOM   538  C CD2 . PHE A 1 78  ? 2.726   4.418   4.963   1.00 32.20 ? 70  PHE A CD2 1 
ATOM   539  C CE1 . PHE A 1 78  ? 5.197   3.275   5.455   1.00 29.86 ? 70  PHE A CE1 1 
ATOM   540  C CE2 . PHE A 1 78  ? 3.848   4.764   4.185   1.00 30.98 ? 70  PHE A CE2 1 
ATOM   541  C CZ  . PHE A 1 78  ? 5.067   4.193   4.436   1.00 30.43 ? 70  PHE A CZ  1 
ATOM   542  N N   . ASP A 1 79  ? -0.128  2.800   3.937   1.00 27.27 ? 71  ASP A N   1 
ATOM   543  C CA  . ASP A 1 79  ? -0.603  2.022   2.786   1.00 25.94 ? 71  ASP A CA  1 
ATOM   544  C C   . ASP A 1 79  ? 0.462   1.094   2.274   1.00 26.44 ? 71  ASP A C   1 
ATOM   545  O O   . ASP A 1 79  ? 1.695   1.382   2.290   1.00 24.18 ? 71  ASP A O   1 
ATOM   546  C CB  . ASP A 1 79  ? -0.977  2.941   1.606   1.00 27.88 ? 71  ASP A CB  1 
ATOM   547  C CG  . ASP A 1 79  ? -2.149  3.825   1.888   1.00 28.91 ? 71  ASP A CG  1 
ATOM   548  O OD1 . ASP A 1 79  ? -2.190  4.928   1.271   1.00 30.84 ? 71  ASP A OD1 1 
ATOM   549  O OD2 . ASP A 1 79  ? -3.072  3.519   2.692   1.00 27.35 ? 71  ASP A OD2 1 
ATOM   550  N N   . ILE A 1 80  ? 0.005   -0.034  1.787   1.00 22.12 ? 72  ILE A N   1 
ATOM   551  C CA  . ILE A 1 80  ? 0.916   -1.018  1.241   1.00 21.97 ? 72  ILE A CA  1 
ATOM   552  C C   . ILE A 1 80  ? 0.304   -1.601  -0.043  1.00 22.57 ? 72  ILE A C   1 
ATOM   553  O O   . ILE A 1 80  ? -0.906  -1.871  -0.113  1.00 21.08 ? 72  ILE A O   1 
ATOM   554  C CB  . ILE A 1 80  ? 1.261   -2.087  2.309   1.00 20.96 ? 72  ILE A CB  1 
ATOM   555  C CG1 . ILE A 1 80  ? 2.274   -3.088  1.759   1.00 20.87 ? 72  ILE A CG1 1 
ATOM   556  C CG2 . ILE A 1 80  ? 0.020   -2.810  2.831   1.00 19.87 ? 72  ILE A CG2 1 
ATOM   557  C CD1 . ILE A 1 80  ? 2.913   -3.887  2.781   1.00 21.62 ? 72  ILE A CD1 1 
ATOM   558  N N   . MET A 1 81  ? 1.154   -1.722  -1.052  1.00 20.48 ? 73  MET A N   1 
ATOM   559  C CA  . MET A 1 81  ? 0.838   -2.307  -2.326  1.00 22.37 ? 73  MET A CA  1 
ATOM   560  C C   . MET A 1 81  ? 1.564   -3.649  -2.381  1.00 23.19 ? 73  MET A C   1 
ATOM   561  O O   . MET A 1 81  ? 2.777   -3.713  -2.236  1.00 22.37 ? 73  MET A O   1 
ATOM   562  C CB  . MET A 1 81  ? 1.324   -1.409  -3.457  1.00 19.94 ? 73  MET A CB  1 
ATOM   563  C CG  . MET A 1 81  ? 0.744   -0.033  -3.394  1.00 24.49 ? 73  MET A CG  1 
ATOM   564  S SD  . MET A 1 81  ? 1.370   1.109   -4.653  1.00 25.60 ? 73  MET A SD  1 
ATOM   565  C CE  . MET A 1 81  ? 3.119   1.174   -4.296  1.00 24.14 ? 73  MET A CE  1 
ATOM   566  N N   . VAL A 1 82  ? 0.807   -4.718  -2.550  1.00 20.56 ? 74  VAL A N   1 
ATOM   567  C CA  . VAL A 1 82  ? 1.386   -6.061  -2.605  1.00 22.60 ? 74  VAL A CA  1 
ATOM   568  C C   . VAL A 1 82  ? 1.199   -6.612  -4.005  1.00 21.96 ? 74  VAL A C   1 
ATOM   569  O O   . VAL A 1 82  ? 0.066   -6.667  -4.530  1.00 21.61 ? 74  VAL A O   1 
ATOM   570  C CB  . VAL A 1 82  ? 0.763   -7.006  -1.586  1.00 17.64 ? 74  VAL A CB  1 
ATOM   571  C CG1 . VAL A 1 82  ? 1.507   -8.336  -1.587  1.00 20.60 ? 74  VAL A CG1 1 
ATOM   572  C CG2 . VAL A 1 82  ? 0.831   -6.390  -0.190  1.00 18.42 ? 74  VAL A CG2 1 
ATOM   573  N N   . ILE A 1 83  ? 2.308   -6.984  -4.621  1.00 20.80 ? 75  ILE A N   1 
ATOM   574  C CA  . ILE A 1 83  ? 2.282   -7.542  -5.969  1.00 22.15 ? 75  ILE A CA  1 
ATOM   575  C C   . ILE A 1 83  ? 1.872   -9.003  -5.846  1.00 22.21 ? 75  ILE A C   1 
ATOM   576  O O   . ILE A 1 83  ? 2.601   -9.836  -5.293  1.00 17.48 ? 75  ILE A O   1 
ATOM   577  C CB  . ILE A 1 83  ? 3.643   -7.447  -6.676  1.00 23.72 ? 75  ILE A CB  1 
ATOM   578  C CG1 . ILE A 1 83  ? 4.179   -6.018  -6.626  1.00 24.45 ? 75  ILE A CG1 1 
ATOM   579  C CG2 . ILE A 1 83  ? 3.468   -7.917  -8.161  1.00 23.73 ? 75  ILE A CG2 1 
ATOM   580  C CD1 . ILE A 1 83  ? 5.666   -5.915  -6.860  1.00 25.95 ? 75  ILE A CD1 1 
ATOM   581  N N   . MET A 1 84  ? 0.672   -9.293  -6.332  1.00 23.62 ? 76  MET A N   1 
ATOM   582  C CA  . MET A 1 84  ? 0.119   -10.639 -6.277  1.00 20.91 ? 76  MET A CA  1 
ATOM   583  C C   . MET A 1 84  ? -0.157  -11.058 -7.715  1.00 21.24 ? 76  MET A C   1 
ATOM   584  O O   . MET A 1 84  ? -0.544  -10.239 -8.539  1.00 21.77 ? 76  MET A O   1 
ATOM   585  C CB  . MET A 1 84  ? -1.155  -10.659 -5.438  1.00 22.03 ? 76  MET A CB  1 
ATOM   586  C CG  . MET A 1 84  ? -0.948  -10.734 -3.915  1.00 20.61 ? 76  MET A CG  1 
ATOM   587  S SD  . MET A 1 84  ? -0.069  -12.185 -3.318  1.00 26.42 ? 76  MET A SD  1 
ATOM   588  C CE  . MET A 1 84  ? -1.296  -13.507 -3.409  1.00 25.44 ? 76  MET A CE  1 
ATOM   589  N N   . ARG A 1 85  ? 0.092   -12.325 -8.028  1.00 20.13 ? 77  ARG A N   1 
ATOM   590  C CA  . ARG A 1 85  ? -0.152  -12.843 -9.386  1.00 21.83 ? 77  ARG A CA  1 
ATOM   591  C C   . ARG A 1 85  ? -1.628  -13.088 -9.510  1.00 18.74 ? 77  ARG A C   1 
ATOM   592  O O   . ARG A 1 85  ? -2.248  -12.583 -10.406 1.00 21.21 ? 77  ARG A O   1 
ATOM   593  C CB  . ARG A 1 85  ? 0.654   -14.123 -9.686  1.00 18.95 ? 77  ARG A CB  1 
ATOM   594  C CG  . ARG A 1 85  ? 2.116   -13.822 -9.957  1.00 22.17 ? 77  ARG A CG  1 
ATOM   595  C CD  . ARG A 1 85  ? 2.959   -15.012 -10.370 1.00 18.85 ? 77  ARG A CD  1 
ATOM   596  N NE  . ARG A 1 85  ? 3.122   -15.999 -9.284  1.00 21.07 ? 77  ARG A NE  1 
ATOM   597  C CZ  . ARG A 1 85  ? 3.364   -17.300 -9.478  1.00 21.12 ? 77  ARG A CZ  1 
ATOM   598  N NH1 . ARG A 1 85  ? 3.417   -17.816 -10.715 1.00 21.83 ? 77  ARG A NH1 1 
ATOM   599  N NH2 . ARG A 1 85  ? 3.545   -18.102 -8.446  1.00 20.52 ? 77  ARG A NH2 1 
ATOM   600  N N   . GLU A 1 86  ? -2.194  -13.816 -8.558  1.00 22.31 ? 78  GLU A N   1 
ATOM   601  C CA  . GLU A 1 86  ? -3.652  -13.964 -8.471  1.00 22.08 ? 78  GLU A CA  1 
ATOM   602  C C   . GLU A 1 86  ? -4.093  -13.043 -7.327  1.00 20.90 ? 78  GLU A C   1 
ATOM   603  O O   . GLU A 1 86  ? -3.640  -13.211 -6.186  1.00 21.06 ? 78  GLU A O   1 
ATOM   604  C CB  . GLU A 1 86  ? -4.011  -15.431 -8.206  1.00 19.60 ? 78  GLU A CB  1 
ATOM   605  C CG  . GLU A 1 86  ? -5.478  -15.746 -7.912  1.00 20.27 ? 78  GLU A CG  1 
ATOM   606  C CD  . GLU A 1 86  ? -5.675  -17.209 -7.492  1.00 19.01 ? 78  GLU A CD  1 
ATOM   607  O OE1 . GLU A 1 86  ? -5.338  -18.067 -8.262  1.00 20.96 ? 78  GLU A OE1 1 
ATOM   608  O OE2 . GLU A 1 86  ? -6.139  -17.497 -6.374  1.00 19.78 ? 78  GLU A OE2 1 
ATOM   609  N N   . PRO A 1 87  ? -4.976  -12.090 -7.614  1.00 20.26 ? 79  PRO A N   1 
ATOM   610  C CA  . PRO A 1 87  ? -5.459  -11.173 -6.600  1.00 22.02 ? 79  PRO A CA  1 
ATOM   611  C C   . PRO A 1 87  ? -6.103  -11.914 -5.418  1.00 22.98 ? 79  PRO A C   1 
ATOM   612  O O   . PRO A 1 87  ? -6.723  -12.952 -5.597  1.00 16.26 ? 79  PRO A O   1 
ATOM   613  C CB  . PRO A 1 87  ? -6.555  -10.380 -7.327  1.00 24.22 ? 79  PRO A CB  1 
ATOM   614  C CG  . PRO A 1 87  ? -6.305  -10.570 -8.772  1.00 25.81 ? 79  PRO A CG  1 
ATOM   615  C CD  . PRO A 1 87  ? -5.616  -11.857 -8.921  1.00 25.96 ? 79  PRO A CD  1 
ATOM   616  N N   . VAL A 1 88  ? -5.958  -11.384 -4.214  1.00 21.31 ? 80  VAL A N   1 
ATOM   617  C CA  . VAL A 1 88  ? -6.695  -11.936 -3.087  1.00 20.76 ? 80  VAL A CA  1 
ATOM   618  C C   . VAL A 1 88  ? -8.065  -11.223 -2.923  1.00 21.16 ? 80  VAL A C   1 
ATOM   619  O O   . VAL A 1 88  ? -8.370  -10.276 -3.651  1.00 24.17 ? 80  VAL A O   1 
ATOM   620  C CB  . VAL A 1 88  ? -5.888  -11.842 -1.768  1.00 21.28 ? 80  VAL A CB  1 
ATOM   621  C CG1 . VAL A 1 88  ? -4.512  -12.598 -1.878  1.00 23.65 ? 80  VAL A CG1 1 
ATOM   622  C CG2 . VAL A 1 88  ? -5.754  -10.369 -1.299  1.00 21.38 ? 80  VAL A CG2 1 
ATOM   623  N N   . TYR A 1 89  ? -8.862  -11.720 -1.975  1.00 19.73 ? 81  TYR A N   1 
ATOM   624  C CA  . TYR A 1 89  ? -10.151 -11.134 -1.568  1.00 18.99 ? 81  TYR A CA  1 
ATOM   625  C C   . TYR A 1 89  ? -9.951  -10.042 -0.531  1.00 21.61 ? 81  TYR A C   1 
ATOM   626  O O   . TYR A 1 89  ? -9.026  -10.128 0.295   1.00 22.87 ? 81  TYR A O   1 
ATOM   627  C CB  . TYR A 1 89  ? -11.075 -12.232 -0.983  1.00 15.15 ? 81  TYR A CB  1 
ATOM   628  C CG  . TYR A 1 89  ? -11.460 -13.239 -2.023  1.00 13.80 ? 81  TYR A CG  1 
ATOM   629  C CD1 . TYR A 1 89  ? -10.597 -14.277 -2.370  1.00 15.92 ? 81  TYR A CD1 1 
ATOM   630  C CD2 . TYR A 1 89  ? -12.629 -13.093 -2.753  1.00 16.85 ? 81  TYR A CD2 1 
ATOM   631  C CE1 . TYR A 1 89  ? -10.925 -15.172 -3.352  1.00 15.02 ? 81  TYR A CE1 1 
ATOM   632  C CE2 . TYR A 1 89  ? -12.955 -13.977 -3.755  1.00 16.21 ? 81  TYR A CE2 1 
ATOM   633  C CZ  . TYR A 1 89  ? -12.117 -15.022 -4.042  1.00 15.40 ? 81  TYR A CZ  1 
ATOM   634  O OH  . TYR A 1 89  ? -12.458 -15.919 -5.033  1.00 17.73 ? 81  TYR A OH  1 
ATOM   635  N N   . PRO A 1 90  ? -10.810 -9.020  -0.539  1.00 20.93 ? 82  PRO A N   1 
ATOM   636  C CA  . PRO A 1 90  ? -10.707 -7.988  0.474   1.00 20.43 ? 82  PRO A CA  1 
ATOM   637  C C   . PRO A 1 90  ? -10.747 -8.599  1.856   1.00 21.45 ? 82  PRO A C   1 
ATOM   638  O O   . PRO A 1 90  ? -11.528 -9.559  2.109   1.00 18.73 ? 82  PRO A O   1 
ATOM   639  C CB  . PRO A 1 90  ? -11.922 -7.075  0.205   1.00 20.94 ? 82  PRO A CB  1 
ATOM   640  C CG  . PRO A 1 90  ? -12.346 -7.372  -1.160  1.00 18.81 ? 82  PRO A CG  1 
ATOM   641  C CD  . PRO A 1 90  ? -11.938 -8.773  -1.455  1.00 18.97 ? 82  PRO A CD  1 
ATOM   642  N N   . LEU A 1 91  ? -9.873  -8.053  2.710   1.00 22.06 ? 83  LEU A N   1 
ATOM   643  C CA  . LEU A 1 91  ? -9.707  -8.393  4.135   1.00 23.37 ? 83  LEU A CA  1 
ATOM   644  C C   . LEU A 1 91  ? -8.841  -9.642  4.382   1.00 24.35 ? 83  LEU A C   1 
ATOM   645  O O   . LEU A 1 91  ? -8.795  -10.190 5.488   1.00 23.26 ? 83  LEU A O   1 
ATOM   646  C CB  . LEU A 1 91  ? -11.055 -8.467  4.877   1.00 25.18 ? 83  LEU A CB  1 
ATOM   647  C CG  . LEU A 1 91  ? -11.958 -7.240  4.876   1.00 26.48 ? 83  LEU A CG  1 
ATOM   648  C CD1 . LEU A 1 91  ? -13.129 -7.502  5.795   1.00 28.57 ? 83  LEU A CD1 1 
ATOM   649  C CD2 . LEU A 1 91  ? -11.252 -5.980  5.315   1.00 26.28 ? 83  LEU A CD2 1 
ATOM   650  N N   . THR A 1 92  ? -8.121  -10.057 3.351   1.00 25.13 ? 84  THR A N   1 
ATOM   651  C CA  . THR A 1 92  ? -7.126  -11.110 3.476   1.00 22.88 ? 84  THR A CA  1 
ATOM   652  C C   . THR A 1 92  ? -5.867  -10.491 4.019   1.00 21.39 ? 84  THR A C   1 
ATOM   653  O O   . THR A 1 92  ? -5.491  -9.382  3.618   1.00 19.50 ? 84  THR A O   1 
ATOM   654  C CB  . THR A 1 92  ? -6.833  -11.725 2.099   1.00 20.95 ? 84  THR A CB  1 
ATOM   655  O OG1 . THR A 1 92  ? -8.068  -12.124 1.484   1.00 20.23 ? 84  THR A OG1 1 
ATOM   656  C CG2 . THR A 1 92  ? -5.990  -13.030 2.226   1.00 19.00 ? 84  THR A CG2 1 
ATOM   657  N N   . ILE A 1 93  ? -5.219  -11.217 4.922   1.00 22.13 ? 85  ILE A N   1 
ATOM   658  C CA  . ILE A 1 93  ? -3.915  -10.830 5.444   1.00 22.79 ? 85  ILE A CA  1 
ATOM   659  C C   . ILE A 1 93  ? -2.819  -11.562 4.671   1.00 21.55 ? 85  ILE A C   1 
ATOM   660  O O   . ILE A 1 93  ? -2.836  -12.783 4.537   1.00 21.95 ? 85  ILE A O   1 
ATOM   661  C CB  . ILE A 1 93  ? -3.841  -11.132 6.968   1.00 27.67 ? 85  ILE A CB  1 
ATOM   662  C CG1 . ILE A 1 93  ? -4.885  -10.254 7.691   1.00 29.01 ? 85  ILE A CG1 1 
ATOM   663  C CG2 . ILE A 1 93  ? -2.398  -10.858 7.541   1.00 24.69 ? 85  ILE A CG2 1 
ATOM   664  C CD1 . ILE A 1 93  ? -5.719  -10.978 8.651   1.00 30.70 ? 85  ILE A CD1 1 
ATOM   665  N N   . ILE A 1 94  ? -1.872  -10.786 4.179   1.00 20.94 ? 86  ILE A N   1 
ATOM   666  C CA  . ILE A 1 94  ? -0.703  -11.278 3.494   1.00 21.66 ? 86  ILE A CA  1 
ATOM   667  C C   . ILE A 1 94  ? 0.578   -10.932 4.286   1.00 23.71 ? 86  ILE A C   1 
ATOM   668  O O   . ILE A 1 94  ? 0.839   -9.760  4.586   1.00 17.41 ? 86  ILE A O   1 
ATOM   669  C CB  . ILE A 1 94  ? -0.636  -10.635 2.065   1.00 20.72 ? 86  ILE A CB  1 
ATOM   670  C CG1 . ILE A 1 94  ? -1.911  -10.979 1.277   1.00 21.03 ? 86  ILE A CG1 1 
ATOM   671  C CG2 . ILE A 1 94  ? 0.634   -11.096 1.348   1.00 20.96 ? 86  ILE A CG2 1 
ATOM   672  C CD1 . ILE A 1 94  ? -1.941  -10.494 -0.164  1.00 22.14 ? 86  ILE A CD1 1 
ATOM   673  N N   . GLU A 1 95  ? 1.393   -11.940 4.601   1.00 26.41 ? 87  GLU A N   1 
ATOM   674  C CA  . GLU A 1 95  ? 2.793   -11.644 5.013   1.00 27.11 ? 87  GLU A CA  1 
ATOM   675  C C   . GLU A 1 95  ? 3.583   -11.096 3.793   1.00 25.18 ? 87  GLU A C   1 
ATOM   676  O O   . GLU A 1 95  ? 3.750   -11.775 2.750   1.00 23.47 ? 87  GLU A O   1 
ATOM   677  C CB  . GLU A 1 95  ? 3.470   -12.870 5.642   1.00 29.41 ? 87  GLU A CB  1 
ATOM   678  C CG  . GLU A 1 95  ? 2.765   -13.334 6.903   1.00 34.17 ? 87  GLU A CG  1 
ATOM   679  C CD  . GLU A 1 95  ? 2.938   -14.823 7.183   1.00 39.96 ? 87  GLU A CD  1 
ATOM   680  O OE1 . GLU A 1 95  ? 2.469   -15.680 6.364   1.00 44.56 ? 87  GLU A OE1 1 
ATOM   681  O OE2 . GLU A 1 95  ? 3.536   -15.143 8.233   1.00 44.08 ? 87  GLU A OE2 1 
ATOM   682  N N   . ALA A 1 96  ? 4.037   -9.859  3.911   1.00 23.75 ? 88  ALA A N   1 
ATOM   683  C CA  . ALA A 1 96  ? 4.662   -9.156  2.803   1.00 23.11 ? 88  ALA A CA  1 
ATOM   684  C C   . ALA A 1 96  ? 6.085   -8.680  3.134   1.00 23.20 ? 88  ALA A C   1 
ATOM   685  O O   . ALA A 1 96  ? 6.377   -8.299  4.266   1.00 22.82 ? 88  ALA A O   1 
ATOM   686  C CB  . ALA A 1 96  ? 3.797   -8.001  2.383   1.00 22.48 ? 88  ALA A CB  1 
ATOM   687  N N   . ARG A 1 97  ? 6.967   -8.746  2.145   1.00 23.05 ? 89  ARG A N   1 
ATOM   688  C CA  . ARG A 1 97  ? 8.320   -8.231  2.286   1.00 24.61 ? 89  ARG A CA  1 
ATOM   689  C C   . ARG A 1 97  ? 8.421   -6.866  1.592   1.00 22.05 ? 89  ARG A C   1 
ATOM   690  O O   . ARG A 1 97  ? 8.196   -6.762  0.385   1.00 18.48 ? 89  ARG A O   1 
ATOM   691  C CB  . ARG A 1 97  ? 9.328   -9.230  1.721   1.00 28.15 ? 89  ARG A CB  1 
ATOM   692  C CG  . ARG A 1 97  ? 10.719  -8.627  1.485   1.00 29.56 ? 89  ARG A CG  1 
ATOM   693  C CD  . ARG A 1 97  ? 11.780  -9.604  0.997   1.00 28.83 ? 89  ARG A CD  1 
ATOM   694  N NE  . ARG A 1 97  ? 11.493  -10.212 -0.319  1.00 27.90 ? 89  ARG A NE  1 
ATOM   695  C CZ  . ARG A 1 97  ? 11.000  -11.446 -0.501  1.00 27.93 ? 89  ARG A CZ  1 
ATOM   696  N NH1 . ARG A 1 97  ? 10.663  -12.198 0.517   1.00 27.18 ? 89  ARG A NH1 1 
ATOM   697  N NH2 . ARG A 1 97  ? 10.820  -11.931 -1.736  1.00 30.46 ? 89  ARG A NH2 1 
ATOM   698  N N   . PRO A 1 98  ? 8.732   -5.790  2.333   1.00 24.52 ? 90  PRO A N   1 
ATOM   699  C CA  . PRO A 1 98  ? 8.916   -4.485  1.678   1.00 23.20 ? 90  PRO A CA  1 
ATOM   700  C C   . PRO A 1 98  ? 10.156  -4.461  0.782   1.00 26.21 ? 90  PRO A C   1 
ATOM   701  O O   . PRO A 1 98  ? 11.219  -4.956  1.171   1.00 28.53 ? 90  PRO A O   1 
ATOM   702  C CB  . PRO A 1 98  ? 9.002   -3.505  2.852   1.00 23.73 ? 90  PRO A CB  1 
ATOM   703  C CG  . PRO A 1 98  ? 8.482   -4.289  4.036   1.00 26.22 ? 90  PRO A CG  1 
ATOM   704  C CD  . PRO A 1 98  ? 8.889   -5.694  3.798   1.00 24.31 ? 90  PRO A CD  1 
ATOM   705  N N   . ILE A 1 99  ? 9.992   -3.964  -0.440  1.00 25.97 ? 91  ILE A N   1 
ATOM   706  C CA  . ILE A 1 99  ? 11.097  -3.861  -1.388  1.00 24.78 ? 91  ILE A CA  1 
ATOM   707  C C   . ILE A 1 99  ? 11.258  -2.465  -1.974  1.00 21.35 ? 91  ILE A C   1 
ATOM   708  O O   . ILE A 1 99  ? 12.223  -2.226  -2.677  1.00 23.84 ? 91  ILE A O   1 
ATOM   709  C CB  . ILE A 1 99  ? 10.967  -4.924  -2.568  1.00 23.00 ? 91  ILE A CB  1 
ATOM   710  C CG1 . ILE A 1 99  ? 9.678   -4.688  -3.368  1.00 22.85 ? 91  ILE A CG1 1 
ATOM   711  C CG2 . ILE A 1 99  ? 11.070  -6.358  -2.007  1.00 23.27 ? 91  ILE A CG2 1 
ATOM   712  C CD1 . ILE A 1 99  ? 9.592   -5.484  -4.602  1.00 24.07 ? 91  ILE A CD1 1 
ATOM   713  N N   . GLY A 1 100 ? 10.333  -1.555  -1.692  1.00 22.95 ? 92  GLY A N   1 
ATOM   714  C CA  . GLY A 1 100 ? 10.329  -0.236  -2.333  1.00 24.21 ? 92  GLY A CA  1 
ATOM   715  C C   . GLY A 1 100 ? 9.373   0.713   -1.631  1.00 25.51 ? 92  GLY A C   1 
ATOM   716  O O   . GLY A 1 100 ? 8.584   0.291   -0.767  1.00 23.52 ? 92  GLY A O   1 
ATOM   717  N N   . LEU A 1 101 ? 9.459   1.994   -1.988  1.00 26.42 ? 93  LEU A N   1 
ATOM   718  C CA  . LEU A 1 101 ? 8.636   3.045   -1.408  1.00 27.93 ? 93  LEU A CA  1 
ATOM   719  C C   . LEU A 1 101 ? 8.280   4.029   -2.462  1.00 28.37 ? 93  LEU A C   1 
ATOM   720  O O   . LEU A 1 101 ? 9.161   4.623   -3.060  1.00 32.91 ? 93  LEU A O   1 
ATOM   721  C CB  . LEU A 1 101 ? 9.386   3.786   -0.316  1.00 31.07 ? 93  LEU A CB  1 
ATOM   722  C CG  . LEU A 1 101 ? 8.712   5.006   0.326   1.00 31.57 ? 93  LEU A CG  1 
ATOM   723  C CD1 . LEU A 1 101 ? 7.553   4.574   1.168   1.00 32.26 ? 93  LEU A CD1 1 
ATOM   724  C CD2 . LEU A 1 101 ? 9.730   5.785   1.183   1.00 35.05 ? 93  LEU A CD2 1 
ATOM   725  N N   . PHE A 1 102 ? 6.980   4.211   -2.694  1.00 26.87 ? 94  PHE A N   1 
ATOM   726  C CA  . PHE A 1 102 ? 6.503   5.140   -3.682  1.00 27.62 ? 94  PHE A CA  1 
ATOM   727  C C   . PHE A 1 102 ? 6.215   6.460   -2.972  1.00 30.15 ? 94  PHE A C   1 
ATOM   728  O O   . PHE A 1 102 ? 5.654   6.469   -1.894  1.00 26.40 ? 94  PHE A O   1 
ATOM   729  C CB  . PHE A 1 102 ? 5.238   4.608   -4.362  1.00 27.51 ? 94  PHE A CB  1 
ATOM   730  C CG  . PHE A 1 102 ? 4.697   5.515   -5.417  1.00 28.78 ? 94  PHE A CG  1 
ATOM   731  C CD1 . PHE A 1 102 ? 3.395   5.967   -5.365  1.00 29.42 ? 94  PHE A CD1 1 
ATOM   732  C CD2 . PHE A 1 102 ? 5.493   5.940   -6.448  1.00 29.44 ? 94  PHE A CD2 1 
ATOM   733  C CE1 . PHE A 1 102 ? 2.896   6.805   -6.336  1.00 29.06 ? 94  PHE A CE1 1 
ATOM   734  C CE2 . PHE A 1 102 ? 4.992   6.803   -7.416  1.00 31.62 ? 94  PHE A CE2 1 
ATOM   735  C CZ  . PHE A 1 102 ? 3.690   7.239   -7.342  1.00 28.12 ? 94  PHE A CZ  1 
ATOM   736  N N   . LYS A 1 103 ? 6.609   7.561   -3.602  1.00 34.15 ? 95  LYS A N   1 
ATOM   737  C CA  . LYS A 1 103 ? 6.546   8.894   -2.999  1.00 36.26 ? 95  LYS A CA  1 
ATOM   738  C C   . LYS A 1 103 ? 5.705   9.771   -3.872  1.00 37.25 ? 95  LYS A C   1 
ATOM   739  O O   . LYS A 1 103 ? 6.102   10.129  -4.968  1.00 36.98 ? 95  LYS A O   1 
ATOM   740  C CB  . LYS A 1 103 ? 7.938   9.509   -2.887  1.00 39.08 ? 95  LYS A CB  1 
ATOM   741  C CG  . LYS A 1 103 ? 8.845   8.753   -1.951  1.00 40.36 ? 95  LYS A CG  1 
ATOM   742  C CD  . LYS A 1 103 ? 10.286  9.040   -2.225  1.00 44.59 ? 95  LYS A CD  1 
ATOM   743  C CE  . LYS A 1 103 ? 10.672  10.422  -1.760  1.00 47.55 ? 95  LYS A CE  1 
ATOM   744  N NZ  . LYS A 1 103 ? 12.152  10.625  -1.866  1.00 49.39 ? 95  LYS A NZ  1 
ATOM   745  N N   . MET A 1 104 ? 4.534   10.108  -3.375  1.00 36.51 ? 96  MET A N   1 
ATOM   746  C CA  . MET A 1 104 ? 3.669   11.004  -4.056  1.00 42.57 ? 96  MET A CA  1 
ATOM   747  C C   . MET A 1 104 ? 3.121   11.955  -3.025  1.00 43.05 ? 96  MET A C   1 
ATOM   748  O O   . MET A 1 104 ? 3.170   11.682  -1.823  1.00 41.26 ? 96  MET A O   1 
ATOM   749  C CB  . MET A 1 104 ? 2.534   10.237  -4.760  1.00 43.26 ? 96  MET A CB  1 
ATOM   750  C CG  . MET A 1 104 ? 1.822   9.207   -3.886  1.00 44.39 ? 96  MET A CG  1 
ATOM   751  S SD  . MET A 1 104 ? 0.227   8.688   -4.598  1.00 44.91 ? 96  MET A SD  1 
ATOM   752  C CE  . MET A 1 104 ? -0.790  10.142  -4.344  1.00 45.94 ? 96  MET A CE  1 
ATOM   753  N N   . ILE A 1 105 ? 2.629   13.080  -3.515  1.00 46.12 ? 97  ILE A N   1 
ATOM   754  C CA  . ILE A 1 105 ? 1.934   14.071  -2.706  1.00 49.67 ? 97  ILE A CA  1 
ATOM   755  C C   . ILE A 1 105 ? 0.565   14.309  -3.350  1.00 51.47 ? 97  ILE A C   1 
ATOM   756  O O   . ILE A 1 105 ? 0.486   14.608  -4.532  1.00 55.26 ? 97  ILE A O   1 
ATOM   757  C CB  . ILE A 1 105 ? 2.781   15.378  -2.636  1.00 49.02 ? 97  ILE A CB  1 
ATOM   758  C CG1 . ILE A 1 105 ? 4.025   15.151  -1.763  1.00 48.68 ? 97  ILE A CG1 1 
ATOM   759  C CG2 . ILE A 1 105 ? 1.958   16.534  -2.102  1.00 50.29 ? 97  ILE A CG2 1 
ATOM   760  C CD1 . ILE A 1 105 ? 5.244   15.814  -2.278  1.00 49.65 ? 97  ILE A CD1 1 
ATOM   761  N N   . ASP A 1 106 ? -0.503  14.137  -2.574  1.00 54.99 ? 98  ASP A N   1 
ATOM   762  C CA  . ASP A 1 106 ? -1.874  14.338  -3.059  1.00 57.83 ? 98  ASP A CA  1 
ATOM   763  C C   . ASP A 1 106 ? -2.479  15.542  -2.359  1.00 59.51 ? 98  ASP A C   1 
ATOM   764  O O   . ASP A 1 106 ? -2.708  15.508  -1.149  1.00 59.22 ? 98  ASP A O   1 
ATOM   765  C CB  . ASP A 1 106 ? -2.745  13.096  -2.790  1.00 57.94 ? 98  ASP A CB  1 
ATOM   766  N N   . SER A 1 107 ? -2.730  16.601  -3.125  1.00 62.38 ? 99  SER A N   1 
ATOM   767  C CA  . SER A 1 107 ? -3.312  17.833  -2.591  1.00 63.46 ? 99  SER A CA  1 
ATOM   768  C C   . SER A 1 107 ? -2.472  18.355  -1.429  1.00 62.16 ? 99  SER A C   1 
ATOM   769  O O   . SER A 1 107 ? -2.975  18.519  -0.311  1.00 62.31 ? 99  SER A O   1 
ATOM   770  C CB  . SER A 1 107 ? -4.771  17.599  -2.153  1.00 64.04 ? 99  SER A CB  1 
ATOM   771  O OG  . SER A 1 107 ? -5.556  17.116  -3.231  1.00 64.63 ? 99  SER A OG  1 
ATOM   772  N N   . GLY A 1 108 ? -1.182  18.574  -1.685  1.00 61.80 ? 100 GLY A N   1 
ATOM   773  C CA  . GLY A 1 108 ? -0.269  19.129  -0.675  1.00 61.19 ? 100 GLY A CA  1 
ATOM   774  C C   . GLY A 1 108 ? 0.233   18.153  0.392   1.00 60.87 ? 100 GLY A C   1 
ATOM   775  O O   . GLY A 1 108 ? 1.272   18.393  1.009   1.00 58.53 ? 100 GLY A O   1 
ATOM   776  N N   . ASP A 1 109 ? -0.494  17.053  0.613   1.00 60.27 ? 101 ASP A N   1 
ATOM   777  C CA  . ASP A 1 109 ? -0.143  16.081  1.653   1.00 59.28 ? 101 ASP A CA  1 
ATOM   778  C C   . ASP A 1 109 ? 0.667   14.898  1.090   1.00 56.40 ? 101 ASP A C   1 
ATOM   779  O O   . ASP A 1 109 ? 0.290   14.310  0.076   1.00 52.50 ? 101 ASP A O   1 
ATOM   780  C CB  . ASP A 1 109 ? -1.409  15.557  2.334   1.00 60.56 ? 101 ASP A CB  1 
ATOM   781  C CG  . ASP A 1 109 ? -2.313  16.670  2.829   1.00 62.79 ? 101 ASP A CG  1 
ATOM   782  O OD1 . ASP A 1 109 ? -1.805  17.790  3.093   1.00 62.50 ? 101 ASP A OD1 1 
ATOM   783  O OD2 . ASP A 1 109 ? -3.546  16.511  2.987   1.00 64.63 ? 101 ASP A OD2 1 
ATOM   784  N N   . LYS A 1 110 ? 1.776   14.566  1.755   1.00 53.41 ? 102 LYS A N   1 
ATOM   785  C CA  . LYS A 1 110 ? 2.558   13.382  1.408   1.00 52.63 ? 102 LYS A CA  1 
ATOM   786  C C   . LYS A 1 110 ? 1.699   12.160  1.629   1.00 50.93 ? 102 LYS A C   1 
ATOM   787  O O   . LYS A 1 110 ? 0.975   12.076  2.626   1.00 49.96 ? 102 LYS A O   1 
ATOM   788  C CB  . LYS A 1 110 ? 3.832   13.281  2.246   1.00 53.25 ? 102 LYS A CB  1 
ATOM   789  C CG  . LYS A 1 110 ? 4.896   14.310  1.872   1.00 54.41 ? 102 LYS A CG  1 
ATOM   790  C CD  . LYS A 1 110 ? 6.199   14.090  2.649   1.00 54.68 ? 102 LYS A CD  1 
ATOM   791  C CE  . LYS A 1 110 ? 7.306   14.992  2.128   1.00 54.79 ? 102 LYS A CE  1 
ATOM   792  N NZ  . LYS A 1 110 ? 8.531   14.976  2.983   1.00 56.52 ? 102 LYS A NZ  1 
ATOM   793  N N   . ASP A 1 111 ? 1.777   11.220  0.687   1.00 49.20 ? 103 ASP A N   1 
ATOM   794  C CA  . ASP A 1 111 ? 0.915   10.046  0.678   1.00 47.80 ? 103 ASP A CA  1 
ATOM   795  C C   . ASP A 1 111 ? 1.708   8.852   0.132   1.00 45.86 ? 103 ASP A C   1 
ATOM   796  O O   . ASP A 1 111 ? 1.380   8.270   -0.907  1.00 47.74 ? 103 ASP A O   1 
ATOM   797  C CB  . ASP A 1 111 ? -0.334  10.342  -0.162  1.00 49.40 ? 103 ASP A CB  1 
ATOM   798  C CG  . ASP A 1 111 ? -1.389  9.254   -0.059  1.00 52.24 ? 103 ASP A CG  1 
ATOM   799  O OD1 . ASP A 1 111 ? -1.352  8.457   0.924   1.00 53.29 ? 103 ASP A OD1 1 
ATOM   800  O OD2 . ASP A 1 111 ? -2.299  9.128   -0.921  1.00 53.89 ? 103 ASP A OD2 1 
ATOM   801  N N   . TYR A 1 112 ? 2.765   8.506   0.861   1.00 41.29 ? 104 TYR A N   1 
ATOM   802  C CA  . TYR A 1 112 ? 3.709   7.486   0.449   1.00 37.33 ? 104 TYR A CA  1 
ATOM   803  C C   . TYR A 1 112 ? 3.102   6.088   0.591   1.00 33.76 ? 104 TYR A C   1 
ATOM   804  O O   . TYR A 1 112 ? 2.210   5.848   1.427   1.00 30.14 ? 104 TYR A O   1 
ATOM   805  C CB  . TYR A 1 112 ? 5.011   7.586   1.276   1.00 39.57 ? 104 TYR A CB  1 
ATOM   806  C CG  . TYR A 1 112 ? 5.852   8.842   1.035   1.00 39.20 ? 104 TYR A CG  1 
ATOM   807  C CD1 . TYR A 1 112 ? 5.390   9.884   0.235   1.00 40.75 ? 104 TYR A CD1 1 
ATOM   808  C CD2 . TYR A 1 112 ? 7.095   8.995   1.645   1.00 40.82 ? 104 TYR A CD2 1 
ATOM   809  C CE1 . TYR A 1 112 ? 6.141   11.007  0.013   1.00 40.32 ? 104 TYR A CE1 1 
ATOM   810  C CE2 . TYR A 1 112 ? 7.863   10.147  1.442   1.00 39.44 ? 104 TYR A CE2 1 
ATOM   811  C CZ  . TYR A 1 112 ? 7.372   11.136  0.619   1.00 40.50 ? 104 TYR A CZ  1 
ATOM   812  O OH  . TYR A 1 112 ? 8.090   12.270  0.387   1.00 42.32 ? 104 TYR A OH  1 
ATOM   813  N N   . LYS A 1 113 ? 3.580   5.171   -0.243  1.00 29.40 ? 105 LYS A N   1 
ATOM   814  C CA  . LYS A 1 113 ? 3.066   3.810   -0.253  1.00 26.38 ? 105 LYS A CA  1 
ATOM   815  C C   . LYS A 1 113 ? 4.225   2.846   -0.319  1.00 24.94 ? 105 LYS A C   1 
ATOM   816  O O   . LYS A 1 113 ? 5.184   3.036   -1.069  1.00 26.00 ? 105 LYS A O   1 
ATOM   817  C CB  . LYS A 1 113 ? 2.082   3.641   -1.419  1.00 27.76 ? 105 LYS A CB  1 
ATOM   818  C CG  . LYS A 1 113 ? 0.835   4.573   -1.260  1.00 28.62 ? 105 LYS A CG  1 
ATOM   819  C CD  . LYS A 1 113 ? 0.110   4.865   -2.528  1.00 31.21 ? 105 LYS A CD  1 
ATOM   820  C CE  . LYS A 1 113 ? -0.834  6.065   -2.352  1.00 30.92 ? 105 LYS A CE  1 
ATOM   821  N NZ  . LYS A 1 113 ? -1.599  6.040   -1.061  1.00 32.23 ? 105 LYS A NZ  1 
ATOM   822  N N   . VAL A 1 114 ? 4.163   1.840   0.529   1.00 23.34 ? 106 VAL A N   1 
ATOM   823  C CA  . VAL A 1 114 ? 5.105   0.762   0.499   1.00 22.24 ? 106 VAL A CA  1 
ATOM   824  C C   . VAL A 1 114 ? 4.753   -0.186  -0.653  1.00 23.86 ? 106 VAL A C   1 
ATOM   825  O O   . VAL A 1 114 ? 3.597   -0.416  -0.931  1.00 19.77 ? 106 VAL A O   1 
ATOM   826  C CB  . VAL A 1 114 ? 5.069   0.009   1.799   1.00 23.89 ? 106 VAL A CB  1 
ATOM   827  C CG1 . VAL A 1 114 ? 5.891   -1.290  1.726   1.00 23.24 ? 106 VAL A CG1 1 
ATOM   828  C CG2 . VAL A 1 114 ? 5.555   0.936   2.924   1.00 29.11 ? 106 VAL A CG2 1 
ATOM   829  N N   . LEU A 1 115 ? 5.792   -0.695  -1.318  1.00 25.80 ? 107 LEU A N   1 
ATOM   830  C CA  . LEU A 1 115 ? 5.700   -1.755  -2.294  1.00 25.21 ? 107 LEU A CA  1 
ATOM   831  C C   . LEU A 1 115 ? 6.290   -2.991  -1.655  1.00 27.15 ? 107 LEU A C   1 
ATOM   832  O O   . LEU A 1 115 ? 7.421   -2.957  -1.095  1.00 22.88 ? 107 LEU A O   1 
ATOM   833  C CB  . LEU A 1 115 ? 6.468   -1.378  -3.551  1.00 26.65 ? 107 LEU A CB  1 
ATOM   834  C CG  . LEU A 1 115 ? 6.430   -2.373  -4.707  1.00 25.46 ? 107 LEU A CG  1 
ATOM   835  C CD1 . LEU A 1 115 ? 5.029   -2.523  -5.264  1.00 24.59 ? 107 LEU A CD1 1 
ATOM   836  C CD2 . LEU A 1 115 ? 7.413   -1.944  -5.798  1.00 26.12 ? 107 LEU A CD2 1 
ATOM   837  N N   . ALA A 1 116 ? 5.526   -4.087  -1.700  1.00 21.68 ? 108 ALA A N   1 
ATOM   838  C CA  . ALA A 1 116 ? 5.955   -5.314  -1.082  1.00 18.92 ? 108 ALA A CA  1 
ATOM   839  C C   . ALA A 1 116 ? 5.608   -6.529  -1.941  1.00 21.61 ? 108 ALA A C   1 
ATOM   840  O O   . ALA A 1 116 ? 4.799   -6.437  -2.885  1.00 17.60 ? 108 ALA A O   1 
ATOM   841  C CB  . ALA A 1 116 ? 5.340   -5.431  0.308   1.00 20.65 ? 108 ALA A CB  1 
ATOM   842  N N   . VAL A 1 117 ? 6.244   -7.657  -1.622  1.00 22.22 ? 109 VAL A N   1 
ATOM   843  C CA  . VAL A 1 117 ? 5.951   -8.902  -2.287  1.00 23.03 ? 109 VAL A CA  1 
ATOM   844  C C   . VAL A 1 117 ? 5.523   -9.874  -1.245  1.00 25.61 ? 109 VAL A C   1 
ATOM   845  O O   . VAL A 1 117 ? 5.954   -9.782  -0.065  1.00 26.28 ? 109 VAL A O   1 
ATOM   846  C CB  . VAL A 1 117 ? 7.147   -9.489  -3.104  1.00 24.84 ? 109 VAL A CB  1 
ATOM   847  C CG1 . VAL A 1 117 ? 7.341   -8.711  -4.380  1.00 25.49 ? 109 VAL A CG1 1 
ATOM   848  C CG2 . VAL A 1 117 ? 8.429   -9.558  -2.270  1.00 26.58 ? 109 VAL A CG2 1 
ATOM   849  N N   . PRO A 1 118 ? 4.668   -10.814 -1.649  1.00 22.72 ? 110 PRO A N   1 
ATOM   850  C CA  . PRO A 1 118 ? 4.279   -11.893 -0.754  1.00 20.87 ? 110 PRO A CA  1 
ATOM   851  C C   . PRO A 1 118 ? 5.484   -12.763 -0.421  1.00 21.50 ? 110 PRO A C   1 
ATOM   852  O O   . PRO A 1 118 ? 6.216   -13.208 -1.321  1.00 24.23 ? 110 PRO A O   1 
ATOM   853  C CB  . PRO A 1 118 ? 3.246   -12.681 -1.575  1.00 20.05 ? 110 PRO A CB  1 
ATOM   854  C CG  . PRO A 1 118 ? 3.546   -12.339 -2.975  1.00 21.57 ? 110 PRO A CG  1 
ATOM   855  C CD  . PRO A 1 118 ? 4.014   -10.928 -2.964  1.00 20.96 ? 110 PRO A CD  1 
ATOM   856  N N   . VAL A 1 119 ? 5.677   -12.999 0.867   1.00 25.04 ? 111 VAL A N   1 
ATOM   857  C CA  . VAL A 1 119 ? 6.698   -13.915 1.348   1.00 29.67 ? 111 VAL A CA  1 
ATOM   858  C C   . VAL A 1 119 ? 6.470   -15.337 0.832   1.00 27.20 ? 111 VAL A C   1 
ATOM   859  O O   . VAL A 1 119 ? 7.425   -16.010 0.483   1.00 25.48 ? 111 VAL A O   1 
ATOM   860  C CB  . VAL A 1 119 ? 6.791   -13.894 2.913   1.00 33.09 ? 111 VAL A CB  1 
ATOM   861  C CG1 . VAL A 1 119 ? 7.705   -14.987 3.413   1.00 36.19 ? 111 VAL A CG1 1 
ATOM   862  C CG2 . VAL A 1 119 ? 7.279   -12.515 3.397   1.00 31.09 ? 111 VAL A CG2 1 
ATOM   863  N N   . GLU A 1 120 ? 5.212   -15.770 0.729   1.00 29.26 ? 112 GLU A N   1 
ATOM   864  C CA  . GLU A 1 120 ? 4.898   -17.177 0.435   1.00 28.80 ? 112 GLU A CA  1 
ATOM   865  C C   . GLU A 1 120 ? 4.541   -17.447 -1.047  1.00 28.34 ? 112 GLU A C   1 
ATOM   866  O O   . GLU A 1 120 ? 3.878   -18.441 -1.369  1.00 31.97 ? 112 GLU A O   1 
ATOM   867  C CB  . GLU A 1 120 ? 3.797   -17.676 1.377   1.00 30.60 ? 112 GLU A CB  1 
ATOM   868  C CG  . GLU A 1 120 ? 4.150   -17.631 2.870   1.00 33.46 ? 112 GLU A CG  1 
ATOM   869  C CD  . GLU A 1 120 ? 5.345   -18.514 3.222   1.00 38.88 ? 112 GLU A CD  1 
ATOM   870  O OE1 . GLU A 1 120 ? 6.047   -18.217 4.208   1.00 43.31 ? 112 GLU A OE1 1 
ATOM   871  O OE2 . GLU A 1 120 ? 5.608   -19.495 2.498   1.00 40.34 ? 112 GLU A OE2 1 
ATOM   872  N N   . ASP A 1 121 ? 4.959   -16.552 -1.934  1.00 24.97 ? 113 ASP A N   1 
ATOM   873  C CA  . ASP A 1 121 ? 4.954   -16.830 -3.384  1.00 23.84 ? 113 ASP A CA  1 
ATOM   874  C C   . ASP A 1 121 ? 6.397   -16.890 -3.879  1.00 21.60 ? 113 ASP A C   1 
ATOM   875  O O   . ASP A 1 121 ? 7.021   -15.823 -4.042  1.00 22.79 ? 113 ASP A O   1 
ATOM   876  C CB  . ASP A 1 121 ? 4.188   -15.750 -4.160  1.00 20.45 ? 113 ASP A CB  1 
ATOM   877  C CG  . ASP A 1 121 ? 4.063   -16.064 -5.625  1.00 21.30 ? 113 ASP A CG  1 
ATOM   878  O OD1 . ASP A 1 121 ? 4.653   -17.086 -6.059  1.00 20.33 ? 113 ASP A OD1 1 
ATOM   879  O OD2 . ASP A 1 121 ? 3.371   -15.373 -6.427  1.00 21.89 ? 113 ASP A OD2 1 
ATOM   880  N N   . PRO A 1 122 ? 6.918   -18.099 -4.146  1.00 23.02 ? 114 PRO A N   1 
ATOM   881  C CA  . PRO A 1 122 ? 8.339   -18.264 -4.538  1.00 24.05 ? 114 PRO A CA  1 
ATOM   882  C C   . PRO A 1 122 ? 8.681   -17.591 -5.855  1.00 24.22 ? 114 PRO A C   1 
ATOM   883  O O   . PRO A 1 122 ? 9.835   -17.475 -6.182  1.00 21.45 ? 114 PRO A O   1 
ATOM   884  C CB  . PRO A 1 122 ? 8.496   -19.778 -4.665  1.00 28.04 ? 114 PRO A CB  1 
ATOM   885  C CG  . PRO A 1 122 ? 7.079   -20.254 -5.021  1.00 28.32 ? 114 PRO A CG  1 
ATOM   886  C CD  . PRO A 1 122 ? 6.218   -19.405 -4.114  1.00 26.42 ? 114 PRO A CD  1 
ATOM   887  N N   . TYR A 1 123 ? 7.665   -17.148 -6.601  1.00 23.54 ? 115 TYR A N   1 
ATOM   888  C CA  . TYR A 1 123 ? 7.885   -16.344 -7.785  1.00 22.00 ? 115 TYR A CA  1 
ATOM   889  C C   . TYR A 1 123 ? 8.676   -15.033 -7.497  1.00 23.04 ? 115 TYR A C   1 
ATOM   890  O O   . TYR A 1 123 ? 9.424   -14.553 -8.381  1.00 16.99 ? 115 TYR A O   1 
ATOM   891  C CB  . TYR A 1 123 ? 6.531   -16.007 -8.457  1.00 19.13 ? 115 TYR A CB  1 
ATOM   892  C CG  . TYR A 1 123 ? 6.665   -15.251 -9.765  1.00 18.04 ? 115 TYR A CG  1 
ATOM   893  C CD1 . TYR A 1 123 ? 6.738   -13.887 -9.776  1.00 17.92 ? 115 TYR A CD1 1 
ATOM   894  C CD2 . TYR A 1 123 ? 6.733   -15.913 -10.980 1.00 18.89 ? 115 TYR A CD2 1 
ATOM   895  C CE1 . TYR A 1 123 ? 6.882   -13.172 -10.952 1.00 19.02 ? 115 TYR A CE1 1 
ATOM   896  C CE2 . TYR A 1 123 ? 6.858   -15.198 -12.188 1.00 21.82 ? 115 TYR A CE2 1 
ATOM   897  C CZ  . TYR A 1 123 ? 6.925   -13.820 -12.155 1.00 20.17 ? 115 TYR A CZ  1 
ATOM   898  O OH  . TYR A 1 123 ? 7.069   -13.062 -13.297 1.00 16.67 ? 115 TYR A OH  1 
ATOM   899  N N   . PHE A 1 124 ? 8.488   -14.462 -6.287  1.00 20.16 ? 116 PHE A N   1 
ATOM   900  C CA  . PHE A 1 124 ? 9.112   -13.202 -5.898  1.00 21.03 ? 116 PHE A CA  1 
ATOM   901  C C   . PHE A 1 124 ? 10.331  -13.359 -4.954  1.00 23.49 ? 116 PHE A C   1 
ATOM   902  O O   . PHE A 1 124 ? 10.807  -12.365 -4.385  1.00 26.36 ? 116 PHE A O   1 
ATOM   903  C CB  . PHE A 1 124 ? 8.046   -12.306 -5.224  1.00 21.37 ? 116 PHE A CB  1 
ATOM   904  C CG  . PHE A 1 124 ? 6.923   -11.937 -6.139  1.00 20.58 ? 116 PHE A CG  1 
ATOM   905  C CD1 . PHE A 1 124 ? 5.754   -12.654 -6.140  1.00 18.60 ? 116 PHE A CD1 1 
ATOM   906  C CD2 . PHE A 1 124 ? 7.069   -10.922 -7.054  1.00 20.27 ? 116 PHE A CD2 1 
ATOM   907  C CE1 . PHE A 1 124 ? 4.726   -12.324 -7.020  1.00 18.92 ? 116 PHE A CE1 1 
ATOM   908  C CE2 . PHE A 1 124 ? 6.018   -10.578 -7.926  1.00 20.00 ? 116 PHE A CE2 1 
ATOM   909  C CZ  . PHE A 1 124 ? 4.866   -11.290 -7.900  1.00 19.66 ? 116 PHE A CZ  1 
ATOM   910  N N   . LYS A 1 125 ? 10.818  -14.593 -4.787  1.00 26.80 ? 117 LYS A N   1 
ATOM   911  C CA  . LYS A 1 125 ? 11.933  -14.915 -3.884  1.00 28.20 ? 117 LYS A CA  1 
ATOM   912  C C   . LYS A 1 125 ? 13.221  -14.077 -4.089  1.00 31.34 ? 117 LYS A C   1 
ATOM   913  O O   . LYS A 1 125 ? 13.949  -13.801 -3.133  1.00 33.31 ? 117 LYS A O   1 
ATOM   914  C CB  . LYS A 1 125 ? 12.281  -16.401 -3.998  1.00 31.48 ? 117 LYS A CB  1 
ATOM   915  N N   . ASP A 1 126 ? 13.497  -13.679 -5.325  1.00 30.76 ? 118 ASP A N   1 
ATOM   916  C CA  . ASP A 1 126 ? 14.671  -12.875 -5.623  1.00 30.12 ? 118 ASP A CA  1 
ATOM   917  C C   . ASP A 1 126 ? 14.265  -11.423 -5.853  1.00 31.06 ? 118 ASP A C   1 
ATOM   918  O O   . ASP A 1 126 ? 14.965  -10.664 -6.516  1.00 30.28 ? 118 ASP A O   1 
ATOM   919  C CB  . ASP A 1 126 ? 15.414  -13.449 -6.836  1.00 28.13 ? 118 ASP A CB  1 
ATOM   920  N N   . TRP A 1 127 ? 13.098  -11.050 -5.339  1.00 31.44 ? 119 TRP A N   1 
ATOM   921  C CA  . TRP A 1 127 ? 12.677  -9.661  -5.346  1.00 32.04 ? 119 TRP A CA  1 
ATOM   922  C C   . TRP A 1 127 ? 12.907  -9.154  -3.941  1.00 31.61 ? 119 TRP A C   1 
ATOM   923  O O   . TRP A 1 127 ? 12.207  -9.553  -2.991  1.00 27.76 ? 119 TRP A O   1 
ATOM   924  C CB  . TRP A 1 127 ? 11.217  -9.535  -5.713  1.00 32.96 ? 119 TRP A CB  1 
ATOM   925  C CG  . TRP A 1 127 ? 10.921  -9.845  -7.136  1.00 32.09 ? 119 TRP A CG  1 
ATOM   926  C CD1 . TRP A 1 127 ? 11.430  -10.851 -7.883  1.00 30.52 ? 119 TRP A CD1 1 
ATOM   927  C CD2 . TRP A 1 127 ? 10.013  -9.144  -7.965  1.00 30.71 ? 119 TRP A CD2 1 
ATOM   928  N NE1 . TRP A 1 127 ? 10.897  -10.813 -9.143  1.00 30.77 ? 119 TRP A NE1 1 
ATOM   929  C CE2 . TRP A 1 127 ? 10.022  -9.766  -9.216  1.00 31.71 ? 119 TRP A CE2 1 
ATOM   930  C CE3 . TRP A 1 127 ? 9.206   -8.022  -7.781  1.00 30.44 ? 119 TRP A CE3 1 
ATOM   931  C CZ2 . TRP A 1 127 ? 9.261   -9.314  -10.274 1.00 32.06 ? 119 TRP A CZ2 1 
ATOM   932  C CZ3 . TRP A 1 127 ? 8.447   -7.585  -8.814  1.00 32.19 ? 119 TRP A CZ3 1 
ATOM   933  C CH2 . TRP A 1 127 ? 8.478   -8.230  -10.061 1.00 32.48 ? 119 TRP A CH2 1 
ATOM   934  N N   . LYS A 1 128 ? 13.916  -8.306  -3.804  1.00 31.92 ? 120 LYS A N   1 
ATOM   935  C CA  . LYS A 1 128 ? 14.290  -7.769  -2.505  1.00 33.03 ? 120 LYS A CA  1 
ATOM   936  C C   . LYS A 1 128 ? 14.482  -6.276  -2.517  1.00 29.86 ? 120 LYS A C   1 
ATOM   937  O O   . LYS A 1 128 ? 14.523  -5.677  -1.480  1.00 30.72 ? 120 LYS A O   1 
ATOM   938  C CB  . LYS A 1 128 ? 15.568  -8.457  -2.004  1.00 36.90 ? 120 LYS A CB  1 
ATOM   939  C CG  . LYS A 1 128 ? 15.462  -9.931  -2.024  1.00 38.92 ? 120 LYS A CG  1 
ATOM   940  C CD  . LYS A 1 128 ? 16.632  -10.608 -1.381  1.00 42.81 ? 120 LYS A CD  1 
ATOM   941  C CE  . LYS A 1 128 ? 16.368  -12.115 -1.352  1.00 45.91 ? 120 LYS A CE  1 
ATOM   942  N NZ  . LYS A 1 128 ? 17.413  -12.899 -0.630  1.00 47.90 ? 120 LYS A NZ  1 
ATOM   943  N N   . ASP A 1 129 ? 14.587  -5.658  -3.682  1.00 31.99 ? 121 ASP A N   1 
ATOM   944  C CA  . ASP A 1 129 ? 14.669  -4.208  -3.727  1.00 31.91 ? 121 ASP A CA  1 
ATOM   945  C C   . ASP A 1 129 ? 14.052  -3.686  -5.011  1.00 32.14 ? 121 ASP A C   1 
ATOM   946  O O   . ASP A 1 129 ? 13.675  -4.445  -5.901  1.00 35.51 ? 121 ASP A O   1 
ATOM   947  C CB  . ASP A 1 129 ? 16.137  -3.740  -3.555  1.00 34.18 ? 121 ASP A CB  1 
ATOM   948  C CG  . ASP A 1 129 ? 16.257  -2.404  -2.799  1.00 35.54 ? 121 ASP A CG  1 
ATOM   949  O OD1 . ASP A 1 129 ? 17.155  -2.294  -1.953  1.00 38.24 ? 121 ASP A OD1 1 
ATOM   950  O OD2 . ASP A 1 129 ? 15.506  -1.412  -2.968  1.00 34.27 ? 121 ASP A OD2 1 
ATOM   951  N N   . ILE A 1 130 ? 13.920  -2.380  -5.086  1.00 32.32 ? 122 ILE A N   1 
ATOM   952  C CA  . ILE A 1 130 ? 13.263  -1.731  -6.198  1.00 35.44 ? 122 ILE A CA  1 
ATOM   953  C C   . ILE A 1 130 ? 13.907  -2.057  -7.566  1.00 34.01 ? 122 ILE A C   1 
ATOM   954  O O   . ILE A 1 130 ? 13.243  -1.985  -8.601  1.00 33.43 ? 122 ILE A O   1 
ATOM   955  C CB  . ILE A 1 130 ? 13.203  -0.170  -5.906  1.00 39.26 ? 122 ILE A CB  1 
ATOM   956  C CG1 . ILE A 1 130 ? 12.132  0.528   -6.732  1.00 39.96 ? 122 ILE A CG1 1 
ATOM   957  C CG2 . ILE A 1 130 ? 14.552  0.490   -6.105  1.00 40.57 ? 122 ILE A CG2 1 
ATOM   958  C CD1 . ILE A 1 130 ? 10.827  0.532   -6.077  1.00 40.73 ? 122 ILE A CD1 1 
ATOM   959  N N   . ASP A 1 131 ? 15.196  -2.408  -7.583  1.00 35.65 ? 123 ASP A N   1 
ATOM   960  C CA  . ASP A 1 131 ? 15.881  -2.736  -8.855  1.00 36.02 ? 123 ASP A CA  1 
ATOM   961  C C   . ASP A 1 131 ? 15.495  -4.138  -9.386  1.00 31.96 ? 123 ASP A C   1 
ATOM   962  O O   . ASP A 1 131 ? 15.800  -4.469  -10.521 1.00 27.51 ? 123 ASP A O   1 
ATOM   963  C CB  . ASP A 1 131 ? 17.413  -2.581  -8.752  1.00 38.53 ? 123 ASP A CB  1 
ATOM   964  C CG  . ASP A 1 131 ? 18.065  -3.599  -7.790  1.00 43.05 ? 123 ASP A CG  1 
ATOM   965  O OD1 . ASP A 1 131 ? 17.581  -3.778  -6.652  1.00 40.06 ? 123 ASP A OD1 1 
ATOM   966  O OD2 . ASP A 1 131 ? 19.094  -4.249  -8.088  1.00 48.45 ? 123 ASP A OD2 1 
ATOM   967  N N   . ASP A 1 132 ? 14.821  -4.935  -8.568  1.00 30.28 ? 124 ASP A N   1 
ATOM   968  C CA  . ASP A 1 132 ? 14.290  -6.238  -9.002  1.00 31.76 ? 124 ASP A CA  1 
ATOM   969  C C   . ASP A 1 132 ? 12.975  -6.149  -9.764  1.00 30.15 ? 124 ASP A C   1 
ATOM   970  O O   . ASP A 1 132 ? 12.515  -7.134  -10.296 1.00 31.47 ? 124 ASP A O   1 
ATOM   971  C CB  . ASP A 1 132 ? 14.101  -7.117  -7.787  1.00 31.83 ? 124 ASP A CB  1 
ATOM   972  C CG  . ASP A 1 132 ? 15.395  -7.246  -6.970  1.00 35.25 ? 124 ASP A CG  1 
ATOM   973  O OD1 . ASP A 1 132 ? 16.427  -7.461  -7.626  1.00 34.19 ? 124 ASP A OD1 1 
ATOM   974  O OD2 . ASP A 1 132 ? 15.469  -7.181  -5.710  1.00 34.51 ? 124 ASP A OD2 1 
ATOM   975  N N   . VAL A 1 133 ? 12.372  -4.970  -9.807  1.00 31.21 ? 125 VAL A N   1 
ATOM   976  C CA  . VAL A 1 133 ? 11.042  -4.802  -10.397 1.00 29.87 ? 125 VAL A CA  1 
ATOM   977  C C   . VAL A 1 133 ? 11.219  -4.321  -11.811 1.00 31.70 ? 125 VAL A C   1 
ATOM   978  O O   . VAL A 1 133 ? 12.056  -3.448  -12.043 1.00 28.91 ? 125 VAL A O   1 
ATOM   979  C CB  . VAL A 1 133 ? 10.180  -3.770  -9.607  1.00 26.41 ? 125 VAL A CB  1 
ATOM   980  C CG1 . VAL A 1 133 ? 8.793   -3.627  -10.219 1.00 26.67 ? 125 VAL A CG1 1 
ATOM   981  C CG2 . VAL A 1 133 ? 10.069  -4.158  -8.129  1.00 27.31 ? 125 VAL A CG2 1 
ATOM   982  N N   . PRO A 1 134 ? 10.459  -4.884  -12.768 1.00 31.81 ? 126 PRO A N   1 
ATOM   983  C CA  . PRO A 1 134 ? 10.411  -4.314  -14.115 1.00 30.80 ? 126 PRO A CA  1 
ATOM   984  C C   . PRO A 1 134 ? 10.084  -2.818  -14.078 1.00 32.01 ? 126 PRO A C   1 
ATOM   985  O O   . PRO A 1 134 ? 9.071   -2.401  -13.503 1.00 32.90 ? 126 PRO A O   1 
ATOM   986  C CB  . PRO A 1 134 ? 9.309   -5.130  -14.807 1.00 29.86 ? 126 PRO A CB  1 
ATOM   987  C CG  . PRO A 1 134 ? 9.403   -6.457  -14.124 1.00 30.48 ? 126 PRO A CG  1 
ATOM   988  C CD  . PRO A 1 134 ? 9.637   -6.105  -12.668 1.00 29.11 ? 126 PRO A CD  1 
ATOM   989  N N   . LYS A 1 135 ? 10.958  -2.022  -14.676 1.00 27.86 ? 127 LYS A N   1 
ATOM   990  C CA  . LYS A 1 135 ? 10.811  -0.573  -14.709 1.00 29.75 ? 127 LYS A CA  1 
ATOM   991  C C   . LYS A 1 135 ? 9.460   -0.088  -15.252 1.00 26.76 ? 127 LYS A C   1 
ATOM   992  O O   . LYS A 1 135 ? 8.925   0.923   -14.794 1.00 27.48 ? 127 LYS A O   1 
ATOM   993  C CB  . LYS A 1 135 ? 11.972  0.018   -15.524 1.00 32.32 ? 127 LYS A CB  1 
ATOM   994  C CG  . LYS A 1 135 ? 11.884  1.498   -15.866 1.00 37.22 ? 127 LYS A CG  1 
ATOM   995  C CD  . LYS A 1 135 ? 11.937  2.426   -14.619 1.00 39.49 ? 127 LYS A CD  1 
ATOM   996  C CE  . LYS A 1 135 ? 12.591  3.760   -14.973 1.00 42.54 ? 127 LYS A CE  1 
ATOM   997  N NZ  . LYS A 1 135 ? 12.515  4.120   -16.463 1.00 41.62 ? 127 LYS A NZ  1 
ATOM   998  N N   . ALA A 1 136 ? 8.917   -0.780  -16.250 1.00 24.32 ? 128 ALA A N   1 
ATOM   999  C CA  . ALA A 1 136 ? 7.634   -0.384  -16.813 1.00 22.18 ? 128 ALA A CA  1 
ATOM   1000 C C   . ALA A 1 136 ? 6.469   -0.591  -15.807 1.00 20.79 ? 128 ALA A C   1 
ATOM   1001 O O   . ALA A 1 136 ? 5.442   0.062   -15.925 1.00 21.09 ? 128 ALA A O   1 
ATOM   1002 C CB  . ALA A 1 136 ? 7.372   -1.122  -18.105 1.00 24.06 ? 128 ALA A CB  1 
ATOM   1003 N N   . PHE A 1 137 ? 6.661   -1.499  -14.843 1.00 20.40 ? 129 PHE A N   1 
ATOM   1004 C CA  . PHE A 1 137 ? 5.734   -1.733  -13.789 1.00 21.13 ? 129 PHE A CA  1 
ATOM   1005 C C   . PHE A 1 137 ? 5.753   -0.598  -12.768 1.00 23.43 ? 129 PHE A C   1 
ATOM   1006 O O   . PHE A 1 137 ? 4.702   -0.123  -12.330 1.00 15.12 ? 129 PHE A O   1 
ATOM   1007 C CB  . PHE A 1 137 ? 6.020   -3.051  -13.075 1.00 22.21 ? 129 PHE A CB  1 
ATOM   1008 C CG  . PHE A 1 137 ? 4.884   -3.499  -12.176 1.00 24.76 ? 129 PHE A CG  1 
ATOM   1009 C CD1 . PHE A 1 137 ? 3.615   -3.759  -12.715 1.00 24.07 ? 129 PHE A CD1 1 
ATOM   1010 C CD2 . PHE A 1 137 ? 5.068   -3.659  -10.800 1.00 27.34 ? 129 PHE A CD2 1 
ATOM   1011 C CE1 . PHE A 1 137 ? 2.569   -4.187  -11.915 1.00 21.78 ? 129 PHE A CE1 1 
ATOM   1012 C CE2 . PHE A 1 137 ? 4.002   -4.069  -9.978  1.00 24.51 ? 129 PHE A CE2 1 
ATOM   1013 C CZ  . PHE A 1 137 ? 2.758   -4.346  -10.546 1.00 23.07 ? 129 PHE A CZ  1 
ATOM   1014 N N   . LEU A 1 138 ? 6.945   -0.167  -12.386 1.00 22.42 ? 130 LEU A N   1 
ATOM   1015 C CA  . LEU A 1 138 ? 7.076   1.003   -11.526 1.00 23.32 ? 130 LEU A CA  1 
ATOM   1016 C C   . LEU A 1 138 ? 6.463   2.223   -12.181 1.00 23.45 ? 130 LEU A C   1 
ATOM   1017 O O   . LEU A 1 138 ? 5.725   2.958   -11.533 1.00 27.18 ? 130 LEU A O   1 
ATOM   1018 C CB  . LEU A 1 138 ? 8.529   1.265   -11.205 1.00 27.93 ? 130 LEU A CB  1 
ATOM   1019 C CG  . LEU A 1 138 ? 9.268   0.203   -10.423 1.00 26.79 ? 130 LEU A CG  1 
ATOM   1020 C CD1 . LEU A 1 138 ? 10.698  0.714   -10.187 1.00 30.00 ? 130 LEU A CD1 1 
ATOM   1021 C CD2 . LEU A 1 138 ? 8.586   -0.116  -9.116  1.00 28.66 ? 130 LEU A CD2 1 
ATOM   1022 N N   . ASP A 1 139 ? 6.715   2.412   -13.475 1.00 21.71 ? 131 ASP A N   1 
ATOM   1023 C CA  . ASP A 1 139 ? 6.042   3.459   -14.244 1.00 22.60 ? 131 ASP A CA  1 
ATOM   1024 C C   . ASP A 1 139 ? 4.505   3.357   -14.286 1.00 25.98 ? 131 ASP A C   1 
ATOM   1025 O O   . ASP A 1 139 ? 3.800   4.391   -14.254 1.00 23.06 ? 131 ASP A O   1 
ATOM   1026 C CB  . ASP A 1 139 ? 6.546   3.456   -15.682 1.00 27.43 ? 131 ASP A CB  1 
ATOM   1027 C CG  . ASP A 1 139 ? 8.036   3.846   -15.793 1.00 32.63 ? 131 ASP A CG  1 
ATOM   1028 O OD1 . ASP A 1 139 ? 8.593   4.453   -14.839 1.00 31.89 ? 131 ASP A OD1 1 
ATOM   1029 O OD2 . ASP A 1 139 ? 8.721   3.578   -16.803 1.00 35.01 ? 131 ASP A OD2 1 
ATOM   1030 N N   . GLU A 1 140 ? 3.973   2.135   -14.397 1.00 22.73 ? 132 GLU A N   1 
ATOM   1031 C CA  . GLU A 1 140 ? 2.519   1.987   -14.531 1.00 23.99 ? 132 GLU A CA  1 
ATOM   1032 C C   . GLU A 1 140 ? 1.859   2.307   -13.192 1.00 21.94 ? 132 GLU A C   1 
ATOM   1033 O O   . GLU A 1 140 ? 0.785   2.886   -13.164 1.00 24.33 ? 132 GLU A O   1 
ATOM   1034 C CB  . GLU A 1 140 ? 2.117   0.588   -15.040 1.00 24.50 ? 132 GLU A CB  1 
ATOM   1035 C CG  . GLU A 1 140 ? 1.617   -0.370  -13.957 1.00 23.21 ? 132 GLU A CG  1 
ATOM   1036 C CD  . GLU A 1 140 ? 1.141   -1.722  -14.507 1.00 25.02 ? 132 GLU A CD  1 
ATOM   1037 O OE1 . GLU A 1 140 ? 1.853   -2.320  -15.341 1.00 24.27 ? 132 GLU A OE1 1 
ATOM   1038 O OE2 . GLU A 1 140 ? 0.069   -2.213  -14.067 1.00 25.13 ? 132 GLU A OE2 1 
ATOM   1039 N N   . ILE A 1 141 ? 2.520   1.962   -12.090 1.00 19.66 ? 133 ILE A N   1 
ATOM   1040 C CA  . ILE A 1 141 ? 2.041   2.354   -10.779 1.00 21.79 ? 133 ILE A CA  1 
ATOM   1041 C C   . ILE A 1 141 ? 2.048   3.874   -10.563 1.00 24.39 ? 133 ILE A C   1 
ATOM   1042 O O   . ILE A 1 141 ? 1.036   4.444   -10.129 1.00 24.59 ? 133 ILE A O   1 
ATOM   1043 C CB  . ILE A 1 141 ? 2.844   1.654   -9.711  1.00 24.15 ? 133 ILE A CB  1 
ATOM   1044 C CG1 . ILE A 1 141 ? 2.482   0.162   -9.699  1.00 22.10 ? 133 ILE A CG1 1 
ATOM   1045 C CG2 . ILE A 1 141 ? 2.601   2.282   -8.330  1.00 25.71 ? 133 ILE A CG2 1 
ATOM   1046 C CD1 . ILE A 1 141 ? 3.377   -0.645  -8.906  1.00 19.70 ? 133 ILE A CD1 1 
ATOM   1047 N N   . ALA A 1 142 ? 3.184   4.520   -10.841 1.00 24.46 ? 134 ALA A N   1 
ATOM   1048 C CA  . ALA A 1 142 ? 3.297   5.978   -10.733 1.00 24.15 ? 134 ALA A CA  1 
ATOM   1049 C C   . ALA A 1 142 ? 2.255   6.702   -11.601 1.00 22.49 ? 134 ALA A C   1 
ATOM   1050 O O   . ALA A 1 142 ? 1.622   7.658   -11.168 1.00 21.90 ? 134 ALA A O   1 
ATOM   1051 C CB  . ALA A 1 142 ? 4.739   6.440   -11.127 1.00 23.20 ? 134 ALA A CB  1 
ATOM   1052 N N   . HIS A 1 143 ? 2.087   6.242   -12.841 1.00 23.15 ? 135 HIS A N   1 
ATOM   1053 C CA  . HIS A 1 143 ? 1.108   6.837   -13.733 1.00 21.61 ? 135 HIS A CA  1 
ATOM   1054 C C   . HIS A 1 143 ? -0.367  6.665   -13.249 1.00 24.91 ? 135 HIS A C   1 
ATOM   1055 O O   . HIS A 1 143 ? -1.235  7.536   -13.494 1.00 24.27 ? 135 HIS A O   1 
ATOM   1056 C CB  . HIS A 1 143 ? 1.285   6.253   -15.120 1.00 19.60 ? 135 HIS A CB  1 
ATOM   1057 C CG  . HIS A 1 143 ? 0.436   6.910   -16.171 1.00 21.27 ? 135 HIS A CG  1 
ATOM   1058 N ND1 . HIS A 1 143 ? 0.513   8.256   -16.463 1.00 24.54 ? 135 HIS A ND1 1 
ATOM   1059 C CD2 . HIS A 1 143 ? -0.463  6.396   -17.036 1.00 21.72 ? 135 HIS A CD2 1 
ATOM   1060 C CE1 . HIS A 1 143 ? -0.323  8.545   -17.442 1.00 20.23 ? 135 HIS A CE1 1 
ATOM   1061 N NE2 . HIS A 1 143 ? -0.923  7.432   -17.819 1.00 22.02 ? 135 HIS A NE2 1 
ATOM   1062 N N   . PHE A 1 144 ? -0.655  5.521   -12.628 1.00 23.01 ? 136 PHE A N   1 
ATOM   1063 C CA  . PHE A 1 144 ? -1.971  5.253   -12.078 1.00 22.75 ? 136 PHE A CA  1 
ATOM   1064 C C   . PHE A 1 144 ? -2.323  6.309   -11.029 1.00 20.58 ? 136 PHE A C   1 
ATOM   1065 O O   . PHE A 1 144 ? -3.327  7.013   -11.133 1.00 19.24 ? 136 PHE A O   1 
ATOM   1066 C CB  . PHE A 1 144 ? -2.021  3.835   -11.471 1.00 21.89 ? 136 PHE A CB  1 
ATOM   1067 C CG  . PHE A 1 144 ? -3.275  3.549   -10.677 1.00 21.30 ? 136 PHE A CG  1 
ATOM   1068 C CD1 . PHE A 1 144 ? -4.451  3.209   -11.320 1.00 18.18 ? 136 PHE A CD1 1 
ATOM   1069 C CD2 . PHE A 1 144 ? -3.263  3.616   -9.280  1.00 20.94 ? 136 PHE A CD2 1 
ATOM   1070 C CE1 . PHE A 1 144 ? -5.615  2.937   -10.592 1.00 20.10 ? 136 PHE A CE1 1 
ATOM   1071 C CE2 . PHE A 1 144 ? -4.431  3.339   -8.536  1.00 19.92 ? 136 PHE A CE2 1 
ATOM   1072 C CZ  . PHE A 1 144 ? -5.595  2.991   -9.196  1.00 21.00 ? 136 PHE A CZ  1 
ATOM   1073 N N   . PHE A 1 145 ? -1.464  6.429   -10.042 1.00 23.11 ? 137 PHE A N   1 
ATOM   1074 C CA  . PHE A 1 145 ? -1.655  7.433   -8.995  1.00 26.09 ? 137 PHE A CA  1 
ATOM   1075 C C   . PHE A 1 145 ? -1.603  8.899   -9.514  1.00 24.76 ? 137 PHE A C   1 
ATOM   1076 O O   . PHE A 1 145 ? -2.361  9.737   -9.057  1.00 26.18 ? 137 PHE A O   1 
ATOM   1077 C CB  . PHE A 1 145 ? -0.699  7.169   -7.833  1.00 23.03 ? 137 PHE A CB  1 
ATOM   1078 C CG  . PHE A 1 145 ? -1.050  5.924   -7.038  1.00 23.07 ? 137 PHE A CG  1 
ATOM   1079 C CD1 . PHE A 1 145 ? -2.271  5.831   -6.362  1.00 23.53 ? 137 PHE A CD1 1 
ATOM   1080 C CD2 . PHE A 1 145 ? -0.177  4.843   -6.995  1.00 24.82 ? 137 PHE A CD2 1 
ATOM   1081 C CE1 . PHE A 1 145 ? -2.613  4.704   -5.630  1.00 23.54 ? 137 PHE A CE1 1 
ATOM   1082 C CE2 . PHE A 1 145 ? -0.489  3.706   -6.264  1.00 25.38 ? 137 PHE A CE2 1 
ATOM   1083 C CZ  . PHE A 1 145 ? -1.730  3.629   -5.573  1.00 25.64 ? 137 PHE A CZ  1 
ATOM   1084 N N   . LYS A 1 146 ? -0.785  9.170   -10.521 1.00 25.36 ? 138 LYS A N   1 
ATOM   1085 C CA  . LYS A 1 146 ? -0.757  10.498  -11.154 1.00 24.73 ? 138 LYS A CA  1 
ATOM   1086 C C   . LYS A 1 146 ? -2.094  10.877  -11.846 1.00 27.04 ? 138 LYS A C   1 
ATOM   1087 O O   . LYS A 1 146 ? -2.474  12.063  -11.857 1.00 28.78 ? 138 LYS A O   1 
ATOM   1088 C CB  . LYS A 1 146 ? 0.418   10.587  -12.155 1.00 25.51 ? 138 LYS A CB  1 
ATOM   1089 C CG  . LYS A 1 146 ? 0.614   11.977  -12.800 1.00 25.95 ? 138 LYS A CG  1 
ATOM   1090 N N   . ARG A 1 147 ? -2.805  9.900   -12.430 1.00 25.43 ? 139 ARG A N   1 
ATOM   1091 C CA  . ARG A 1 147 ? -4.019  10.222  -13.203 1.00 23.86 ? 139 ARG A CA  1 
ATOM   1092 C C   . ARG A 1 147 ? -5.371  9.776   -12.636 1.00 22.81 ? 139 ARG A C   1 
ATOM   1093 O O   . ARG A 1 147 ? -6.389  10.241  -13.130 1.00 21.07 ? 139 ARG A O   1 
ATOM   1094 C CB  . ARG A 1 147 ? -3.883  9.704   -14.621 1.00 24.72 ? 139 ARG A CB  1 
ATOM   1095 C CG  . ARG A 1 147 ? -2.733  10.370  -15.387 1.00 28.37 ? 139 ARG A CG  1 
ATOM   1096 C CD  . ARG A 1 147 ? -2.739  11.878  -15.298 1.00 26.62 ? 139 ARG A CD  1 
ATOM   1097 N NE  . ARG A 1 147 ? -1.708  12.492  -16.127 1.00 27.73 ? 139 ARG A NE  1 
ATOM   1098 C CZ  . ARG A 1 147 ? -1.413  13.809  -16.110 1.00 30.67 ? 139 ARG A CZ  1 
ATOM   1099 N NH1 . ARG A 1 147 ? -2.057  14.648  -15.296 1.00 30.43 ? 139 ARG A NH1 1 
ATOM   1100 N NH2 . ARG A 1 147 ? -0.471  14.294  -16.908 1.00 29.10 ? 139 ARG A NH2 1 
ATOM   1101 N N   . TYR A 1 148 ? -5.395  8.902   -11.627 1.00 19.94 ? 140 TYR A N   1 
ATOM   1102 C CA  . TYR A 1 148 ? -6.654  8.232   -11.275 1.00 22.58 ? 140 TYR A CA  1 
ATOM   1103 C C   . TYR A 1 148 ? -7.736  9.132   -10.633 1.00 26.61 ? 140 TYR A C   1 
ATOM   1104 O O   . TYR A 1 148 ? -8.924  8.754   -10.632 1.00 24.47 ? 140 TYR A O   1 
ATOM   1105 C CB  . TYR A 1 148 ? -6.411  6.953   -10.452 1.00 22.33 ? 140 TYR A CB  1 
ATOM   1106 C CG  . TYR A 1 148 ? -6.132  7.103   -8.963  1.00 22.82 ? 140 TYR A CG  1 
ATOM   1107 C CD1 . TYR A 1 148 ? -6.722  6.227   -8.046  1.00 24.25 ? 140 TYR A CD1 1 
ATOM   1108 C CD2 . TYR A 1 148 ? -5.287  8.091   -8.458  1.00 23.97 ? 140 TYR A CD2 1 
ATOM   1109 C CE1 . TYR A 1 148 ? -6.463  6.316   -6.680  1.00 22.16 ? 140 TYR A CE1 1 
ATOM   1110 C CE2 . TYR A 1 148 ? -5.014  8.182   -7.074  1.00 21.86 ? 140 TYR A CE2 1 
ATOM   1111 C CZ  . TYR A 1 148 ? -5.611  7.279   -6.203  1.00 23.75 ? 140 TYR A CZ  1 
ATOM   1112 O OH  . TYR A 1 148 ? -5.390  7.346   -4.850  1.00 24.78 ? 140 TYR A OH  1 
ATOM   1113 N N   . LYS A 1 149 ? -7.319  10.309  -10.131 1.00 29.53 ? 141 LYS A N   1 
ATOM   1114 C CA  . LYS A 1 149 ? -8.218  11.296  -9.524  1.00 32.35 ? 141 LYS A CA  1 
ATOM   1115 C C   . LYS A 1 149 ? -8.260  12.613  -10.332 1.00 32.63 ? 141 LYS A C   1 
ATOM   1116 O O   . LYS A 1 149 ? -8.690  13.637  -9.830  1.00 29.91 ? 141 LYS A O   1 
ATOM   1117 C CB  . LYS A 1 149 ? -7.796  11.565  -8.075  1.00 32.44 ? 141 LYS A CB  1 
ATOM   1118 C CG  . LYS A 1 149 ? -8.180  10.459  -7.096  1.00 34.32 ? 141 LYS A CG  1 
ATOM   1119 C CD  . LYS A 1 149 ? -7.732  10.789  -5.677  1.00 35.47 ? 141 LYS A CD  1 
ATOM   1120 C CE  . LYS A 1 149 ? -7.990  9.610   -4.745  1.00 39.10 ? 141 LYS A CE  1 
ATOM   1121 N NZ  . LYS A 1 149 ? -7.475  9.782   -3.318  1.00 41.21 ? 141 LYS A NZ  1 
ATOM   1122 N N   . GLU A 1 150 ? -7.834  12.561  -11.589 1.00 35.19 ? 142 GLU A N   1 
ATOM   1123 C CA  . GLU A 1 150 ? -7.774  13.757  -12.450 1.00 34.85 ? 142 GLU A CA  1 
ATOM   1124 C C   . GLU A 1 150 ? -9.168  14.275  -12.794 1.00 33.76 ? 142 GLU A C   1 
ATOM   1125 O O   . GLU A 1 150 ? -9.359  15.484  -12.895 1.00 31.81 ? 142 GLU A O   1 
ATOM   1126 C CB  . GLU A 1 150 ? -6.997  13.479  -13.734 1.00 33.80 ? 142 GLU A CB  1 
ATOM   1127 C CG  . GLU A 1 150 ? -6.723  14.738  -14.537 1.00 36.24 ? 142 GLU A CG  1 
ATOM   1128 C CD  . GLU A 1 150 ? -5.972  14.483  -15.839 1.00 37.67 ? 142 GLU A CD  1 
ATOM   1129 O OE1 . GLU A 1 150 ? -5.374  13.417  -16.014 1.00 37.86 ? 142 GLU A OE1 1 
ATOM   1130 O OE2 . GLU A 1 150 ? -5.980  15.368  -16.701 1.00 41.45 ? 142 GLU A OE2 1 
ATOM   1131 N N   . LEU A 1 151 ? -10.138 13.375  -12.966 1.00 31.55 ? 143 LEU A N   1 
ATOM   1132 C CA  . LEU A 1 151 ? -11.526 13.809  -13.230 1.00 32.60 ? 143 LEU A CA  1 
ATOM   1133 C C   . LEU A 1 151 ? -12.272 14.287  -11.968 1.00 30.94 ? 143 LEU A C   1 
ATOM   1134 O O   . LEU A 1 151 ? -13.374 14.805  -12.081 1.00 35.09 ? 143 LEU A O   1 
ATOM   1135 C CB  . LEU A 1 151 ? -12.345 12.701  -13.919 1.00 30.78 ? 143 LEU A CB  1 
ATOM   1136 C CG  . LEU A 1 151 ? -12.085 12.426  -15.392 1.00 31.21 ? 143 LEU A CG  1 
ATOM   1137 C CD1 . LEU A 1 151 ? -12.924 11.265  -15.862 1.00 29.54 ? 143 LEU A CD1 1 
ATOM   1138 C CD2 . LEU A 1 151 ? -12.377 13.666  -16.251 1.00 33.45 ? 143 LEU A CD2 1 
ATOM   1139 N N   . GLN A 1 152 ? -11.687 14.087  -10.789 1.00 30.16 ? 144 GLN A N   1 
ATOM   1140 C CA  . GLN A 1 152 ? -12.219 14.633  -9.546  1.00 34.06 ? 144 GLN A CA  1 
ATOM   1141 C C   . GLN A 1 152 ? -11.551 15.966  -9.157  1.00 35.79 ? 144 GLN A C   1 
ATOM   1142 O O   . GLN A 1 152 ? -11.796 16.490  -8.080  1.00 33.79 ? 144 GLN A O   1 
ATOM   1143 C CB  . GLN A 1 152 ? -11.993 13.657  -8.422  1.00 34.88 ? 144 GLN A CB  1 
ATOM   1144 C CG  . GLN A 1 152 ? -12.604 12.294  -8.652  1.00 36.41 ? 144 GLN A CG  1 
ATOM   1145 C CD  . GLN A 1 152 ? -12.488 11.452  -7.433  1.00 36.65 ? 144 GLN A CD  1 
ATOM   1146 O OE1 . GLN A 1 152 ? -11.770 10.448  -7.429  1.00 32.96 ? 144 GLN A OE1 1 
ATOM   1147 N NE2 . GLN A 1 152 ? -13.161 11.882  -6.353  1.00 33.97 ? 144 GLN A NE2 1 
ATOM   1148 N N   . GLY A 1 153 ? -10.708 16.490  -10.038 1.00 37.87 ? 145 GLY A N   1 
ATOM   1149 C CA  . GLY A 1 153 ? -10.042 17.769  -9.808  1.00 40.54 ? 145 GLY A CA  1 
ATOM   1150 C C   . GLY A 1 153 ? -8.859  17.719  -8.859  1.00 41.68 ? 145 GLY A C   1 
ATOM   1151 O O   . GLY A 1 153 ? -8.362  18.752  -8.464  1.00 45.21 ? 145 GLY A O   1 
ATOM   1152 N N   . LYS A 1 154 ? -8.372  16.538  -8.496  1.00 44.76 ? 146 LYS A N   1 
ATOM   1153 C CA  . LYS A 1 154 ? -7.233  16.488  -7.586  1.00 45.49 ? 146 LYS A CA  1 
ATOM   1154 C C   . LYS A 1 154 ? -5.924  16.638  -8.348  1.00 46.85 ? 146 LYS A C   1 
ATOM   1155 O O   . LYS A 1 154 ? -5.851  16.308  -9.527  1.00 44.23 ? 146 LYS A O   1 
ATOM   1156 C CB  . LYS A 1 154 ? -7.250  15.214  -6.746  1.00 47.81 ? 146 LYS A CB  1 
ATOM   1157 C CG  . LYS A 1 154 ? -8.554  15.009  -5.956  1.00 49.51 ? 146 LYS A CG  1 
ATOM   1158 C CD  . LYS A 1 154 ? -9.032  16.282  -5.209  1.00 50.30 ? 146 LYS A CD  1 
ATOM   1159 C CE  . LYS A 1 154 ? -10.341 16.028  -4.435  1.00 50.68 ? 146 LYS A CE  1 
ATOM   1160 N NZ  . LYS A 1 154 ? -11.440 15.507  -5.321  1.00 50.61 ? 146 LYS A NZ  1 
ATOM   1161 N N   . GLU A 1 155 ? -4.908  17.184  -7.671  1.00 47.84 ? 147 GLU A N   1 
ATOM   1162 C CA  . GLU A 1 155 ? -3.554  17.272  -8.213  1.00 49.35 ? 147 GLU A CA  1 
ATOM   1163 C C   . GLU A 1 155 ? -2.629  16.391  -7.356  1.00 49.35 ? 147 GLU A C   1 
ATOM   1164 O O   . GLU A 1 155 ? -2.514  16.593  -6.147  1.00 52.05 ? 147 GLU A O   1 
ATOM   1165 C CB  . GLU A 1 155 ? -3.069  18.724  -8.224  1.00 49.11 ? 147 GLU A CB  1 
ATOM   1166 N N   . ILE A 1 156 ? -2.027  15.384  -7.983  1.00 48.57 ? 148 ILE A N   1 
ATOM   1167 C CA  . ILE A 1 156 ? -1.069  14.492  -7.336  1.00 47.93 ? 148 ILE A CA  1 
ATOM   1168 C C   . ILE A 1 156 ? 0.282   14.767  -7.979  1.00 47.97 ? 148 ILE A C   1 
ATOM   1169 O O   . ILE A 1 156 ? 0.379   14.726  -9.205  1.00 50.28 ? 148 ILE A O   1 
ATOM   1170 C CB  . ILE A 1 156 ? -1.469  12.999  -7.551  1.00 44.95 ? 148 ILE A CB  1 
ATOM   1171 N N   . ILE A 1 157 ? 1.303   15.074  -7.171  1.00 45.19 ? 149 ILE A N   1 
ATOM   1172 C CA  . ILE A 1 157 ? 2.689   15.202  -7.655  1.00 44.28 ? 149 ILE A CA  1 
ATOM   1173 C C   . ILE A 1 157 ? 3.404   13.932  -7.261  1.00 43.67 ? 149 ILE A C   1 
ATOM   1174 O O   . ILE A 1 157 ? 3.293   13.491  -6.122  1.00 42.43 ? 149 ILE A O   1 
ATOM   1175 C CB  . ILE A 1 157 ? 3.423   16.436  -7.028  1.00 43.24 ? 149 ILE A CB  1 
ATOM   1176 N N   . VAL A 1 158 ? 4.131   13.346  -8.206  1.00 43.20 ? 150 VAL A N   1 
ATOM   1177 C CA  . VAL A 1 158 ? 4.830   12.084  -7.978  1.00 44.84 ? 150 VAL A CA  1 
ATOM   1178 C C   . VAL A 1 158 ? 6.309   12.353  -7.851  1.00 43.44 ? 150 VAL A C   1 
ATOM   1179 O O   . VAL A 1 158 ? 6.931   12.768  -8.805  1.00 45.04 ? 150 VAL A O   1 
ATOM   1180 C CB  . VAL A 1 158 ? 4.569   11.097  -9.143  1.00 44.94 ? 150 VAL A CB  1 
ATOM   1181 C CG1 . VAL A 1 158 ? 5.429   9.851   -9.023  1.00 44.89 ? 150 VAL A CG1 1 
ATOM   1182 C CG2 . VAL A 1 158 ? 3.064   10.744  -9.219  1.00 44.39 ? 150 VAL A CG2 1 
ATOM   1183 N N   . GLU A 1 159 ? 6.860   12.127  -6.659  1.00 45.32 ? 151 GLU A N   1 
ATOM   1184 C CA  . GLU A 1 159 ? 8.296   12.337  -6.397  1.00 45.47 ? 151 GLU A CA  1 
ATOM   1185 C C   . GLU A 1 159 ? 9.130   11.192  -6.945  1.00 43.09 ? 151 GLU A C   1 
ATOM   1186 O O   . GLU A 1 159 ? 10.243  11.392  -7.367  1.00 43.16 ? 151 GLU A O   1 
ATOM   1187 C CB  . GLU A 1 159 ? 8.564   12.464  -4.903  1.00 46.28 ? 151 GLU A CB  1 
ATOM   1188 C CG  . GLU A 1 159 ? 7.875   13.652  -4.243  1.00 49.80 ? 151 GLU A CG  1 
ATOM   1189 C CD  . GLU A 1 159 ? 7.804   13.511  -2.730  1.00 51.31 ? 151 GLU A CD  1 
ATOM   1190 O OE1 . GLU A 1 159 ? 6.823   12.906  -2.238  1.00 57.33 ? 151 GLU A OE1 1 
ATOM   1191 O OE2 . GLU A 1 159 ? 8.712   13.994  -2.028  1.00 52.48 ? 151 GLU A OE2 1 
ATOM   1192 N N   . GLY A 1 160 ? 8.578   9.984   -6.944  1.00 42.13 ? 152 GLY A N   1 
ATOM   1193 C CA  . GLY A 1 160 ? 9.275   8.842   -7.499  1.00 37.25 ? 152 GLY A CA  1 
ATOM   1194 C C   . GLY A 1 160 ? 9.397   7.752   -6.466  1.00 34.54 ? 152 GLY A C   1 
ATOM   1195 O O   . GLY A 1 160 ? 8.604   7.660   -5.514  1.00 33.01 ? 152 GLY A O   1 
ATOM   1196 N N   . TRP A 1 161 ? 10.415  6.937   -6.649  1.00 31.45 ? 153 TRP A N   1 
ATOM   1197 C CA  . TRP A 1 161 ? 10.570  5.698   -5.913  1.00 30.61 ? 153 TRP A CA  1 
ATOM   1198 C C   . TRP A 1 161 ? 11.824  5.712   -5.056  1.00 30.14 ? 153 TRP A C   1 
ATOM   1199 O O   . TRP A 1 161 ? 12.826  6.311   -5.440  1.00 30.65 ? 153 TRP A O   1 
ATOM   1200 C CB  . TRP A 1 161 ? 10.676  4.556   -6.931  1.00 28.13 ? 153 TRP A CB  1 
ATOM   1201 C CG  . TRP A 1 161 ? 9.390   4.252   -7.637  1.00 27.11 ? 153 TRP A CG  1 
ATOM   1202 C CD1 . TRP A 1 161 ? 8.968   4.728   -8.845  1.00 27.76 ? 153 TRP A CD1 1 
ATOM   1203 C CD2 . TRP A 1 161 ? 8.363   3.384   -7.171  1.00 25.10 ? 153 TRP A CD2 1 
ATOM   1204 N NE1 . TRP A 1 161 ? 7.731   4.207   -9.159  1.00 26.94 ? 153 TRP A NE1 1 
ATOM   1205 C CE2 . TRP A 1 161 ? 7.339   3.372   -8.148  1.00 26.65 ? 153 TRP A CE2 1 
ATOM   1206 C CE3 . TRP A 1 161 ? 8.205   2.592   -6.028  1.00 26.83 ? 153 TRP A CE3 1 
ATOM   1207 C CZ2 . TRP A 1 161 ? 6.172   2.623   -8.000  1.00 27.16 ? 153 TRP A CZ2 1 
ATOM   1208 C CZ3 . TRP A 1 161 ? 7.039   1.836   -5.891  1.00 27.77 ? 153 TRP A CZ3 1 
ATOM   1209 C CH2 . TRP A 1 161 ? 6.052   1.851   -6.873  1.00 26.68 ? 153 TRP A CH2 1 
ATOM   1210 N N   . GLU A 1 162 ? 11.789  5.005   -3.931  1.00 29.98 ? 154 GLU A N   1 
ATOM   1211 C CA  . GLU A 1 162 ? 12.995  4.637   -3.221  1.00 34.14 ? 154 GLU A CA  1 
ATOM   1212 C C   . GLU A 1 162 ? 13.028  3.142   -2.909  1.00 35.26 ? 154 GLU A C   1 
ATOM   1213 O O   . GLU A 1 162 ? 12.059  2.414   -3.151  1.00 36.07 ? 154 GLU A O   1 
ATOM   1214 C CB  . GLU A 1 162 ? 13.157  5.501   -1.959  1.00 41.11 ? 154 GLU A CB  1 
ATOM   1215 C CG  . GLU A 1 162 ? 14.212  6.610   -2.118  1.00 46.55 ? 154 GLU A CG  1 
ATOM   1216 C CD  . GLU A 1 162 ? 13.771  7.938   -1.540  1.00 52.23 ? 154 GLU A CD  1 
ATOM   1217 O OE1 . GLU A 1 162 ? 13.281  7.953   -0.379  1.00 56.54 ? 154 GLU A OE1 1 
ATOM   1218 O OE2 . GLU A 1 162 ? 13.908  8.980   -2.246  1.00 53.99 ? 154 GLU A OE2 1 
ATOM   1219 N N   . GLY A 1 163 ? 14.168  2.699   -2.388  1.00 32.19 ? 155 GLY A N   1 
ATOM   1220 C CA  . GLY A 1 163 ? 14.477  1.294   -2.187  1.00 29.21 ? 155 GLY A CA  1 
ATOM   1221 C C   . GLY A 1 163 ? 13.916  0.723   -0.928  1.00 25.16 ? 155 GLY A C   1 
ATOM   1222 O O   . GLY A 1 163 ? 13.192  1.394   -0.212  1.00 27.23 ? 155 GLY A O   1 
ATOM   1223 N N   . ALA A 1 164 ? 14.276  -0.524  -0.655  1.00 27.41 ? 156 ALA A N   1 
ATOM   1224 C CA  . ALA A 1 164 ? 13.705  -1.294  0.457   1.00 26.22 ? 156 ALA A CA  1 
ATOM   1225 C C   . ALA A 1 164 ? 14.055  -0.699  1.801   1.00 28.99 ? 156 ALA A C   1 
ATOM   1226 O O   . ALA A 1 164 ? 13.221  -0.673  2.732   1.00 25.32 ? 156 ALA A O   1 
ATOM   1227 C CB  . ALA A 1 164 ? 14.199  -2.766  0.404   1.00 25.38 ? 156 ALA A CB  1 
ATOM   1228 N N   . GLU A 1 165 ? 15.300  -0.239  1.923   1.00 31.98 ? 157 GLU A N   1 
ATOM   1229 C CA  . GLU A 1 165 ? 15.762  0.341   3.193   1.00 33.14 ? 157 GLU A CA  1 
ATOM   1230 C C   . GLU A 1 165 ? 14.918  1.531   3.605   1.00 27.33 ? 157 GLU A C   1 
ATOM   1231 O O   . GLU A 1 165 ? 14.558  1.649   4.766   1.00 29.55 ? 157 GLU A O   1 
ATOM   1232 C CB  . GLU A 1 165 ? 17.260  0.709   3.122   1.00 35.36 ? 157 GLU A CB  1 
ATOM   1233 C CG  . GLU A 1 165 ? 18.162  -0.495  3.395   1.00 36.71 ? 157 GLU A CG  1 
ATOM   1234 N N   . ALA A 1 166 ? 14.581  2.387   2.649   1.00 24.35 ? 158 ALA A N   1 
ATOM   1235 C CA  . ALA A 1 166 ? 13.710  3.547   2.915   1.00 28.17 ? 158 ALA A CA  1 
ATOM   1236 C C   . ALA A 1 166 ? 12.306  3.149   3.351   1.00 31.73 ? 158 ALA A C   1 
ATOM   1237 O O   . ALA A 1 166 ? 11.746  3.727   4.293   1.00 32.49 ? 158 ALA A O   1 
ATOM   1238 C CB  . ALA A 1 166 ? 13.632  4.437   1.703   1.00 27.15 ? 158 ALA A CB  1 
ATOM   1239 N N   . ALA A 1 167 ? 11.749  2.164   2.640   1.00 31.50 ? 159 ALA A N   1 
ATOM   1240 C CA  . ALA A 1 167 ? 10.440  1.604   2.950   1.00 29.52 ? 159 ALA A CA  1 
ATOM   1241 C C   . ALA A 1 167 ? 10.370  1.177   4.387   1.00 27.19 ? 159 ALA A C   1 
ATOM   1242 O O   . ALA A 1 167 ? 9.406   1.494   5.105   1.00 25.56 ? 159 ALA A O   1 
ATOM   1243 C CB  . ALA A 1 167 ? 10.170  0.400   2.053   1.00 28.51 ? 159 ALA A CB  1 
ATOM   1244 N N   . LYS A 1 168 ? 11.379  0.404   4.783   1.00 29.82 ? 160 LYS A N   1 
ATOM   1245 C CA  . LYS A 1 168 ? 11.461  -0.174  6.126   1.00 32.28 ? 160 LYS A CA  1 
ATOM   1246 C C   . LYS A 1 168 ? 11.633  0.868   7.233   1.00 32.06 ? 160 LYS A C   1 
ATOM   1247 O O   . LYS A 1 168 ? 11.020  0.728   8.274   1.00 30.57 ? 160 LYS A O   1 
ATOM   1248 C CB  . LYS A 1 168 ? 12.557  -1.221  6.191   1.00 34.30 ? 160 LYS A CB  1 
ATOM   1249 C CG  . LYS A 1 168 ? 12.283  -2.426  5.295   1.00 35.95 ? 160 LYS A CG  1 
ATOM   1250 C CD  . LYS A 1 168 ? 13.512  -3.305  5.139   1.00 37.16 ? 160 LYS A CD  1 
ATOM   1251 C CE  . LYS A 1 168 ? 13.275  -4.392  4.085   1.00 39.50 ? 160 LYS A CE  1 
ATOM   1252 N NZ  . LYS A 1 168 ? 13.959  -5.673  4.399   1.00 39.70 ? 160 LYS A NZ  1 
ATOM   1253 N N   . ARG A 1 169 ? 12.434  1.911   6.994   1.00 34.35 ? 161 ARG A N   1 
ATOM   1254 C CA  . ARG A 1 169 ? 12.465  3.091   7.894   1.00 35.85 ? 161 ARG A CA  1 
ATOM   1255 C C   . ARG A 1 169 ? 11.058  3.666   8.122   1.00 35.31 ? 161 ARG A C   1 
ATOM   1256 O O   . ARG A 1 169 ? 10.624  3.859   9.256   1.00 34.76 ? 161 ARG A O   1 
ATOM   1257 C CB  . ARG A 1 169 ? 13.312  4.219   7.306   1.00 35.92 ? 161 ARG A CB  1 
ATOM   1258 C CG  . ARG A 1 169 ? 14.758  4.127   7.592   1.00 39.93 ? 161 ARG A CG  1 
ATOM   1259 C CD  . ARG A 1 169 ? 15.507  5.432   7.342   1.00 38.37 ? 161 ARG A CD  1 
ATOM   1260 N NE  . ARG A 1 169 ? 15.537  5.845   5.932   1.00 41.02 ? 161 ARG A NE  1 
ATOM   1261 C CZ  . ARG A 1 169 ? 16.349  5.341   4.999   1.00 38.51 ? 161 ARG A CZ  1 
ATOM   1262 N NH1 . ARG A 1 169 ? 17.202  4.374   5.267   1.00 36.43 ? 161 ARG A NH1 1 
ATOM   1263 N NH2 . ARG A 1 169 ? 16.291  5.813   3.779   1.00 40.93 ? 161 ARG A NH2 1 
ATOM   1264 N N   . GLU A 1 170 ? 10.368  3.947   7.018   1.00 33.96 ? 162 GLU A N   1 
ATOM   1265 C CA  . GLU A 1 170 ? 9.040   4.548   7.055   1.00 32.26 ? 162 GLU A CA  1 
ATOM   1266 C C   . GLU A 1 170 ? 7.992   3.700   7.751   1.00 30.06 ? 162 GLU A C   1 
ATOM   1267 O O   . GLU A 1 170 ? 7.092   4.241   8.394   1.00 32.47 ? 162 GLU A O   1 
ATOM   1268 C CB  . GLU A 1 170 ? 8.582   4.894   5.649   1.00 33.36 ? 162 GLU A CB  1 
ATOM   1269 C CG  . GLU A 1 170 ? 9.349   6.027   5.038   1.00 36.86 ? 162 GLU A CG  1 
ATOM   1270 C CD  . GLU A 1 170 ? 9.315   7.322   5.850   1.00 40.65 ? 162 GLU A CD  1 
ATOM   1271 O OE1 . GLU A 1 170 ? 10.301  8.066   5.774   1.00 43.88 ? 162 GLU A OE1 1 
ATOM   1272 O OE2 . GLU A 1 170 ? 8.318   7.616   6.540   1.00 41.49 ? 162 GLU A OE2 1 
ATOM   1273 N N   . ILE A 1 171 ? 8.118   2.379   7.651   1.00 29.41 ? 163 ILE A N   1 
ATOM   1274 C CA  . ILE A 1 171 ? 7.239   1.456   8.396   1.00 28.15 ? 163 ILE A CA  1 
ATOM   1275 C C   . ILE A 1 171 ? 7.457   1.566   9.915   1.00 29.43 ? 163 ILE A C   1 
ATOM   1276 O O   . ILE A 1 171 ? 6.481   1.695   10.681  1.00 30.67 ? 163 ILE A O   1 
ATOM   1277 C CB  . ILE A 1 171 ? 7.406   -0.033  7.882   1.00 25.88 ? 163 ILE A CB  1 
ATOM   1278 C CG1 . ILE A 1 171 ? 6.677   -0.203  6.534   1.00 25.02 ? 163 ILE A CG1 1 
ATOM   1279 C CG2 . ILE A 1 171 ? 6.905   -1.036  8.883   1.00 25.08 ? 163 ILE A CG2 1 
ATOM   1280 C CD1 . ILE A 1 171 ? 7.286   -1.190  5.628   1.00 22.20 ? 163 ILE A CD1 1 
ATOM   1281 N N   . LEU A 1 172 ? 8.717   1.502   10.341  1.00 30.16 ? 164 LEU A N   1 
ATOM   1282 C CA  . LEU A 1 172 ? 9.086   1.672   11.776  1.00 31.36 ? 164 LEU A CA  1 
ATOM   1283 C C   . LEU A 1 172 ? 8.649   3.039   12.339  1.00 27.38 ? 164 LEU A C   1 
ATOM   1284 O O   . LEU A 1 172 ? 8.201   3.139   13.447  1.00 30.11 ? 164 LEU A O   1 
ATOM   1285 C CB  . LEU A 1 172 ? 10.582  1.517   11.967  1.00 31.13 ? 164 LEU A CB  1 
ATOM   1286 C CG  . LEU A 1 172 ? 11.236  0.159   11.781  1.00 31.73 ? 164 LEU A CG  1 
ATOM   1287 C CD1 . LEU A 1 172 ? 12.687  0.315   12.046  1.00 33.55 ? 164 LEU A CD1 1 
ATOM   1288 C CD2 . LEU A 1 172 ? 10.661  -0.888  12.697  1.00 32.43 ? 164 LEU A CD2 1 
ATOM   1289 N N   . ARG A 1 173 ? 8.766   4.056   11.524  1.00 30.46 ? 165 ARG A N   1 
ATOM   1290 C CA  . ARG A 1 173 ? 8.303   5.391   11.830  1.00 32.89 ? 165 ARG A CA  1 
ATOM   1291 C C   . ARG A 1 173 ? 6.768   5.456   11.992  1.00 34.75 ? 165 ARG A C   1 
ATOM   1292 O O   . ARG A 1 173 ? 6.244   6.008   12.974  1.00 36.10 ? 165 ARG A O   1 
ATOM   1293 C CB  . ARG A 1 173 ? 8.778   6.300   10.703  1.00 36.24 ? 165 ARG A CB  1 
ATOM   1294 C CG  . ARG A 1 173 ? 8.777   7.736   11.017  1.00 41.32 ? 165 ARG A CG  1 
ATOM   1295 C CD  . ARG A 1 173 ? 9.332   8.593   9.919   1.00 42.93 ? 165 ARG A CD  1 
ATOM   1296 N NE  . ARG A 1 173 ? 8.748   9.923   10.010  1.00 44.78 ? 165 ARG A NE  1 
ATOM   1297 C CZ  . ARG A 1 173 ? 7.825   10.427  9.184   1.00 46.55 ? 165 ARG A CZ  1 
ATOM   1298 N NH1 . ARG A 1 173 ? 7.362   9.733   8.146   1.00 47.82 ? 165 ARG A NH1 1 
ATOM   1299 N NH2 . ARG A 1 173 ? 7.366   11.656  9.397   1.00 44.93 ? 165 ARG A NH2 1 
ATOM   1300 N N   . ALA A 1 174 ? 6.035   4.874   11.041  1.00 34.75 ? 166 ALA A N   1 
ATOM   1301 C CA  . ALA A 1 174 ? 4.564   4.826   11.144  1.00 32.56 ? 166 ALA A CA  1 
ATOM   1302 C C   . ALA A 1 174 ? 4.061   3.958   12.318  1.00 29.51 ? 166 ALA A C   1 
ATOM   1303 O O   . ALA A 1 174 ? 3.023   4.246   12.892  1.00 31.45 ? 166 ALA A O   1 
ATOM   1304 C CB  . ALA A 1 174 ? 3.919   4.384   9.799   1.00 33.07 ? 166 ALA A CB  1 
ATOM   1305 N N   . ILE A 1 175 ? 4.805   2.920   12.683  1.00 28.58 ? 167 ILE A N   1 
ATOM   1306 C CA  . ILE A 1 175 ? 4.451   2.087   13.822  1.00 30.29 ? 167 ILE A CA  1 
ATOM   1307 C C   . ILE A 1 175 ? 4.550   2.847   15.163  1.00 34.35 ? 167 ILE A C   1 
ATOM   1308 O O   . ILE A 1 175 ? 3.730   2.635   16.056  1.00 31.00 ? 167 ILE A O   1 
ATOM   1309 C CB  . ILE A 1 175 ? 5.319   0.824   13.853  1.00 30.29 ? 167 ILE A CB  1 
ATOM   1310 C CG1 . ILE A 1 175 ? 4.882   -0.149  12.760  1.00 30.82 ? 167 ILE A CG1 1 
ATOM   1311 C CG2 . ILE A 1 175 ? 5.250   0.115   15.230  1.00 30.51 ? 167 ILE A CG2 1 
ATOM   1312 C CD1 . ILE A 1 175 ? 5.906   -1.280  12.494  1.00 30.37 ? 167 ILE A CD1 1 
ATOM   1313 N N   . GLU A 1 176 ? 5.567   3.706   15.298  1.00 39.76 ? 168 GLU A N   1 
ATOM   1314 C CA  . GLU A 1 176 ? 5.707   4.530   16.501  1.00 41.16 ? 168 GLU A CA  1 
ATOM   1315 C C   . GLU A 1 176 ? 4.692   5.688   16.488  1.00 41.79 ? 168 GLU A C   1 
ATOM   1316 O O   . GLU A 1 176 ? 4.087   5.980   17.510  1.00 41.68 ? 168 GLU A O   1 
ATOM   1317 C CB  A GLU A 1 176 ? 7.165   5.036   16.690  0.60 42.40 ? 168 GLU A CB  1 
ATOM   1318 C CB  B GLU A 1 176 ? 7.156   5.016   16.673  0.40 39.23 ? 168 GLU A CB  1 
ATOM   1319 C CG  A GLU A 1 176 ? 7.661   6.105   15.706  0.60 42.47 ? 168 GLU A CG  1 
ATOM   1320 C CG  B GLU A 1 176 ? 8.165   3.890   16.911  0.40 36.70 ? 168 GLU A CG  1 
ATOM   1321 C CD  A GLU A 1 176 ? 9.089   6.587   16.004  0.60 42.59 ? 168 GLU A CD  1 
ATOM   1322 C CD  B GLU A 1 176 ? 7.878   3.082   18.174  0.40 35.02 ? 168 GLU A CD  1 
ATOM   1323 O OE1 A GLU A 1 176 ? 9.640   6.269   17.085  0.60 43.01 ? 168 GLU A OE1 1 
ATOM   1324 O OE1 B GLU A 1 176 ? 7.672   3.690   19.243  0.40 33.14 ? 168 GLU A OE1 1 
ATOM   1325 O OE2 A GLU A 1 176 ? 9.678   7.270   15.143  0.60 41.08 ? 168 GLU A OE2 1 
ATOM   1326 O OE2 B GLU A 1 176 ? 7.855   1.835   18.098  0.40 32.24 ? 168 GLU A OE2 1 
ATOM   1327 N N   . MET A 1 177 ? 4.439   6.292   15.323  1.00 43.50 ? 169 MET A N   1 
ATOM   1328 C CA  . MET A 1 177 ? 3.366   7.289   15.234  1.00 42.48 ? 169 MET A CA  1 
ATOM   1329 C C   . MET A 1 177 ? 2.002   6.733   15.671  1.00 42.72 ? 169 MET A C   1 
ATOM   1330 O O   . MET A 1 177 ? 1.178   7.471   16.227  1.00 45.32 ? 169 MET A O   1 
ATOM   1331 C CB  . MET A 1 177 ? 3.265   7.882   13.840  1.00 42.97 ? 169 MET A CB  1 
ATOM   1332 C CG  . MET A 1 177 ? 4.377   8.836   13.526  1.00 44.34 ? 169 MET A CG  1 
ATOM   1333 S SD  . MET A 1 177 ? 4.348   9.448   11.833  1.00 43.81 ? 169 MET A SD  1 
ATOM   1334 C CE  . MET A 1 177 ? 2.800   10.356  11.803  1.00 46.16 ? 169 MET A CE  1 
ATOM   1335 N N   . TYR A 1 178 ? 1.767   5.445   15.430  1.00 40.56 ? 170 TYR A N   1 
ATOM   1336 C CA  . TYR A 1 178 ? 0.549   4.795   15.901  1.00 39.80 ? 170 TYR A CA  1 
ATOM   1337 C C   . TYR A 1 178 ? 0.524   4.697   17.415  1.00 41.13 ? 170 TYR A C   1 
ATOM   1338 O O   . TYR A 1 178 ? -0.521  4.871   18.029  1.00 35.30 ? 170 TYR A O   1 
ATOM   1339 C CB  . TYR A 1 178 ? 0.415   3.393   15.330  1.00 37.06 ? 170 TYR A CB  1 
ATOM   1340 C CG  . TYR A 1 178 ? -0.821  2.653   15.819  1.00 35.84 ? 170 TYR A CG  1 
ATOM   1341 C CD1 . TYR A 1 178 ? -0.752  1.776   16.919  1.00 37.01 ? 170 TYR A CD1 1 
ATOM   1342 C CD2 . TYR A 1 178 ? -2.054  2.823   15.185  1.00 35.53 ? 170 TYR A CD2 1 
ATOM   1343 C CE1 . TYR A 1 178 ? -1.870  1.096   17.356  1.00 37.95 ? 170 TYR A CE1 1 
ATOM   1344 C CE2 . TYR A 1 178 ? -3.190  2.123   15.607  1.00 34.78 ? 170 TYR A CE2 1 
ATOM   1345 C CZ  . TYR A 1 178 ? -3.096  1.283   16.689  1.00 36.07 ? 170 TYR A CZ  1 
ATOM   1346 O OH  . TYR A 1 178 ? -4.195  0.617   17.119  1.00 35.90 ? 170 TYR A OH  1 
ATOM   1347 N N   . LYS A 1 179 ? 1.676   4.371   18.003  1.00 45.89 ? 171 LYS A N   1 
ATOM   1348 C CA  . LYS A 1 179 ? 1.818   4.296   19.459  1.00 48.61 ? 171 LYS A CA  1 
ATOM   1349 C C   . LYS A 1 179 ? 1.582   5.656   20.121  1.00 49.89 ? 171 LYS A C   1 
ATOM   1350 O O   . LYS A 1 179 ? 0.993   5.723   21.190  1.00 51.29 ? 171 LYS A O   1 
ATOM   1351 C CB  . LYS A 1 179 ? 3.200   3.750   19.845  1.00 48.42 ? 171 LYS A CB  1 
ATOM   1352 C CG  . LYS A 1 179 ? 3.409   2.247   19.553  1.00 48.35 ? 171 LYS A CG  1 
ATOM   1353 C CD  . LYS A 1 179 ? 4.896   1.879   19.670  1.00 48.67 ? 171 LYS A CD  1 
ATOM   1354 C CE  . LYS A 1 179 ? 5.153   0.377   19.565  1.00 49.02 ? 171 LYS A CE  1 
ATOM   1355 N NZ  . LYS A 1 179 ? 6.625   0.047   19.584  1.00 48.46 ? 171 LYS A NZ  1 
ATOM   1356 N N   . GLU A 1 180 ? 2.030   6.729   19.477  1.00 52.81 ? 172 GLU A N   1 
ATOM   1357 C CA  . GLU A 1 180 ? 1.798   8.081   19.979  1.00 55.01 ? 172 GLU A CA  1 
ATOM   1358 C C   . GLU A 1 180 ? 0.298   8.418   19.941  1.00 58.06 ? 172 GLU A C   1 
ATOM   1359 O O   . GLU A 1 180 ? -0.257  8.930   20.929  1.00 59.28 ? 172 GLU A O   1 
ATOM   1360 C CB  . GLU A 1 180 ? 2.598   9.119   19.175  1.00 53.23 ? 172 GLU A CB  1 
ATOM   1361 N N   . LYS A 1 181 ? -0.349  8.118   18.813  1.00 57.89 ? 173 LYS A N   1 
ATOM   1362 C CA  . LYS A 1 181 ? -1.773  8.438   18.624  1.00 57.71 ? 173 LYS A CA  1 
ATOM   1363 C C   . LYS A 1 181 ? -2.737  7.530   19.416  1.00 57.46 ? 173 LYS A C   1 
ATOM   1364 O O   . LYS A 1 181 ? -3.813  7.986   19.812  1.00 56.12 ? 173 LYS A O   1 
ATOM   1365 C CB  . LYS A 1 181 ? -2.137  8.415   17.134  1.00 57.50 ? 173 LYS A CB  1 
ATOM   1366 N N   . PHE A 1 182 ? -2.358  6.265   19.638  1.00 56.69 ? 174 PHE A N   1 
ATOM   1367 C CA  . PHE A 1 182 ? -3.219  5.282   20.320  1.00 56.16 ? 174 PHE A CA  1 
ATOM   1368 C C   . PHE A 1 182 ? -2.490  4.624   21.495  1.00 54.84 ? 174 PHE A C   1 
ATOM   1369 C CB  . PHE A 1 182 ? -3.697  4.197   19.327  1.00 55.15 ? 174 PHE A CB  1 
ATOM   1370 C CG  . PHE A 1 182 ? -4.433  4.744   18.113  1.00 54.54 ? 174 PHE A CG  1 
ATOM   1371 C CD1 . PHE A 1 182 ? -5.827  4.708   18.049  1.00 53.31 ? 174 PHE A CD1 1 
ATOM   1372 C CD2 . PHE A 1 182 ? -3.730  5.289   17.030  1.00 53.72 ? 174 PHE A CD2 1 
ATOM   1373 C CE1 . PHE A 1 182 ? -6.502  5.208   16.936  1.00 52.83 ? 174 PHE A CE1 1 
ATOM   1374 C CE2 . PHE A 1 182 ? -4.398  5.797   15.915  1.00 52.70 ? 174 PHE A CE2 1 
ATOM   1375 C CZ  . PHE A 1 182 ? -5.783  5.748   15.863  1.00 53.48 ? 174 PHE A CZ  1 
HETATM 1376 O O   . HOH B 2 .   ? -4.762  1.521   1.438   1.00 14.45 ? 179 HOH A O   1 
HETATM 1377 O O   . HOH B 2 .   ? 1.261   -13.917 -5.877  1.00 18.62 ? 180 HOH A O   1 
HETATM 1378 O O   . HOH B 2 .   ? 8.215   -10.220 -13.606 0.50 19.82 ? 181 HOH A O   1 
HETATM 1379 O O   . HOH B 2 .   ? -14.312 -5.070  -7.208  1.00 23.01 ? 182 HOH A O   1 
HETATM 1380 O O   . HOH B 2 .   ? -4.697  11.425  -9.562  1.00 27.58 ? 183 HOH A O   1 
HETATM 1381 O O   . HOH B 2 .   ? 4.561   0.933   -18.140 1.00 19.72 ? 184 HOH A O   1 
HETATM 1382 O O   . HOH B 2 .   ? -0.975  -15.577 -6.383  1.00 17.42 ? 185 HOH A O   1 
HETATM 1383 O O   . HOH B 2 .   ? 13.465  -12.893 -10.224 1.00 12.05 ? 186 HOH A O   1 
HETATM 1384 O O   . HOH B 2 .   ? 12.060  -14.376 -8.004  1.00 17.67 ? 187 HOH A O   1 
HETATM 1385 O O   . HOH B 2 .   ? -19.915 4.256   -0.360  1.00 21.52 ? 188 HOH A O   1 
HETATM 1386 O O   . HOH B 2 .   ? -11.414 8.562   -9.486  1.00 17.85 ? 189 HOH A O   1 
HETATM 1387 O O   . HOH B 2 .   ? 11.721  7.745   13.545  1.00 33.30 ? 190 HOH A O   1 
HETATM 1388 O O   . HOH B 2 .   ? 17.557  -0.603  -0.083  1.00 32.66 ? 191 HOH A O   1 
HETATM 1389 O O   . HOH B 2 .   ? 0.076   5.697   3.163   1.00 24.46 ? 192 HOH A O   1 
HETATM 1390 O O   . HOH B 2 .   ? -0.927  -4.429  -12.899 1.00 19.05 ? 193 HOH A O   1 
HETATM 1391 O O   . HOH B 2 .   ? -3.415  7.313   2.373   1.00 33.07 ? 194 HOH A O   1 
HETATM 1392 O O   . HOH B 2 .   ? 0.340   -6.501  -9.048  1.00 20.77 ? 195 HOH A O   1 
HETATM 1393 O O   . HOH B 2 .   ? -9.723  12.467  -2.498  1.00 39.90 ? 196 HOH A O   1 
HETATM 1394 O O   . HOH B 2 .   ? -5.448  5.299   0.538   1.00 28.56 ? 197 HOH A O   1 
HETATM 1395 O O   . HOH B 2 .   ? -10.753 -11.796 6.470   1.00 30.35 ? 198 HOH A O   1 
HETATM 1396 O O   . HOH B 2 .   ? 8.616   -14.333 -2.099  1.00 23.01 ? 199 HOH A O   1 
HETATM 1397 O O   . HOH B 2 .   ? -12.216 -6.854  -7.706  1.00 25.90 ? 200 HOH A O   1 
HETATM 1398 O O   . HOH B 2 .   ? -4.194  4.699   4.450   1.00 25.41 ? 201 HOH A O   1 
HETATM 1399 O O   . HOH B 2 .   ? -3.583  14.513  -12.879 1.00 32.24 ? 202 HOH A O   1 
HETATM 1400 O O   . HOH B 2 .   ? -15.178 -16.673 -5.145  1.00 27.49 ? 203 HOH A O   1 
HETATM 1401 O O   . HOH B 2 .   ? -5.816  5.033   -3.570  1.00 26.52 ? 204 HOH A O   1 
HETATM 1402 O O   . HOH B 2 .   ? -14.271 -9.492  1.495   1.00 30.50 ? 205 HOH A O   1 
HETATM 1403 O O   . HOH B 2 .   ? 2.759   -14.292 1.938   1.00 28.97 ? 206 HOH A O   1 
HETATM 1404 O O   . HOH B 2 .   ? 16.092  -10.299 -8.866  1.00 38.46 ? 207 HOH A O   1 
HETATM 1405 O O   . HOH B 2 .   ? 10.743  -10.233 -13.102 0.50 23.11 ? 208 HOH A O   1 
HETATM 1406 O O   . HOH B 2 .   ? -17.077 7.413   0.583   1.00 30.33 ? 209 HOH A O   1 
HETATM 1407 O O   . HOH B 2 .   ? -8.530  2.469   -0.203  1.00 29.00 ? 210 HOH A O   1 
HETATM 1408 O O   . HOH B 2 .   ? 5.898   -20.021 -9.139  1.00 22.90 ? 211 HOH A O   1 
HETATM 1409 O O   . HOH B 2 .   ? -10.094 10.468  -12.714 1.00 27.25 ? 212 HOH A O   1 
HETATM 1410 O O   . HOH B 2 .   ? -14.931 -11.629 0.053   0.33 22.43 ? 213 HOH A O   1 
# 
loop_
_pdbx_poly_seq_scheme.asym_id 
_pdbx_poly_seq_scheme.entity_id 
_pdbx_poly_seq_scheme.seq_id 
_pdbx_poly_seq_scheme.mon_id 
_pdbx_poly_seq_scheme.ndb_seq_num 
_pdbx_poly_seq_scheme.pdb_seq_num 
_pdbx_poly_seq_scheme.auth_seq_num 
_pdbx_poly_seq_scheme.pdb_mon_id 
_pdbx_poly_seq_scheme.auth_mon_id 
_pdbx_poly_seq_scheme.pdb_strand_id 
_pdbx_poly_seq_scheme.pdb_ins_code 
_pdbx_poly_seq_scheme.hetero 
A 1 1   ALA 1   -7  ?   ?   ?   A . n 
A 1 2   HIS 2   -6  ?   ?   ?   A . n 
A 1 3   HIS 3   -5  ?   ?   ?   A . n 
A 1 4   HIS 4   -4  ?   ?   ?   A . n 
A 1 5   HIS 5   -3  ?   ?   ?   A . n 
A 1 6   HIS 6   -2  ?   ?   ?   A . n 
A 1 7   HIS 7   -1  ?   ?   ?   A . n 
A 1 8   GLY 8   0   ?   ?   ?   A . n 
A 1 9   SER 9   1   ?   ?   ?   A . n 
A 1 10  ASN 10  2   2   ASN ASN A . n 
A 1 11  PRO 11  3   3   PRO PRO A . n 
A 1 12  PHE 12  4   4   PHE PHE A . n 
A 1 13  HIS 13  5   5   HIS HIS A . n 
A 1 14  ASP 14  6   6   ASP ASP A . n 
A 1 15  LEU 15  7   7   LEU LEU A . n 
A 1 16  GLU 16  8   8   GLU GLU A . n 
A 1 17  PRO 17  9   9   PRO PRO A . n 
A 1 18  GLY 18  10  10  GLY GLY A . n 
A 1 19  PRO 19  11  11  PRO PRO A . n 
A 1 20  ASP 20  12  12  ASP ASP A . n 
A 1 21  VAL 21  13  13  VAL VAL A . n 
A 1 22  PRO 22  14  14  PRO PRO A . n 
A 1 23  GLU 23  15  15  GLU GLU A . n 
A 1 24  VAL 24  16  16  VAL VAL A . n 
A 1 25  VAL 25  17  17  VAL VAL A . n 
A 1 26  TYR 26  18  18  TYR TYR A . n 
A 1 27  ALA 27  19  19  ALA ALA A . n 
A 1 28  ILE 28  20  20  ILE ILE A . n 
A 1 29  ILE 29  21  21  ILE ILE A . n 
A 1 30  GLU 30  22  22  GLU GLU A . n 
A 1 31  ILE 31  23  23  ILE ILE A . n 
A 1 32  PRO 32  24  24  PRO PRO A . n 
A 1 33  LYS 33  25  25  LYS LYS A . n 
A 1 34  GLY 34  26  26  GLY GLY A . n 
A 1 35  SER 35  27  27  SER SER A . n 
A 1 36  ARG 36  28  28  ARG ARG A . n 
A 1 37  ASN 37  29  29  ASN ASN A . n 
A 1 38  LYS 38  30  30  LYS LYS A . n 
A 1 39  TYR 39  31  31  TYR TYR A . n 
A 1 40  GLU 40  32  32  GLU GLU A . n 
A 1 41  LEU 41  33  33  LEU LEU A . n 
A 1 42  ASP 42  34  34  ASP ASP A . n 
A 1 43  LYS 43  35  35  LYS LYS A . n 
A 1 44  LYS 44  36  36  LYS LYS A . n 
A 1 45  THR 45  37  37  THR THR A . n 
A 1 46  GLY 46  38  38  GLY GLY A . n 
A 1 47  LEU 47  39  39  LEU LEU A . n 
A 1 48  LEU 48  40  40  LEU LEU A . n 
A 1 49  LYS 49  41  41  LYS LYS A . n 
A 1 50  LEU 50  42  42  LEU LEU A . n 
A 1 51  ASP 51  43  43  ASP ASP A . n 
A 1 52  ARG 52  44  44  ARG ARG A . n 
A 1 53  VAL 53  45  45  VAL VAL A . n 
A 1 54  LEU 54  46  46  LEU LEU A . n 
A 1 55  TYR 55  47  47  TYR TYR A . n 
A 1 56  SER 56  48  48  SER SER A . n 
A 1 57  PRO 57  49  49  PRO PRO A . n 
A 1 58  PHE 58  50  50  PHE PHE A . n 
A 1 59  PHE 59  51  51  PHE PHE A . n 
A 1 60  TYR 60  52  52  TYR TYR A . n 
A 1 61  PRO 61  53  53  PRO PRO A . n 
A 1 62  VAL 62  54  54  VAL VAL A . n 
A 1 63  ASP 63  55  55  ASP ASP A . n 
A 1 64  TYR 64  56  56  TYR TYR A . n 
A 1 65  GLY 65  57  57  GLY GLY A . n 
A 1 66  ILE 66  58  58  ILE ILE A . n 
A 1 67  ILE 67  59  59  ILE ILE A . n 
A 1 68  PRO 68  60  60  PRO PRO A . n 
A 1 69  ARG 69  61  61  ARG ARG A . n 
A 1 70  THR 70  62  62  THR THR A . n 
A 1 71  TRP 71  63  63  TRP TRP A . n 
A 1 72  TYR 72  64  64  TYR TYR A . n 
A 1 73  GLU 73  65  65  GLU GLU A . n 
A 1 74  ASP 74  66  ?   ?   ?   A . n 
A 1 75  ASP 75  67  67  ASP ASP A . n 
A 1 76  ASP 76  68  68  ASP ASP A . n 
A 1 77  PRO 77  69  69  PRO PRO A . n 
A 1 78  PHE 78  70  70  PHE PHE A . n 
A 1 79  ASP 79  71  71  ASP ASP A . n 
A 1 80  ILE 80  72  72  ILE ILE A . n 
A 1 81  MET 81  73  73  MET MET A . n 
A 1 82  VAL 82  74  74  VAL VAL A . n 
A 1 83  ILE 83  75  75  ILE ILE A . n 
A 1 84  MET 84  76  76  MET MET A . n 
A 1 85  ARG 85  77  77  ARG ARG A . n 
A 1 86  GLU 86  78  78  GLU GLU A . n 
A 1 87  PRO 87  79  79  PRO PRO A . n 
A 1 88  VAL 88  80  80  VAL VAL A . n 
A 1 89  TYR 89  81  81  TYR TYR A . n 
A 1 90  PRO 90  82  82  PRO PRO A . n 
A 1 91  LEU 91  83  83  LEU LEU A . n 
A 1 92  THR 92  84  84  THR THR A . n 
A 1 93  ILE 93  85  85  ILE ILE A . n 
A 1 94  ILE 94  86  86  ILE ILE A . n 
A 1 95  GLU 95  87  87  GLU GLU A . n 
A 1 96  ALA 96  88  88  ALA ALA A . n 
A 1 97  ARG 97  89  89  ARG ARG A . n 
A 1 98  PRO 98  90  90  PRO PRO A . n 
A 1 99  ILE 99  91  91  ILE ILE A . n 
A 1 100 GLY 100 92  92  GLY GLY A . n 
A 1 101 LEU 101 93  93  LEU LEU A . n 
A 1 102 PHE 102 94  94  PHE PHE A . n 
A 1 103 LYS 103 95  95  LYS LYS A . n 
A 1 104 MET 104 96  96  MET MET A . n 
A 1 105 ILE 105 97  97  ILE ILE A . n 
A 1 106 ASP 106 98  98  ASP ASP A . n 
A 1 107 SER 107 99  99  SER SER A . n 
A 1 108 GLY 108 100 100 GLY GLY A . n 
A 1 109 ASP 109 101 101 ASP ASP A . n 
A 1 110 LYS 110 102 102 LYS LYS A . n 
A 1 111 ASP 111 103 103 ASP ASP A . n 
A 1 112 TYR 112 104 104 TYR TYR A . n 
A 1 113 LYS 113 105 105 LYS LYS A . n 
A 1 114 VAL 114 106 106 VAL VAL A . n 
A 1 115 LEU 115 107 107 LEU LEU A . n 
A 1 116 ALA 116 108 108 ALA ALA A . n 
A 1 117 VAL 117 109 109 VAL VAL A . n 
A 1 118 PRO 118 110 110 PRO PRO A . n 
A 1 119 VAL 119 111 111 VAL VAL A . n 
A 1 120 GLU 120 112 112 GLU GLU A . n 
A 1 121 ASP 121 113 113 ASP ASP A . n 
A 1 122 PRO 122 114 114 PRO PRO A . n 
A 1 123 TYR 123 115 115 TYR TYR A . n 
A 1 124 PHE 124 116 116 PHE PHE A . n 
A 1 125 LYS 125 117 117 LYS LYS A . n 
A 1 126 ASP 126 118 118 ASP ASP A . n 
A 1 127 TRP 127 119 119 TRP TRP A . n 
A 1 128 LYS 128 120 120 LYS LYS A . n 
A 1 129 ASP 129 121 121 ASP ASP A . n 
A 1 130 ILE 130 122 122 ILE ILE A . n 
A 1 131 ASP 131 123 123 ASP ASP A . n 
A 1 132 ASP 132 124 124 ASP ASP A . n 
A 1 133 VAL 133 125 125 VAL VAL A . n 
A 1 134 PRO 134 126 126 PRO PRO A . n 
A 1 135 LYS 135 127 127 LYS LYS A . n 
A 1 136 ALA 136 128 128 ALA ALA A . n 
A 1 137 PHE 137 129 129 PHE PHE A . n 
A 1 138 LEU 138 130 130 LEU LEU A . n 
A 1 139 ASP 139 131 131 ASP ASP A . n 
A 1 140 GLU 140 132 132 GLU GLU A . n 
A 1 141 ILE 141 133 133 ILE ILE A . n 
A 1 142 ALA 142 134 134 ALA ALA A . n 
A 1 143 HIS 143 135 135 HIS HIS A . n 
A 1 144 PHE 144 136 136 PHE PHE A . n 
A 1 145 PHE 145 137 137 PHE PHE A . n 
A 1 146 LYS 146 138 138 LYS LYS A . n 
A 1 147 ARG 147 139 139 ARG ARG A . n 
A 1 148 TYR 148 140 140 TYR TYR A . n 
A 1 149 LYS 149 141 141 LYS LYS A . n 
A 1 150 GLU 150 142 142 GLU GLU A . n 
A 1 151 LEU 151 143 143 LEU LEU A . n 
A 1 152 GLN 152 144 144 GLN GLN A . n 
A 1 153 GLY 153 145 145 GLY GLY A . n 
A 1 154 LYS 154 146 146 LYS LYS A . n 
A 1 155 GLU 155 147 147 GLU GLU A . n 
A 1 156 ILE 156 148 148 ILE ILE A . n 
A 1 157 ILE 157 149 149 ILE ILE A . n 
A 1 158 VAL 158 150 150 VAL VAL A . n 
A 1 159 GLU 159 151 151 GLU GLU A . n 
A 1 160 GLY 160 152 152 GLY GLY A . n 
A 1 161 TRP 161 153 153 TRP TRP A . n 
A 1 162 GLU 162 154 154 GLU GLU A . n 
A 1 163 GLY 163 155 155 GLY GLY A . n 
A 1 164 ALA 164 156 156 ALA ALA A . n 
A 1 165 GLU 165 157 157 GLU GLU A . n 
A 1 166 ALA 166 158 158 ALA ALA A . n 
A 1 167 ALA 167 159 159 ALA ALA A . n 
A 1 168 LYS 168 160 160 LYS LYS A . n 
A 1 169 ARG 169 161 161 ARG ARG A . n 
A 1 170 GLU 170 162 162 GLU GLU A . n 
A 1 171 ILE 171 163 163 ILE ILE A . n 
A 1 172 LEU 172 164 164 LEU LEU A . n 
A 1 173 ARG 173 165 165 ARG ARG A . n 
A 1 174 ALA 174 166 166 ALA ALA A . n 
A 1 175 ILE 175 167 167 ILE ILE A . n 
A 1 176 GLU 176 168 168 GLU GLU A . n 
A 1 177 MET 177 169 169 MET MET A . n 
A 1 178 TYR 178 170 170 TYR TYR A . n 
A 1 179 LYS 179 171 171 LYS LYS A . n 
A 1 180 GLU 180 172 172 GLU GLU A . n 
A 1 181 LYS 181 173 173 LYS LYS A . n 
A 1 182 PHE 182 174 174 PHE PHE A . n 
A 1 183 GLY 183 175 ?   ?   ?   A . n 
A 1 184 LYS 184 176 ?   ?   ?   A . n 
A 1 185 LYS 185 177 ?   ?   ?   A . n 
A 1 186 GLU 186 178 ?   ?   ?   A . n 
# 
_pdbx_SG_project.id                    1 
_pdbx_SG_project.project_name          'PSI, Protein Structure Initiative' 
_pdbx_SG_project.full_name_of_center   'Southeast Collaboratory for Structural Genomics' 
_pdbx_SG_project.initial_of_center     SECSG 
# 
loop_
_pdbx_nonpoly_scheme.asym_id 
_pdbx_nonpoly_scheme.entity_id 
_pdbx_nonpoly_scheme.mon_id 
_pdbx_nonpoly_scheme.ndb_seq_num 
_pdbx_nonpoly_scheme.pdb_seq_num 
_pdbx_nonpoly_scheme.auth_seq_num 
_pdbx_nonpoly_scheme.pdb_mon_id 
_pdbx_nonpoly_scheme.auth_mon_id 
_pdbx_nonpoly_scheme.pdb_strand_id 
_pdbx_nonpoly_scheme.pdb_ins_code 
B 2 HOH 1  179 1  HOH HOH A . 
B 2 HOH 2  180 2  HOH HOH A . 
B 2 HOH 3  181 3  HOH HOH A . 
B 2 HOH 4  182 4  HOH HOH A . 
B 2 HOH 5  183 5  HOH HOH A . 
B 2 HOH 6  184 6  HOH HOH A . 
B 2 HOH 7  185 7  HOH HOH A . 
B 2 HOH 8  186 8  HOH HOH A . 
B 2 HOH 9  187 9  HOH HOH A . 
B 2 HOH 10 188 10 HOH HOH A . 
B 2 HOH 11 189 11 HOH HOH A . 
B 2 HOH 12 190 12 HOH HOH A . 
B 2 HOH 13 191 13 HOH HOH A . 
B 2 HOH 14 192 14 HOH HOH A . 
B 2 HOH 15 193 15 HOH HOH A . 
B 2 HOH 16 194 16 HOH HOH A . 
B 2 HOH 17 195 17 HOH HOH A . 
B 2 HOH 18 196 18 HOH HOH A . 
B 2 HOH 19 197 19 HOH HOH A . 
B 2 HOH 20 198 20 HOH HOH A . 
B 2 HOH 21 199 21 HOH HOH A . 
B 2 HOH 22 200 22 HOH HOH A . 
B 2 HOH 23 201 23 HOH HOH A . 
B 2 HOH 24 202 24 HOH HOH A . 
B 2 HOH 25 203 25 HOH HOH A . 
B 2 HOH 26 204 26 HOH HOH A . 
B 2 HOH 27 205 27 HOH HOH A . 
B 2 HOH 28 206 28 HOH HOH A . 
B 2 HOH 29 207 29 HOH HOH A . 
B 2 HOH 30 208 30 HOH HOH A . 
B 2 HOH 31 209 31 HOH HOH A . 
B 2 HOH 32 210 32 HOH HOH A . 
B 2 HOH 33 211 33 HOH HOH A . 
B 2 HOH 34 212 34 HOH HOH A . 
B 2 HOH 35 213 35 HOH HOH A . 
# 
loop_
_pdbx_struct_assembly.id 
_pdbx_struct_assembly.details 
_pdbx_struct_assembly.method_details 
_pdbx_struct_assembly.oligomeric_details 
_pdbx_struct_assembly.oligomeric_count 
1 author_defined_assembly   ?        monomeric 1 
2 software_defined_assembly PISA,PQS hexameric 6 
# 
loop_
_pdbx_struct_assembly_gen.assembly_id 
_pdbx_struct_assembly_gen.oper_expression 
_pdbx_struct_assembly_gen.asym_id_list 
1 1           A,B 
2 1,2,3,4,5,6 A,B 
# 
loop_
_pdbx_struct_assembly_prop.biol_id 
_pdbx_struct_assembly_prop.type 
_pdbx_struct_assembly_prop.value 
_pdbx_struct_assembly_prop.details 
2 'ABSA (A^2)' 14890 ? 
2 MORE         -93   ? 
2 'SSA (A^2)'  35260 ? 
# 
loop_
_pdbx_struct_oper_list.id 
_pdbx_struct_oper_list.type 
_pdbx_struct_oper_list.name 
_pdbx_struct_oper_list.symmetry_operation 
_pdbx_struct_oper_list.matrix[1][1] 
_pdbx_struct_oper_list.matrix[1][2] 
_pdbx_struct_oper_list.matrix[1][3] 
_pdbx_struct_oper_list.vector[1] 
_pdbx_struct_oper_list.matrix[2][1] 
_pdbx_struct_oper_list.matrix[2][2] 
_pdbx_struct_oper_list.matrix[2][3] 
_pdbx_struct_oper_list.vector[2] 
_pdbx_struct_oper_list.matrix[3][1] 
_pdbx_struct_oper_list.matrix[3][2] 
_pdbx_struct_oper_list.matrix[3][3] 
_pdbx_struct_oper_list.vector[3] 
1 'identity operation'         1_555  x,y,z                  1.0000000000  0.0000000000  0.0000000000  0.0000000000   0.0000000000  1.0000000000  0.0000000000  0.0000000000   0.0000000000  0.0000000000  1.0000000000  0.0000000000   
2 'crystal symmetry operation' 2_655  -y+1,x-y,z             -0.4925423015 -0.8700707736 0.0194661300  -32.4133414062 0.8398124439  -0.4693080071 0.2728828569  -4.5661708504  -0.2282917878 0.1507542486  0.9618503086  -1.6534996469  
3 'crystal symmetry operation' 3_665  -x+y+1,-x+1,z          -0.4925423015 0.8398124439  -0.2282917878 -12.5076950635 -0.8700707736 -0.4693080071 0.1507542486  -30.0955694752 0.0194661300  0.2728828569  0.9618503086  3.4674112089   
4 'crystal symmetry operation' 16_544 y+1/3,x-1/3,-z-1/3     -0.2609622901 -0.9464807476 0.1899286120  -27.7932503219 -0.9464807476 0.2121516852  -0.2432403276 -27.4660298021 0.1899286120  -0.2432403276 -0.9511893951 -28.7255737503 
5 'crystal symmetry operation' 17_554 x-y+1/3,-y+2/3,-z-1/3  -0.7096904851 0.6998792002  -0.0806754022 -15.3268446111 0.6998792002  0.6872712388  -0.1944925435 2.6460507558   -0.0806754022 -0.1944925435 -0.9775807537 -32.1983264717 
6 'crystal symmetry operation' 18_654 -x+4/3,-x+y+2/3,-z-1/3 0.9557373782  0.2768598771  0.0995724480  4.6142241208   0.2768598771  -0.9608069098 0.0140957656  -22.8559772482 0.0995724480  0.0140957656  -0.9949304684 -27.0788515040 
# 
loop_
_pdbx_struct_special_symmetry.id 
_pdbx_struct_special_symmetry.PDB_model_num 
_pdbx_struct_special_symmetry.auth_asym_id 
_pdbx_struct_special_symmetry.auth_comp_id 
_pdbx_struct_special_symmetry.auth_seq_id 
_pdbx_struct_special_symmetry.PDB_ins_code 
_pdbx_struct_special_symmetry.label_asym_id 
_pdbx_struct_special_symmetry.label_comp_id 
_pdbx_struct_special_symmetry.label_seq_id 
1 1 A HOH 208 ? B HOH . 
2 1 A HOH 213 ? B HOH . 
# 
loop_
_pdbx_audit_revision_history.ordinal 
_pdbx_audit_revision_history.data_content_type 
_pdbx_audit_revision_history.major_revision 
_pdbx_audit_revision_history.minor_revision 
_pdbx_audit_revision_history.revision_date 
1 'Structure model' 1 0 2004-11-23 
2 'Structure model' 1 1 2008-04-30 
3 'Structure model' 1 2 2011-07-13 
4 'Structure model' 1 3 2017-10-11 
5 'Structure model' 1 4 2023-08-23 
# 
_pdbx_audit_revision_details.ordinal             1 
_pdbx_audit_revision_details.revision_ordinal    1 
_pdbx_audit_revision_details.data_content_type   'Structure model' 
_pdbx_audit_revision_details.provider            repository 
_pdbx_audit_revision_details.type                'Initial release' 
_pdbx_audit_revision_details.description         ? 
_pdbx_audit_revision_details.details             ? 
# 
loop_
_pdbx_audit_revision_group.ordinal 
_pdbx_audit_revision_group.revision_ordinal 
_pdbx_audit_revision_group.data_content_type 
_pdbx_audit_revision_group.group 
1 2 'Structure model' 'Version format compliance' 
2 3 'Structure model' 'Derived calculations'      
3 3 'Structure model' 'Version format compliance' 
4 4 'Structure model' 'Refinement description'    
5 5 'Structure model' 'Data collection'           
6 5 'Structure model' 'Database references'       
7 5 'Structure model' 'Refinement description'    
# 
loop_
_pdbx_audit_revision_category.ordinal 
_pdbx_audit_revision_category.revision_ordinal 
_pdbx_audit_revision_category.data_content_type 
_pdbx_audit_revision_category.category 
1 4 'Structure model' software                      
2 5 'Structure model' chem_comp_atom                
3 5 'Structure model' chem_comp_bond                
4 5 'Structure model' database_2                    
5 5 'Structure model' pdbx_initial_refinement_model 
6 5 'Structure model' struct_ref_seq_dif            
# 
loop_
_pdbx_audit_revision_item.ordinal 
_pdbx_audit_revision_item.revision_ordinal 
_pdbx_audit_revision_item.data_content_type 
_pdbx_audit_revision_item.item 
1  4 'Structure model' '_software.classification'            
2  4 'Structure model' '_software.contact_author'            
3  4 'Structure model' '_software.contact_author_email'      
4  4 'Structure model' '_software.date'                      
5  4 'Structure model' '_software.language'                  
6  4 'Structure model' '_software.location'                  
7  4 'Structure model' '_software.name'                      
8  4 'Structure model' '_software.type'                      
9  4 'Structure model' '_software.version'                   
10 5 'Structure model' '_database_2.pdbx_DOI'                
11 5 'Structure model' '_database_2.pdbx_database_accession' 
12 5 'Structure model' '_struct_ref_seq_dif.details'         
# 
_pdbx_phasing_MR.entry_id                 1TWL 
_pdbx_phasing_MR.d_res_high_translation   3.000 
_pdbx_phasing_MR.d_res_low_translation    15.000 
# 
_phasing.method   MR 
# 
loop_
_software.name 
_software.version 
_software.date 
_software.type 
_software.contact_author 
_software.contact_author_email 
_software.classification 
_software.location 
_software.language 
_software.citation_id 
_software.pdbx_ordinal 
DENZO       .               ?          package 'Zbyszek Otwinowski' zbyszek@mix.swmed.edu    'data reduction'  
http://www.lnls.br/infra/linhasluz/denzo-hkl.htm      ?       ? 1 
SCALEPACK   .               ?          package 'Zbyszek Otwinowski' zbyszek@mix.swmed.edu    'data scaling'    
http://www.lnls.br/infra/linhasluz/denzo-hkl.htm      ?       ? 2 
EPMR        .               ?          program 'Charles R'          crk@agouron.com          phasing           
http://www.msg.ucsf.edu/local/programs/epmr/epmr.html ?       ? 3 
REFMAC      refmac_5.2.0003 24/04/2001 program 'Murshudov, G.N.'    ccp4@dl.ac.uk            refinement        
http://www.ccp4.ac.uk/main.html                       Fortran ? 4 
PDB_EXTRACT 1.0             02/20/2004 program H.Yang               sw-help@rcsb.rutgers.edu 'data extraction' 
http://pdb.rutgers.edu/software/                      C/C++   ? 5 
MAR345      .               ?          ?       ?                    ?                        'data collection' ? ?       ? 6 
# 
_pdbx_database_remark.id     300 
_pdbx_database_remark.text   
;BIOMOLECULE:
THIS ENTRY CONTAINS THE CRYSTALLOGRAPHIC ASYMMETRIC UNIT
WHICH CONSISTS OF 1 CHAIN. THE BIOLOGICAL UNIT IS UNKNOWN.
;
# 
loop_
_pdbx_validate_rmsd_angle.id 
_pdbx_validate_rmsd_angle.PDB_model_num 
_pdbx_validate_rmsd_angle.auth_atom_id_1 
_pdbx_validate_rmsd_angle.auth_asym_id_1 
_pdbx_validate_rmsd_angle.auth_comp_id_1 
_pdbx_validate_rmsd_angle.auth_seq_id_1 
_pdbx_validate_rmsd_angle.PDB_ins_code_1 
_pdbx_validate_rmsd_angle.label_alt_id_1 
_pdbx_validate_rmsd_angle.auth_atom_id_2 
_pdbx_validate_rmsd_angle.auth_asym_id_2 
_pdbx_validate_rmsd_angle.auth_comp_id_2 
_pdbx_validate_rmsd_angle.auth_seq_id_2 
_pdbx_validate_rmsd_angle.PDB_ins_code_2 
_pdbx_validate_rmsd_angle.label_alt_id_2 
_pdbx_validate_rmsd_angle.auth_atom_id_3 
_pdbx_validate_rmsd_angle.auth_asym_id_3 
_pdbx_validate_rmsd_angle.auth_comp_id_3 
_pdbx_validate_rmsd_angle.auth_seq_id_3 
_pdbx_validate_rmsd_angle.PDB_ins_code_3 
_pdbx_validate_rmsd_angle.label_alt_id_3 
_pdbx_validate_rmsd_angle.angle_value 
_pdbx_validate_rmsd_angle.angle_target_value 
_pdbx_validate_rmsd_angle.angle_deviation 
_pdbx_validate_rmsd_angle.angle_standard_deviation 
_pdbx_validate_rmsd_angle.linker_flag 
1 1 CB A ASP 34  ? ? CG A ASP 34  ? ? OD2 A ASP 34  ? ? 123.90 118.30 5.60 0.90 N 
2 1 CB A ASP 55  ? ? CG A ASP 55  ? ? OD2 A ASP 55  ? ? 123.74 118.30 5.44 0.90 N 
3 1 CB A ASP 68  ? ? CG A ASP 68  ? ? OD2 A ASP 68  ? ? 123.77 118.30 5.47 0.90 N 
4 1 CB A ASP 121 ? ? CG A ASP 121 ? ? OD2 A ASP 121 ? ? 124.96 118.30 6.66 0.90 N 
5 1 CB A ASP 124 ? ? CG A ASP 124 ? ? OD2 A ASP 124 ? ? 125.16 118.30 6.86 0.90 N 
# 
loop_
_pdbx_validate_torsion.id 
_pdbx_validate_torsion.PDB_model_num 
_pdbx_validate_torsion.auth_comp_id 
_pdbx_validate_torsion.auth_asym_id 
_pdbx_validate_torsion.auth_seq_id 
_pdbx_validate_torsion.PDB_ins_code 
_pdbx_validate_torsion.label_alt_id 
_pdbx_validate_torsion.phi 
_pdbx_validate_torsion.psi 
1 1 ASP A 12 ? ? -158.56 57.08 
2 1 LEU A 83 ? ? 81.98   14.86 
# 
loop_
_pdbx_unobs_or_zero_occ_atoms.id 
_pdbx_unobs_or_zero_occ_atoms.PDB_model_num 
_pdbx_unobs_or_zero_occ_atoms.polymer_flag 
_pdbx_unobs_or_zero_occ_atoms.occupancy_flag 
_pdbx_unobs_or_zero_occ_atoms.auth_asym_id 
_pdbx_unobs_or_zero_occ_atoms.auth_comp_id 
_pdbx_unobs_or_zero_occ_atoms.auth_seq_id 
_pdbx_unobs_or_zero_occ_atoms.PDB_ins_code 
_pdbx_unobs_or_zero_occ_atoms.auth_atom_id 
_pdbx_unobs_or_zero_occ_atoms.label_alt_id 
_pdbx_unobs_or_zero_occ_atoms.label_asym_id 
_pdbx_unobs_or_zero_occ_atoms.label_comp_id 
_pdbx_unobs_or_zero_occ_atoms.label_seq_id 
_pdbx_unobs_or_zero_occ_atoms.label_atom_id 
1  1 Y 1 A ASN 2   ? CG  ? A ASN 10  CG  
2  1 Y 1 A ASN 2   ? OD1 ? A ASN 10  OD1 
3  1 Y 1 A ASN 2   ? ND2 ? A ASN 10  ND2 
4  1 Y 1 A GLU 8   ? CB  ? A GLU 16  CB  
5  1 Y 1 A GLU 8   ? CG  ? A GLU 16  CG  
6  1 Y 1 A GLU 8   ? CD  ? A GLU 16  CD  
7  1 Y 1 A GLU 8   ? OE1 ? A GLU 16  OE1 
8  1 Y 1 A GLU 8   ? OE2 ? A GLU 16  OE2 
9  1 Y 1 A GLU 32  ? CG  ? A GLU 40  CG  
10 1 Y 1 A GLU 32  ? CD  ? A GLU 40  CD  
11 1 Y 1 A GLU 32  ? OE1 ? A GLU 40  OE1 
12 1 Y 1 A GLU 32  ? OE2 ? A GLU 40  OE2 
13 1 Y 1 A LYS 35  ? CG  ? A LYS 43  CG  
14 1 Y 1 A LYS 35  ? CD  ? A LYS 43  CD  
15 1 Y 1 A LYS 35  ? CE  ? A LYS 43  CE  
16 1 Y 1 A LYS 35  ? NZ  ? A LYS 43  NZ  
17 1 Y 1 A LYS 36  ? CG  ? A LYS 44  CG  
18 1 Y 1 A LYS 36  ? CD  ? A LYS 44  CD  
19 1 Y 1 A LYS 36  ? CE  ? A LYS 44  CE  
20 1 Y 1 A LYS 36  ? NZ  ? A LYS 44  NZ  
21 1 Y 1 A GLU 65  ? CG  ? A GLU 73  CG  
22 1 Y 1 A GLU 65  ? CD  ? A GLU 73  CD  
23 1 Y 1 A GLU 65  ? OE1 ? A GLU 73  OE1 
24 1 Y 1 A GLU 65  ? OE2 ? A GLU 73  OE2 
25 1 Y 1 A ASP 67  ? CG  ? A ASP 75  CG  
26 1 Y 1 A ASP 67  ? OD1 ? A ASP 75  OD1 
27 1 Y 1 A ASP 67  ? OD2 ? A ASP 75  OD2 
28 1 Y 1 A ASP 98  ? CG  ? A ASP 106 CG  
29 1 Y 1 A ASP 98  ? OD1 ? A ASP 106 OD1 
30 1 Y 1 A ASP 98  ? OD2 ? A ASP 106 OD2 
31 1 Y 1 A LYS 117 ? CG  ? A LYS 125 CG  
32 1 Y 1 A LYS 117 ? CD  ? A LYS 125 CD  
33 1 Y 1 A LYS 117 ? CE  ? A LYS 125 CE  
34 1 Y 1 A LYS 117 ? NZ  ? A LYS 125 NZ  
35 1 Y 1 A ASP 118 ? CG  ? A ASP 126 CG  
36 1 Y 1 A ASP 118 ? OD1 ? A ASP 126 OD1 
37 1 Y 1 A ASP 118 ? OD2 ? A ASP 126 OD2 
38 1 Y 1 A LYS 138 ? CD  ? A LYS 146 CD  
39 1 Y 1 A LYS 138 ? CE  ? A LYS 146 CE  
40 1 Y 1 A LYS 138 ? NZ  ? A LYS 146 NZ  
41 1 Y 1 A GLU 147 ? CG  ? A GLU 155 CG  
42 1 Y 1 A GLU 147 ? CD  ? A GLU 155 CD  
43 1 Y 1 A GLU 147 ? OE1 ? A GLU 155 OE1 
44 1 Y 1 A GLU 147 ? OE2 ? A GLU 155 OE2 
45 1 Y 1 A ILE 148 ? CG1 ? A ILE 156 CG1 
46 1 Y 1 A ILE 148 ? CG2 ? A ILE 156 CG2 
47 1 Y 1 A ILE 148 ? CD1 ? A ILE 156 CD1 
48 1 Y 1 A ILE 149 ? CG1 ? A ILE 157 CG1 
49 1 Y 1 A ILE 149 ? CG2 ? A ILE 157 CG2 
50 1 Y 1 A ILE 149 ? CD1 ? A ILE 157 CD1 
51 1 Y 1 A GLU 157 ? CD  ? A GLU 165 CD  
52 1 Y 1 A GLU 157 ? OE1 ? A GLU 165 OE1 
53 1 Y 1 A GLU 157 ? OE2 ? A GLU 165 OE2 
54 1 Y 1 A GLU 172 ? CG  ? A GLU 180 CG  
55 1 Y 1 A GLU 172 ? CD  ? A GLU 180 CD  
56 1 Y 1 A GLU 172 ? OE1 ? A GLU 180 OE1 
57 1 Y 1 A GLU 172 ? OE2 ? A GLU 180 OE2 
58 1 Y 1 A LYS 173 ? CG  ? A LYS 181 CG  
59 1 Y 1 A LYS 173 ? CD  ? A LYS 181 CD  
60 1 Y 1 A LYS 173 ? CE  ? A LYS 181 CE  
61 1 Y 1 A LYS 173 ? NZ  ? A LYS 181 NZ  
62 1 Y 1 A PHE 174 ? O   ? A PHE 182 O   
# 
loop_
_pdbx_unobs_or_zero_occ_residues.id 
_pdbx_unobs_or_zero_occ_residues.PDB_model_num 
_pdbx_unobs_or_zero_occ_residues.polymer_flag 
_pdbx_unobs_or_zero_occ_residues.occupancy_flag 
_pdbx_unobs_or_zero_occ_residues.auth_asym_id 
_pdbx_unobs_or_zero_occ_residues.auth_comp_id 
_pdbx_unobs_or_zero_occ_residues.auth_seq_id 
_pdbx_unobs_or_zero_occ_residues.PDB_ins_code 
_pdbx_unobs_or_zero_occ_residues.label_asym_id 
_pdbx_unobs_or_zero_occ_residues.label_comp_id 
_pdbx_unobs_or_zero_occ_residues.label_seq_id 
1  1 Y 1 A ALA -7  ? A ALA 1   
2  1 Y 1 A HIS -6  ? A HIS 2   
3  1 Y 1 A HIS -5  ? A HIS 3   
4  1 Y 1 A HIS -4  ? A HIS 4   
5  1 Y 1 A HIS -3  ? A HIS 5   
6  1 Y 1 A HIS -2  ? A HIS 6   
7  1 Y 1 A HIS -1  ? A HIS 7   
8  1 Y 1 A GLY 0   ? A GLY 8   
9  1 Y 1 A SER 1   ? A SER 9   
10 1 Y 1 A ASP 66  ? A ASP 74  
11 1 Y 1 A GLY 175 ? A GLY 183 
12 1 Y 1 A LYS 176 ? A LYS 184 
13 1 Y 1 A LYS 177 ? A LYS 185 
14 1 Y 1 A GLU 178 ? A GLU 186 
# 
loop_
_chem_comp_atom.comp_id 
_chem_comp_atom.atom_id 
_chem_comp_atom.type_symbol 
_chem_comp_atom.pdbx_aromatic_flag 
_chem_comp_atom.pdbx_stereo_config 
_chem_comp_atom.pdbx_ordinal 
ALA N    N N N 1   
ALA CA   C N S 2   
ALA C    C N N 3   
ALA O    O N N 4   
ALA CB   C N N 5   
ALA OXT  O N N 6   
ALA H    H N N 7   
ALA H2   H N N 8   
ALA HA   H N N 9   
ALA HB1  H N N 10  
ALA HB2  H N N 11  
ALA HB3  H N N 12  
ALA HXT  H N N 13  
ARG N    N N N 14  
ARG CA   C N S 15  
ARG C    C N N 16  
ARG O    O N N 17  
ARG CB   C N N 18  
ARG CG   C N N 19  
ARG CD   C N N 20  
ARG NE   N N N 21  
ARG CZ   C N N 22  
ARG NH1  N N N 23  
ARG NH2  N N N 24  
ARG OXT  O N N 25  
ARG H    H N N 26  
ARG H2   H N N 27  
ARG HA   H N N 28  
ARG HB2  H N N 29  
ARG HB3  H N N 30  
ARG HG2  H N N 31  
ARG HG3  H N N 32  
ARG HD2  H N N 33  
ARG HD3  H N N 34  
ARG HE   H N N 35  
ARG HH11 H N N 36  
ARG HH12 H N N 37  
ARG HH21 H N N 38  
ARG HH22 H N N 39  
ARG HXT  H N N 40  
ASN N    N N N 41  
ASN CA   C N S 42  
ASN C    C N N 43  
ASN O    O N N 44  
ASN CB   C N N 45  
ASN CG   C N N 46  
ASN OD1  O N N 47  
ASN ND2  N N N 48  
ASN OXT  O N N 49  
ASN H    H N N 50  
ASN H2   H N N 51  
ASN HA   H N N 52  
ASN HB2  H N N 53  
ASN HB3  H N N 54  
ASN HD21 H N N 55  
ASN HD22 H N N 56  
ASN HXT  H N N 57  
ASP N    N N N 58  
ASP CA   C N S 59  
ASP C    C N N 60  
ASP O    O N N 61  
ASP CB   C N N 62  
ASP CG   C N N 63  
ASP OD1  O N N 64  
ASP OD2  O N N 65  
ASP OXT  O N N 66  
ASP H    H N N 67  
ASP H2   H N N 68  
ASP HA   H N N 69  
ASP HB2  H N N 70  
ASP HB3  H N N 71  
ASP HD2  H N N 72  
ASP HXT  H N N 73  
GLN N    N N N 74  
GLN CA   C N S 75  
GLN C    C N N 76  
GLN O    O N N 77  
GLN CB   C N N 78  
GLN CG   C N N 79  
GLN CD   C N N 80  
GLN OE1  O N N 81  
GLN NE2  N N N 82  
GLN OXT  O N N 83  
GLN H    H N N 84  
GLN H2   H N N 85  
GLN HA   H N N 86  
GLN HB2  H N N 87  
GLN HB3  H N N 88  
GLN HG2  H N N 89  
GLN HG3  H N N 90  
GLN HE21 H N N 91  
GLN HE22 H N N 92  
GLN HXT  H N N 93  
GLU N    N N N 94  
GLU CA   C N S 95  
GLU C    C N N 96  
GLU O    O N N 97  
GLU CB   C N N 98  
GLU CG   C N N 99  
GLU CD   C N N 100 
GLU OE1  O N N 101 
GLU OE2  O N N 102 
GLU OXT  O N N 103 
GLU H    H N N 104 
GLU H2   H N N 105 
GLU HA   H N N 106 
GLU HB2  H N N 107 
GLU HB3  H N N 108 
GLU HG2  H N N 109 
GLU HG3  H N N 110 
GLU HE2  H N N 111 
GLU HXT  H N N 112 
GLY N    N N N 113 
GLY CA   C N N 114 
GLY C    C N N 115 
GLY O    O N N 116 
GLY OXT  O N N 117 
GLY H    H N N 118 
GLY H2   H N N 119 
GLY HA2  H N N 120 
GLY HA3  H N N 121 
GLY HXT  H N N 122 
HIS N    N N N 123 
HIS CA   C N S 124 
HIS C    C N N 125 
HIS O    O N N 126 
HIS CB   C N N 127 
HIS CG   C Y N 128 
HIS ND1  N Y N 129 
HIS CD2  C Y N 130 
HIS CE1  C Y N 131 
HIS NE2  N Y N 132 
HIS OXT  O N N 133 
HIS H    H N N 134 
HIS H2   H N N 135 
HIS HA   H N N 136 
HIS HB2  H N N 137 
HIS HB3  H N N 138 
HIS HD1  H N N 139 
HIS HD2  H N N 140 
HIS HE1  H N N 141 
HIS HE2  H N N 142 
HIS HXT  H N N 143 
HOH O    O N N 144 
HOH H1   H N N 145 
HOH H2   H N N 146 
ILE N    N N N 147 
ILE CA   C N S 148 
ILE C    C N N 149 
ILE O    O N N 150 
ILE CB   C N S 151 
ILE CG1  C N N 152 
ILE CG2  C N N 153 
ILE CD1  C N N 154 
ILE OXT  O N N 155 
ILE H    H N N 156 
ILE H2   H N N 157 
ILE HA   H N N 158 
ILE HB   H N N 159 
ILE HG12 H N N 160 
ILE HG13 H N N 161 
ILE HG21 H N N 162 
ILE HG22 H N N 163 
ILE HG23 H N N 164 
ILE HD11 H N N 165 
ILE HD12 H N N 166 
ILE HD13 H N N 167 
ILE HXT  H N N 168 
LEU N    N N N 169 
LEU CA   C N S 170 
LEU C    C N N 171 
LEU O    O N N 172 
LEU CB   C N N 173 
LEU CG   C N N 174 
LEU CD1  C N N 175 
LEU CD2  C N N 176 
LEU OXT  O N N 177 
LEU H    H N N 178 
LEU H2   H N N 179 
LEU HA   H N N 180 
LEU HB2  H N N 181 
LEU HB3  H N N 182 
LEU HG   H N N 183 
LEU HD11 H N N 184 
LEU HD12 H N N 185 
LEU HD13 H N N 186 
LEU HD21 H N N 187 
LEU HD22 H N N 188 
LEU HD23 H N N 189 
LEU HXT  H N N 190 
LYS N    N N N 191 
LYS CA   C N S 192 
LYS C    C N N 193 
LYS O    O N N 194 
LYS CB   C N N 195 
LYS CG   C N N 196 
LYS CD   C N N 197 
LYS CE   C N N 198 
LYS NZ   N N N 199 
LYS OXT  O N N 200 
LYS H    H N N 201 
LYS H2   H N N 202 
LYS HA   H N N 203 
LYS HB2  H N N 204 
LYS HB3  H N N 205 
LYS HG2  H N N 206 
LYS HG3  H N N 207 
LYS HD2  H N N 208 
LYS HD3  H N N 209 
LYS HE2  H N N 210 
LYS HE3  H N N 211 
LYS HZ1  H N N 212 
LYS HZ2  H N N 213 
LYS HZ3  H N N 214 
LYS HXT  H N N 215 
MET N    N N N 216 
MET CA   C N S 217 
MET C    C N N 218 
MET O    O N N 219 
MET CB   C N N 220 
MET CG   C N N 221 
MET SD   S N N 222 
MET CE   C N N 223 
MET OXT  O N N 224 
MET H    H N N 225 
MET H2   H N N 226 
MET HA   H N N 227 
MET HB2  H N N 228 
MET HB3  H N N 229 
MET HG2  H N N 230 
MET HG3  H N N 231 
MET HE1  H N N 232 
MET HE2  H N N 233 
MET HE3  H N N 234 
MET HXT  H N N 235 
PHE N    N N N 236 
PHE CA   C N S 237 
PHE C    C N N 238 
PHE O    O N N 239 
PHE CB   C N N 240 
PHE CG   C Y N 241 
PHE CD1  C Y N 242 
PHE CD2  C Y N 243 
PHE CE1  C Y N 244 
PHE CE2  C Y N 245 
PHE CZ   C Y N 246 
PHE OXT  O N N 247 
PHE H    H N N 248 
PHE H2   H N N 249 
PHE HA   H N N 250 
PHE HB2  H N N 251 
PHE HB3  H N N 252 
PHE HD1  H N N 253 
PHE HD2  H N N 254 
PHE HE1  H N N 255 
PHE HE2  H N N 256 
PHE HZ   H N N 257 
PHE HXT  H N N 258 
PRO N    N N N 259 
PRO CA   C N S 260 
PRO C    C N N 261 
PRO O    O N N 262 
PRO CB   C N N 263 
PRO CG   C N N 264 
PRO CD   C N N 265 
PRO OXT  O N N 266 
PRO H    H N N 267 
PRO HA   H N N 268 
PRO HB2  H N N 269 
PRO HB3  H N N 270 
PRO HG2  H N N 271 
PRO HG3  H N N 272 
PRO HD2  H N N 273 
PRO HD3  H N N 274 
PRO HXT  H N N 275 
SER N    N N N 276 
SER CA   C N S 277 
SER C    C N N 278 
SER O    O N N 279 
SER CB   C N N 280 
SER OG   O N N 281 
SER OXT  O N N 282 
SER H    H N N 283 
SER H2   H N N 284 
SER HA   H N N 285 
SER HB2  H N N 286 
SER HB3  H N N 287 
SER HG   H N N 288 
SER HXT  H N N 289 
THR N    N N N 290 
THR CA   C N S 291 
THR C    C N N 292 
THR O    O N N 293 
THR CB   C N R 294 
THR OG1  O N N 295 
THR CG2  C N N 296 
THR OXT  O N N 297 
THR H    H N N 298 
THR H2   H N N 299 
THR HA   H N N 300 
THR HB   H N N 301 
THR HG1  H N N 302 
THR HG21 H N N 303 
THR HG22 H N N 304 
THR HG23 H N N 305 
THR HXT  H N N 306 
TRP N    N N N 307 
TRP CA   C N S 308 
TRP C    C N N 309 
TRP O    O N N 310 
TRP CB   C N N 311 
TRP CG   C Y N 312 
TRP CD1  C Y N 313 
TRP CD2  C Y N 314 
TRP NE1  N Y N 315 
TRP CE2  C Y N 316 
TRP CE3  C Y N 317 
TRP CZ2  C Y N 318 
TRP CZ3  C Y N 319 
TRP CH2  C Y N 320 
TRP OXT  O N N 321 
TRP H    H N N 322 
TRP H2   H N N 323 
TRP HA   H N N 324 
TRP HB2  H N N 325 
TRP HB3  H N N 326 
TRP HD1  H N N 327 
TRP HE1  H N N 328 
TRP HE3  H N N 329 
TRP HZ2  H N N 330 
TRP HZ3  H N N 331 
TRP HH2  H N N 332 
TRP HXT  H N N 333 
TYR N    N N N 334 
TYR CA   C N S 335 
TYR C    C N N 336 
TYR O    O N N 337 
TYR CB   C N N 338 
TYR CG   C Y N 339 
TYR CD1  C Y N 340 
TYR CD2  C Y N 341 
TYR CE1  C Y N 342 
TYR CE2  C Y N 343 
TYR CZ   C Y N 344 
TYR OH   O N N 345 
TYR OXT  O N N 346 
TYR H    H N N 347 
TYR H2   H N N 348 
TYR HA   H N N 349 
TYR HB2  H N N 350 
TYR HB3  H N N 351 
TYR HD1  H N N 352 
TYR HD2  H N N 353 
TYR HE1  H N N 354 
TYR HE2  H N N 355 
TYR HH   H N N 356 
TYR HXT  H N N 357 
VAL N    N N N 358 
VAL CA   C N S 359 
VAL C    C N N 360 
VAL O    O N N 361 
VAL CB   C N N 362 
VAL CG1  C N N 363 
VAL CG2  C N N 364 
VAL OXT  O N N 365 
VAL H    H N N 366 
VAL H2   H N N 367 
VAL HA   H N N 368 
VAL HB   H N N 369 
VAL HG11 H N N 370 
VAL HG12 H N N 371 
VAL HG13 H N N 372 
VAL HG21 H N N 373 
VAL HG22 H N N 374 
VAL HG23 H N N 375 
VAL HXT  H N N 376 
# 
loop_
_chem_comp_bond.comp_id 
_chem_comp_bond.atom_id_1 
_chem_comp_bond.atom_id_2 
_chem_comp_bond.value_order 
_chem_comp_bond.pdbx_aromatic_flag 
_chem_comp_bond.pdbx_stereo_config 
_chem_comp_bond.pdbx_ordinal 
ALA N   CA   sing N N 1   
ALA N   H    sing N N 2   
ALA N   H2   sing N N 3   
ALA CA  C    sing N N 4   
ALA CA  CB   sing N N 5   
ALA CA  HA   sing N N 6   
ALA C   O    doub N N 7   
ALA C   OXT  sing N N 8   
ALA CB  HB1  sing N N 9   
ALA CB  HB2  sing N N 10  
ALA CB  HB3  sing N N 11  
ALA OXT HXT  sing N N 12  
ARG N   CA   sing N N 13  
ARG N   H    sing N N 14  
ARG N   H2   sing N N 15  
ARG CA  C    sing N N 16  
ARG CA  CB   sing N N 17  
ARG CA  HA   sing N N 18  
ARG C   O    doub N N 19  
ARG C   OXT  sing N N 20  
ARG CB  CG   sing N N 21  
ARG CB  HB2  sing N N 22  
ARG CB  HB3  sing N N 23  
ARG CG  CD   sing N N 24  
ARG CG  HG2  sing N N 25  
ARG CG  HG3  sing N N 26  
ARG CD  NE   sing N N 27  
ARG CD  HD2  sing N N 28  
ARG CD  HD3  sing N N 29  
ARG NE  CZ   sing N N 30  
ARG NE  HE   sing N N 31  
ARG CZ  NH1  sing N N 32  
ARG CZ  NH2  doub N N 33  
ARG NH1 HH11 sing N N 34  
ARG NH1 HH12 sing N N 35  
ARG NH2 HH21 sing N N 36  
ARG NH2 HH22 sing N N 37  
ARG OXT HXT  sing N N 38  
ASN N   CA   sing N N 39  
ASN N   H    sing N N 40  
ASN N   H2   sing N N 41  
ASN CA  C    sing N N 42  
ASN CA  CB   sing N N 43  
ASN CA  HA   sing N N 44  
ASN C   O    doub N N 45  
ASN C   OXT  sing N N 46  
ASN CB  CG   sing N N 47  
ASN CB  HB2  sing N N 48  
ASN CB  HB3  sing N N 49  
ASN CG  OD1  doub N N 50  
ASN CG  ND2  sing N N 51  
ASN ND2 HD21 sing N N 52  
ASN ND2 HD22 sing N N 53  
ASN OXT HXT  sing N N 54  
ASP N   CA   sing N N 55  
ASP N   H    sing N N 56  
ASP N   H2   sing N N 57  
ASP CA  C    sing N N 58  
ASP CA  CB   sing N N 59  
ASP CA  HA   sing N N 60  
ASP C   O    doub N N 61  
ASP C   OXT  sing N N 62  
ASP CB  CG   sing N N 63  
ASP CB  HB2  sing N N 64  
ASP CB  HB3  sing N N 65  
ASP CG  OD1  doub N N 66  
ASP CG  OD2  sing N N 67  
ASP OD2 HD2  sing N N 68  
ASP OXT HXT  sing N N 69  
GLN N   CA   sing N N 70  
GLN N   H    sing N N 71  
GLN N   H2   sing N N 72  
GLN CA  C    sing N N 73  
GLN CA  CB   sing N N 74  
GLN CA  HA   sing N N 75  
GLN C   O    doub N N 76  
GLN C   OXT  sing N N 77  
GLN CB  CG   sing N N 78  
GLN CB  HB2  sing N N 79  
GLN CB  HB3  sing N N 80  
GLN CG  CD   sing N N 81  
GLN CG  HG2  sing N N 82  
GLN CG  HG3  sing N N 83  
GLN CD  OE1  doub N N 84  
GLN CD  NE2  sing N N 85  
GLN NE2 HE21 sing N N 86  
GLN NE2 HE22 sing N N 87  
GLN OXT HXT  sing N N 88  
GLU N   CA   sing N N 89  
GLU N   H    sing N N 90  
GLU N   H2   sing N N 91  
GLU CA  C    sing N N 92  
GLU CA  CB   sing N N 93  
GLU CA  HA   sing N N 94  
GLU C   O    doub N N 95  
GLU C   OXT  sing N N 96  
GLU CB  CG   sing N N 97  
GLU CB  HB2  sing N N 98  
GLU CB  HB3  sing N N 99  
GLU CG  CD   sing N N 100 
GLU CG  HG2  sing N N 101 
GLU CG  HG3  sing N N 102 
GLU CD  OE1  doub N N 103 
GLU CD  OE2  sing N N 104 
GLU OE2 HE2  sing N N 105 
GLU OXT HXT  sing N N 106 
GLY N   CA   sing N N 107 
GLY N   H    sing N N 108 
GLY N   H2   sing N N 109 
GLY CA  C    sing N N 110 
GLY CA  HA2  sing N N 111 
GLY CA  HA3  sing N N 112 
GLY C   O    doub N N 113 
GLY C   OXT  sing N N 114 
GLY OXT HXT  sing N N 115 
HIS N   CA   sing N N 116 
HIS N   H    sing N N 117 
HIS N   H2   sing N N 118 
HIS CA  C    sing N N 119 
HIS CA  CB   sing N N 120 
HIS CA  HA   sing N N 121 
HIS C   O    doub N N 122 
HIS C   OXT  sing N N 123 
HIS CB  CG   sing N N 124 
HIS CB  HB2  sing N N 125 
HIS CB  HB3  sing N N 126 
HIS CG  ND1  sing Y N 127 
HIS CG  CD2  doub Y N 128 
HIS ND1 CE1  doub Y N 129 
HIS ND1 HD1  sing N N 130 
HIS CD2 NE2  sing Y N 131 
HIS CD2 HD2  sing N N 132 
HIS CE1 NE2  sing Y N 133 
HIS CE1 HE1  sing N N 134 
HIS NE2 HE2  sing N N 135 
HIS OXT HXT  sing N N 136 
HOH O   H1   sing N N 137 
HOH O   H2   sing N N 138 
ILE N   CA   sing N N 139 
ILE N   H    sing N N 140 
ILE N   H2   sing N N 141 
ILE CA  C    sing N N 142 
ILE CA  CB   sing N N 143 
ILE CA  HA   sing N N 144 
ILE C   O    doub N N 145 
ILE C   OXT  sing N N 146 
ILE CB  CG1  sing N N 147 
ILE CB  CG2  sing N N 148 
ILE CB  HB   sing N N 149 
ILE CG1 CD1  sing N N 150 
ILE CG1 HG12 sing N N 151 
ILE CG1 HG13 sing N N 152 
ILE CG2 HG21 sing N N 153 
ILE CG2 HG22 sing N N 154 
ILE CG2 HG23 sing N N 155 
ILE CD1 HD11 sing N N 156 
ILE CD1 HD12 sing N N 157 
ILE CD1 HD13 sing N N 158 
ILE OXT HXT  sing N N 159 
LEU N   CA   sing N N 160 
LEU N   H    sing N N 161 
LEU N   H2   sing N N 162 
LEU CA  C    sing N N 163 
LEU CA  CB   sing N N 164 
LEU CA  HA   sing N N 165 
LEU C   O    doub N N 166 
LEU C   OXT  sing N N 167 
LEU CB  CG   sing N N 168 
LEU CB  HB2  sing N N 169 
LEU CB  HB3  sing N N 170 
LEU CG  CD1  sing N N 171 
LEU CG  CD2  sing N N 172 
LEU CG  HG   sing N N 173 
LEU CD1 HD11 sing N N 174 
LEU CD1 HD12 sing N N 175 
LEU CD1 HD13 sing N N 176 
LEU CD2 HD21 sing N N 177 
LEU CD2 HD22 sing N N 178 
LEU CD2 HD23 sing N N 179 
LEU OXT HXT  sing N N 180 
LYS N   CA   sing N N 181 
LYS N   H    sing N N 182 
LYS N   H2   sing N N 183 
LYS CA  C    sing N N 184 
LYS CA  CB   sing N N 185 
LYS CA  HA   sing N N 186 
LYS C   O    doub N N 187 
LYS C   OXT  sing N N 188 
LYS CB  CG   sing N N 189 
LYS CB  HB2  sing N N 190 
LYS CB  HB3  sing N N 191 
LYS CG  CD   sing N N 192 
LYS CG  HG2  sing N N 193 
LYS CG  HG3  sing N N 194 
LYS CD  CE   sing N N 195 
LYS CD  HD2  sing N N 196 
LYS CD  HD3  sing N N 197 
LYS CE  NZ   sing N N 198 
LYS CE  HE2  sing N N 199 
LYS CE  HE3  sing N N 200 
LYS NZ  HZ1  sing N N 201 
LYS NZ  HZ2  sing N N 202 
LYS NZ  HZ3  sing N N 203 
LYS OXT HXT  sing N N 204 
MET N   CA   sing N N 205 
MET N   H    sing N N 206 
MET N   H2   sing N N 207 
MET CA  C    sing N N 208 
MET CA  CB   sing N N 209 
MET CA  HA   sing N N 210 
MET C   O    doub N N 211 
MET C   OXT  sing N N 212 
MET CB  CG   sing N N 213 
MET CB  HB2  sing N N 214 
MET CB  HB3  sing N N 215 
MET CG  SD   sing N N 216 
MET CG  HG2  sing N N 217 
MET CG  HG3  sing N N 218 
MET SD  CE   sing N N 219 
MET CE  HE1  sing N N 220 
MET CE  HE2  sing N N 221 
MET CE  HE3  sing N N 222 
MET OXT HXT  sing N N 223 
PHE N   CA   sing N N 224 
PHE N   H    sing N N 225 
PHE N   H2   sing N N 226 
PHE CA  C    sing N N 227 
PHE CA  CB   sing N N 228 
PHE CA  HA   sing N N 229 
PHE C   O    doub N N 230 
PHE C   OXT  sing N N 231 
PHE CB  CG   sing N N 232 
PHE CB  HB2  sing N N 233 
PHE CB  HB3  sing N N 234 
PHE CG  CD1  doub Y N 235 
PHE CG  CD2  sing Y N 236 
PHE CD1 CE1  sing Y N 237 
PHE CD1 HD1  sing N N 238 
PHE CD2 CE2  doub Y N 239 
PHE CD2 HD2  sing N N 240 
PHE CE1 CZ   doub Y N 241 
PHE CE1 HE1  sing N N 242 
PHE CE2 CZ   sing Y N 243 
PHE CE2 HE2  sing N N 244 
PHE CZ  HZ   sing N N 245 
PHE OXT HXT  sing N N 246 
PRO N   CA   sing N N 247 
PRO N   CD   sing N N 248 
PRO N   H    sing N N 249 
PRO CA  C    sing N N 250 
PRO CA  CB   sing N N 251 
PRO CA  HA   sing N N 252 
PRO C   O    doub N N 253 
PRO C   OXT  sing N N 254 
PRO CB  CG   sing N N 255 
PRO CB  HB2  sing N N 256 
PRO CB  HB3  sing N N 257 
PRO CG  CD   sing N N 258 
PRO CG  HG2  sing N N 259 
PRO CG  HG3  sing N N 260 
PRO CD  HD2  sing N N 261 
PRO CD  HD3  sing N N 262 
PRO OXT HXT  sing N N 263 
SER N   CA   sing N N 264 
SER N   H    sing N N 265 
SER N   H2   sing N N 266 
SER CA  C    sing N N 267 
SER CA  CB   sing N N 268 
SER CA  HA   sing N N 269 
SER C   O    doub N N 270 
SER C   OXT  sing N N 271 
SER CB  OG   sing N N 272 
SER CB  HB2  sing N N 273 
SER CB  HB3  sing N N 274 
SER OG  HG   sing N N 275 
SER OXT HXT  sing N N 276 
THR N   CA   sing N N 277 
THR N   H    sing N N 278 
THR N   H2   sing N N 279 
THR CA  C    sing N N 280 
THR CA  CB   sing N N 281 
THR CA  HA   sing N N 282 
THR C   O    doub N N 283 
THR C   OXT  sing N N 284 
THR CB  OG1  sing N N 285 
THR CB  CG2  sing N N 286 
THR CB  HB   sing N N 287 
THR OG1 HG1  sing N N 288 
THR CG2 HG21 sing N N 289 
THR CG2 HG22 sing N N 290 
THR CG2 HG23 sing N N 291 
THR OXT HXT  sing N N 292 
TRP N   CA   sing N N 293 
TRP N   H    sing N N 294 
TRP N   H2   sing N N 295 
TRP CA  C    sing N N 296 
TRP CA  CB   sing N N 297 
TRP CA  HA   sing N N 298 
TRP C   O    doub N N 299 
TRP C   OXT  sing N N 300 
TRP CB  CG   sing N N 301 
TRP CB  HB2  sing N N 302 
TRP CB  HB3  sing N N 303 
TRP CG  CD1  doub Y N 304 
TRP CG  CD2  sing Y N 305 
TRP CD1 NE1  sing Y N 306 
TRP CD1 HD1  sing N N 307 
TRP CD2 CE2  doub Y N 308 
TRP CD2 CE3  sing Y N 309 
TRP NE1 CE2  sing Y N 310 
TRP NE1 HE1  sing N N 311 
TRP CE2 CZ2  sing Y N 312 
TRP CE3 CZ3  doub Y N 313 
TRP CE3 HE3  sing N N 314 
TRP CZ2 CH2  doub Y N 315 
TRP CZ2 HZ2  sing N N 316 
TRP CZ3 CH2  sing Y N 317 
TRP CZ3 HZ3  sing N N 318 
TRP CH2 HH2  sing N N 319 
TRP OXT HXT  sing N N 320 
TYR N   CA   sing N N 321 
TYR N   H    sing N N 322 
TYR N   H2   sing N N 323 
TYR CA  C    sing N N 324 
TYR CA  CB   sing N N 325 
TYR CA  HA   sing N N 326 
TYR C   O    doub N N 327 
TYR C   OXT  sing N N 328 
TYR CB  CG   sing N N 329 
TYR CB  HB2  sing N N 330 
TYR CB  HB3  sing N N 331 
TYR CG  CD1  doub Y N 332 
TYR CG  CD2  sing Y N 333 
TYR CD1 CE1  sing Y N 334 
TYR CD1 HD1  sing N N 335 
TYR CD2 CE2  doub Y N 336 
TYR CD2 HD2  sing N N 337 
TYR CE1 CZ   doub Y N 338 
TYR CE1 HE1  sing N N 339 
TYR CE2 CZ   sing Y N 340 
TYR CE2 HE2  sing N N 341 
TYR CZ  OH   sing N N 342 
TYR OH  HH   sing N N 343 
TYR OXT HXT  sing N N 344 
VAL N   CA   sing N N 345 
VAL N   H    sing N N 346 
VAL N   H2   sing N N 347 
VAL CA  C    sing N N 348 
VAL CA  CB   sing N N 349 
VAL CA  HA   sing N N 350 
VAL C   O    doub N N 351 
VAL C   OXT  sing N N 352 
VAL CB  CG1  sing N N 353 
VAL CB  CG2  sing N N 354 
VAL CB  HB   sing N N 355 
VAL CG1 HG11 sing N N 356 
VAL CG1 HG12 sing N N 357 
VAL CG1 HG13 sing N N 358 
VAL CG2 HG21 sing N N 359 
VAL CG2 HG22 sing N N 360 
VAL CG2 HG23 sing N N 361 
VAL OXT HXT  sing N N 362 
# 
_pdbx_entity_nonpoly.entity_id   2 
_pdbx_entity_nonpoly.name        water 
_pdbx_entity_nonpoly.comp_id     HOH 
# 
_pdbx_initial_refinement_model.id               1 
_pdbx_initial_refinement_model.entity_id_list   ? 
_pdbx_initial_refinement_model.type             'experimental model' 
_pdbx_initial_refinement_model.source_name      PDB 
_pdbx_initial_refinement_model.accession_code   1UDE 
_pdbx_initial_refinement_model.details          'PDB ENTRY 1UDE' 
# 
